data_5Z2S
# 
_entry.id   5Z2S 
# 
_audit_conform.dict_name       mmcif_pdbx.dic 
_audit_conform.dict_version    5.380 
_audit_conform.dict_location   http://mmcif.pdb.org/dictionaries/ascii/mmcif_pdbx.dic 
# 
loop_
_database_2.database_id 
_database_2.database_code 
_database_2.pdbx_database_accession 
_database_2.pdbx_DOI 
PDB   5Z2S         pdb_00005z2s 10.2210/pdb5z2s/pdb 
WWPDB D_1300006375 ?            ?                   
# 
_pdbx_database_status.status_code                     REL 
_pdbx_database_status.status_code_sf                  REL 
_pdbx_database_status.status_code_mr                  ? 
_pdbx_database_status.entry_id                        5Z2S 
_pdbx_database_status.recvd_initial_deposition_date   2018-01-03 
_pdbx_database_status.SG_entry                        N 
_pdbx_database_status.deposit_site                    PDBJ 
_pdbx_database_status.process_site                    PDBJ 
_pdbx_database_status.status_code_cs                  ? 
_pdbx_database_status.methods_development_category    ? 
_pdbx_database_status.pdb_format_compatible           Y 
_pdbx_database_status.status_code_nmr_data            ? 
# 
loop_
_audit_author.name 
_audit_author.pdbx_ordinal 
_audit_author.identifier_ORCID 
'Dong, X.'  1  ? 
'Zhang, W.' 2  ? 
'Wu, H.'    3  ? 
'Huang, J.' 4  ? 
'Zhang, M.' 5  ? 
'Wang, P.'  6  ? 
'Zhang, H.' 7  ? 
'Chen, Z.'  8  ? 
'Chen, S.'  9  ? 
'Meng, G.'  10 ? 
# 
_citation.abstract                  ? 
_citation.abstract_id_CAS           ? 
_citation.book_id_ISBN              ? 
_citation.book_publisher            ? 
_citation.book_publisher_city       ? 
_citation.book_title                ? 
_citation.coordinate_linkage        ? 
_citation.country                   UK 
_citation.database_id_Medline       ? 
_citation.details                   ? 
_citation.id                        primary 
_citation.journal_abbrev            Leukemia 
_citation.journal_id_ASTM           ? 
_citation.journal_id_CSD            ? 
_citation.journal_id_ISSN           1476-5551 
_citation.journal_full              ? 
_citation.journal_issue             ? 
_citation.journal_volume            32 
_citation.language                  ? 
_citation.page_first                1466 
_citation.page_last                 1476 
_citation.title                     'Structural basis of DUX4/IGH-driven transactivation.' 
_citation.year                      2018 
_citation.database_id_CSD           ? 
_citation.pdbx_database_id_DOI      10.1038/s41375-018-0093-1 
_citation.pdbx_database_id_PubMed   29572508 
_citation.unpublished_flag          ? 
# 
loop_
_citation_author.citation_id 
_citation_author.name 
_citation_author.ordinal 
_citation_author.identifier_ORCID 
primary 'Dong, X.'   1  ? 
primary 'Zhang, W.'  2  ? 
primary 'Wu, H.'     3  ? 
primary 'Huang, J.'  4  ? 
primary 'Zhang, M.'  5  ? 
primary 'Wang, P.'   6  ? 
primary 'Zhang, H.'  7  ? 
primary 'Chen, Z.'   8  ? 
primary 'Chen, S.J.' 9  ? 
primary 'Meng, G.'   10 ? 
# 
_cell.angle_alpha                  90.00 
_cell.angle_alpha_esd              ? 
_cell.angle_beta                   90.00 
_cell.angle_beta_esd               ? 
_cell.angle_gamma                  90.00 
_cell.angle_gamma_esd              ? 
_cell.entry_id                     5Z2S 
_cell.details                      ? 
_cell.formula_units_Z              ? 
_cell.length_a                     25.150 
_cell.length_a_esd                 ? 
_cell.length_b                     25.390 
_cell.length_b_esd                 ? 
_cell.length_c                     72.570 
_cell.length_c_esd                 ? 
_cell.volume                       ? 
_cell.volume_esd                   ? 
_cell.Z_PDB                        4 
_cell.reciprocal_angle_alpha       ? 
_cell.reciprocal_angle_beta        ? 
_cell.reciprocal_angle_gamma       ? 
_cell.reciprocal_angle_alpha_esd   ? 
_cell.reciprocal_angle_beta_esd    ? 
_cell.reciprocal_angle_gamma_esd   ? 
_cell.reciprocal_length_a          ? 
_cell.reciprocal_length_b          ? 
_cell.reciprocal_length_c          ? 
_cell.reciprocal_length_a_esd      ? 
_cell.reciprocal_length_b_esd      ? 
_cell.reciprocal_length_c_esd      ? 
_cell.pdbx_unique_axis             ? 
# 
_symmetry.entry_id                         5Z2S 
_symmetry.cell_setting                     ? 
_symmetry.Int_Tables_number                19 
_symmetry.space_group_name_Hall            ? 
_symmetry.space_group_name_H-M             'P 21 21 21' 
_symmetry.pdbx_full_space_group_name_H-M   ? 
# 
loop_
_entity.id 
_entity.type 
_entity.src_method 
_entity.pdbx_description 
_entity.formula_weight 
_entity.pdbx_number_of_molecules 
_entity.pdbx_ec 
_entity.pdbx_mutation 
_entity.pdbx_fragment 
_entity.details 
1 polymer man 'Double homeobox protein 4' 6285.145 1   ? ? ? ? 
2 water   nat water                       18.015   108 ? ? ? ? 
# 
_entity_name_com.entity_id   1 
_entity_name_com.name        'Double homeobox protein 10' 
# 
_entity_poly.entity_id                      1 
_entity_poly.type                           'polypeptide(L)' 
_entity_poly.nstd_linkage                   no 
_entity_poly.nstd_monomer                   no 
_entity_poly.pdbx_seq_one_letter_code       GSHMAVTGSQTALLLRAFEKDRFPGIAAREELARETGLPESRIQIWFQNRRARHP 
_entity_poly.pdbx_seq_one_letter_code_can   GSHMAVTGSQTALLLRAFEKDRFPGIAAREELARETGLPESRIQIWFQNRRARHP 
_entity_poly.pdbx_strand_id                 A 
_entity_poly.pdbx_target_identifier         ? 
# 
loop_
_entity_poly_seq.entity_id 
_entity_poly_seq.num 
_entity_poly_seq.mon_id 
_entity_poly_seq.hetero 
1 1  GLY n 
1 2  SER n 
1 3  HIS n 
1 4  MET n 
1 5  ALA n 
1 6  VAL n 
1 7  THR n 
1 8  GLY n 
1 9  SER n 
1 10 GLN n 
1 11 THR n 
1 12 ALA n 
1 13 LEU n 
1 14 LEU n 
1 15 LEU n 
1 16 ARG n 
1 17 ALA n 
1 18 PHE n 
1 19 GLU n 
1 20 LYS n 
1 21 ASP n 
1 22 ARG n 
1 23 PHE n 
1 24 PRO n 
1 25 GLY n 
1 26 ILE n 
1 27 ALA n 
1 28 ALA n 
1 29 ARG n 
1 30 GLU n 
1 31 GLU n 
1 32 LEU n 
1 33 ALA n 
1 34 ARG n 
1 35 GLU n 
1 36 THR n 
1 37 GLY n 
1 38 LEU n 
1 39 PRO n 
1 40 GLU n 
1 41 SER n 
1 42 ARG n 
1 43 ILE n 
1 44 GLN n 
1 45 ILE n 
1 46 TRP n 
1 47 PHE n 
1 48 GLN n 
1 49 ASN n 
1 50 ARG n 
1 51 ARG n 
1 52 ALA n 
1 53 ARG n 
1 54 HIS n 
1 55 PRO n 
# 
_entity_src_gen.entity_id                          1 
_entity_src_gen.pdbx_src_id                        1 
_entity_src_gen.pdbx_alt_source_flag               sample 
_entity_src_gen.pdbx_seq_type                      'Biological sequence' 
_entity_src_gen.pdbx_beg_seq_num                   1 
_entity_src_gen.pdbx_end_seq_num                   55 
_entity_src_gen.gene_src_common_name               Human 
_entity_src_gen.gene_src_genus                     ? 
_entity_src_gen.pdbx_gene_src_gene                 'DUX4, DUX10' 
_entity_src_gen.gene_src_species                   ? 
_entity_src_gen.gene_src_strain                    ? 
_entity_src_gen.gene_src_tissue                    ? 
_entity_src_gen.gene_src_tissue_fraction           ? 
_entity_src_gen.gene_src_details                   ? 
_entity_src_gen.pdbx_gene_src_fragment             ? 
_entity_src_gen.pdbx_gene_src_scientific_name      'Homo sapiens' 
_entity_src_gen.pdbx_gene_src_ncbi_taxonomy_id     9606 
_entity_src_gen.pdbx_gene_src_variant              ? 
_entity_src_gen.pdbx_gene_src_cell_line            ? 
_entity_src_gen.pdbx_gene_src_atcc                 ? 
_entity_src_gen.pdbx_gene_src_organ                ? 
_entity_src_gen.pdbx_gene_src_organelle            ? 
_entity_src_gen.pdbx_gene_src_cell                 ? 
_entity_src_gen.pdbx_gene_src_cellular_location    ? 
_entity_src_gen.host_org_common_name               ? 
_entity_src_gen.pdbx_host_org_scientific_name      'Escherichia coli' 
_entity_src_gen.pdbx_host_org_ncbi_taxonomy_id     562 
_entity_src_gen.host_org_genus                     ? 
_entity_src_gen.pdbx_host_org_gene                 ? 
_entity_src_gen.pdbx_host_org_organ                ? 
_entity_src_gen.host_org_species                   ? 
_entity_src_gen.pdbx_host_org_tissue               ? 
_entity_src_gen.pdbx_host_org_tissue_fraction      ? 
_entity_src_gen.pdbx_host_org_strain               ? 
_entity_src_gen.pdbx_host_org_variant              ? 
_entity_src_gen.pdbx_host_org_cell_line            ? 
_entity_src_gen.pdbx_host_org_atcc                 ? 
_entity_src_gen.pdbx_host_org_culture_collection   ? 
_entity_src_gen.pdbx_host_org_cell                 ? 
_entity_src_gen.pdbx_host_org_organelle            ? 
_entity_src_gen.pdbx_host_org_cellular_location    ? 
_entity_src_gen.pdbx_host_org_vector_type          ? 
_entity_src_gen.pdbx_host_org_vector               ? 
_entity_src_gen.host_org_details                   ? 
_entity_src_gen.expression_system_id               ? 
_entity_src_gen.plasmid_name                       ? 
_entity_src_gen.plasmid_details                    ? 
_entity_src_gen.pdbx_description                   ? 
# 
_struct_ref.id                         1 
_struct_ref.db_name                    UNP 
_struct_ref.db_code                    DUX4_HUMAN 
_struct_ref.pdbx_db_accession          Q9UBX2 
_struct_ref.pdbx_db_isoform            ? 
_struct_ref.entity_id                  1 
_struct_ref.pdbx_seq_one_letter_code   AVTGSQTALLLRAFEKDRFPGIAAREELARETGLPESRIQIWFQNRRARHP 
_struct_ref.pdbx_align_begin           100 
# 
_struct_ref_seq.align_id                      1 
_struct_ref_seq.ref_id                        1 
_struct_ref_seq.pdbx_PDB_id_code              5Z2S 
_struct_ref_seq.pdbx_strand_id                A 
_struct_ref_seq.seq_align_beg                 5 
_struct_ref_seq.pdbx_seq_align_beg_ins_code   ? 
_struct_ref_seq.seq_align_end                 55 
_struct_ref_seq.pdbx_seq_align_end_ins_code   ? 
_struct_ref_seq.pdbx_db_accession             Q9UBX2 
_struct_ref_seq.db_align_beg                  100 
_struct_ref_seq.pdbx_db_align_beg_ins_code    ? 
_struct_ref_seq.db_align_end                  150 
_struct_ref_seq.pdbx_db_align_end_ins_code    ? 
_struct_ref_seq.pdbx_auth_seq_align_beg       5 
_struct_ref_seq.pdbx_auth_seq_align_end       55 
# 
loop_
_struct_ref_seq_dif.align_id 
_struct_ref_seq_dif.pdbx_pdb_id_code 
_struct_ref_seq_dif.mon_id 
_struct_ref_seq_dif.pdbx_pdb_strand_id 
_struct_ref_seq_dif.seq_num 
_struct_ref_seq_dif.pdbx_pdb_ins_code 
_struct_ref_seq_dif.pdbx_seq_db_name 
_struct_ref_seq_dif.pdbx_seq_db_accession_code 
_struct_ref_seq_dif.db_mon_id 
_struct_ref_seq_dif.pdbx_seq_db_seq_num 
_struct_ref_seq_dif.details 
_struct_ref_seq_dif.pdbx_auth_seq_num 
_struct_ref_seq_dif.pdbx_ordinal 
1 5Z2S GLY A 1 ? UNP Q9UBX2 ? ? 'expression tag' 1 1 
1 5Z2S SER A 2 ? UNP Q9UBX2 ? ? 'expression tag' 2 2 
1 5Z2S HIS A 3 ? UNP Q9UBX2 ? ? 'expression tag' 3 3 
1 5Z2S MET A 4 ? UNP Q9UBX2 ? ? 'expression tag' 4 4 
# 
loop_
_chem_comp.id 
_chem_comp.type 
_chem_comp.mon_nstd_flag 
_chem_comp.name 
_chem_comp.pdbx_synonyms 
_chem_comp.formula 
_chem_comp.formula_weight 
ALA 'L-peptide linking' y ALANINE         ? 'C3 H7 N O2'     89.093  
ARG 'L-peptide linking' y ARGININE        ? 'C6 H15 N4 O2 1' 175.209 
ASN 'L-peptide linking' y ASPARAGINE      ? 'C4 H8 N2 O3'    132.118 
ASP 'L-peptide linking' y 'ASPARTIC ACID' ? 'C4 H7 N O4'     133.103 
GLN 'L-peptide linking' y GLUTAMINE       ? 'C5 H10 N2 O3'   146.144 
GLU 'L-peptide linking' y 'GLUTAMIC ACID' ? 'C5 H9 N O4'     147.129 
GLY 'peptide linking'   y GLYCINE         ? 'C2 H5 N O2'     75.067  
HIS 'L-peptide linking' y HISTIDINE       ? 'C6 H10 N3 O2 1' 156.162 
HOH non-polymer         . WATER           ? 'H2 O'           18.015  
ILE 'L-peptide linking' y ISOLEUCINE      ? 'C6 H13 N O2'    131.173 
LEU 'L-peptide linking' y LEUCINE         ? 'C6 H13 N O2'    131.173 
LYS 'L-peptide linking' y LYSINE          ? 'C6 H15 N2 O2 1' 147.195 
MET 'L-peptide linking' y METHIONINE      ? 'C5 H11 N O2 S'  149.211 
PHE 'L-peptide linking' y PHENYLALANINE   ? 'C9 H11 N O2'    165.189 
PRO 'L-peptide linking' y PROLINE         ? 'C5 H9 N O2'     115.130 
SER 'L-peptide linking' y SERINE          ? 'C3 H7 N O3'     105.093 
THR 'L-peptide linking' y THREONINE       ? 'C4 H9 N O3'     119.119 
TRP 'L-peptide linking' y TRYPTOPHAN      ? 'C11 H12 N2 O2'  204.225 
VAL 'L-peptide linking' y VALINE          ? 'C5 H11 N O2'    117.146 
# 
_exptl.absorpt_coefficient_mu     ? 
_exptl.absorpt_correction_T_max   ? 
_exptl.absorpt_correction_T_min   ? 
_exptl.absorpt_correction_type    ? 
_exptl.absorpt_process_details    ? 
_exptl.entry_id                   5Z2S 
_exptl.crystals_number            1 
_exptl.details                    ? 
_exptl.method                     'X-RAY DIFFRACTION' 
_exptl.method_details             ? 
# 
_exptl_crystal.colour                      ? 
_exptl_crystal.density_diffrn              ? 
_exptl_crystal.density_Matthews            1.84 
_exptl_crystal.density_method              ? 
_exptl_crystal.density_percent_sol         33.27 
_exptl_crystal.description                 ? 
_exptl_crystal.F_000                       ? 
_exptl_crystal.id                          1 
_exptl_crystal.preparation                 ? 
_exptl_crystal.size_max                    ? 
_exptl_crystal.size_mid                    ? 
_exptl_crystal.size_min                    ? 
_exptl_crystal.size_rad                    ? 
_exptl_crystal.colour_lustre               ? 
_exptl_crystal.colour_modifier             ? 
_exptl_crystal.colour_primary              ? 
_exptl_crystal.density_meas                ? 
_exptl_crystal.density_meas_esd            ? 
_exptl_crystal.density_meas_gt             ? 
_exptl_crystal.density_meas_lt             ? 
_exptl_crystal.density_meas_temp           ? 
_exptl_crystal.density_meas_temp_esd       ? 
_exptl_crystal.density_meas_temp_gt        ? 
_exptl_crystal.density_meas_temp_lt        ? 
_exptl_crystal.pdbx_crystal_image_url      ? 
_exptl_crystal.pdbx_crystal_image_format   ? 
_exptl_crystal.pdbx_mosaicity              ? 
_exptl_crystal.pdbx_mosaicity_esd          ? 
# 
_exptl_crystal_grow.apparatus       ? 
_exptl_crystal_grow.atmosphere      ? 
_exptl_crystal_grow.crystal_id      1 
_exptl_crystal_grow.details         ? 
_exptl_crystal_grow.method          'VAPOR DIFFUSION, HANGING DROP' 
_exptl_crystal_grow.method_ref      ? 
_exptl_crystal_grow.pH              ? 
_exptl_crystal_grow.pressure        ? 
_exptl_crystal_grow.pressure_esd    ? 
_exptl_crystal_grow.seeding         ? 
_exptl_crystal_grow.seeding_ref     ? 
_exptl_crystal_grow.temp            273 
_exptl_crystal_grow.temp_details    ? 
_exptl_crystal_grow.temp_esd        ? 
_exptl_crystal_grow.time            ? 
_exptl_crystal_grow.pdbx_details    'PEG 4000' 
_exptl_crystal_grow.pdbx_pH_range   ? 
# 
_diffrn.ambient_environment    ? 
_diffrn.ambient_temp           100 
_diffrn.ambient_temp_details   ? 
_diffrn.ambient_temp_esd       ? 
_diffrn.crystal_id             1 
_diffrn.crystal_support        ? 
_diffrn.crystal_treatment      ? 
_diffrn.details                ? 
_diffrn.id                     1 
_diffrn.ambient_pressure       ? 
_diffrn.ambient_pressure_esd   ? 
_diffrn.ambient_pressure_gt    ? 
_diffrn.ambient_pressure_lt    ? 
_diffrn.ambient_temp_gt        ? 
_diffrn.ambient_temp_lt        ? 
# 
_diffrn_detector.details                      ? 
_diffrn_detector.detector                     CCD 
_diffrn_detector.diffrn_id                    1 
_diffrn_detector.type                         'MAR CCD 130 mm' 
_diffrn_detector.area_resol_mean              ? 
_diffrn_detector.dtime                        ? 
_diffrn_detector.pdbx_frames_total            ? 
_diffrn_detector.pdbx_collection_time_total   ? 
_diffrn_detector.pdbx_collection_date         2016-12-16 
# 
_diffrn_radiation.collimation                      ? 
_diffrn_radiation.diffrn_id                        1 
_diffrn_radiation.filter_edge                      ? 
_diffrn_radiation.inhomogeneity                    ? 
_diffrn_radiation.monochromator                    ? 
_diffrn_radiation.polarisn_norm                    ? 
_diffrn_radiation.polarisn_ratio                   ? 
_diffrn_radiation.probe                            ? 
_diffrn_radiation.type                             ? 
_diffrn_radiation.xray_symbol                      ? 
_diffrn_radiation.wavelength_id                    1 
_diffrn_radiation.pdbx_monochromatic_or_laue_m_l   M 
_diffrn_radiation.pdbx_wavelength_list             ? 
_diffrn_radiation.pdbx_wavelength                  ? 
_diffrn_radiation.pdbx_diffrn_protocol             'SINGLE WAVELENGTH' 
_diffrn_radiation.pdbx_analyzer                    ? 
_diffrn_radiation.pdbx_scattering_type             x-ray 
# 
_diffrn_radiation_wavelength.id           1 
_diffrn_radiation_wavelength.wavelength   0.9792 
_diffrn_radiation_wavelength.wt           1.0 
# 
_diffrn_source.current                     ? 
_diffrn_source.details                     ? 
_diffrn_source.diffrn_id                   1 
_diffrn_source.power                       ? 
_diffrn_source.size                        ? 
_diffrn_source.source                      SYNCHROTRON 
_diffrn_source.target                      ? 
_diffrn_source.type                        'SSRF BEAMLINE BL17U1' 
_diffrn_source.voltage                     ? 
_diffrn_source.take-off_angle              ? 
_diffrn_source.pdbx_wavelength_list        0.9792 
_diffrn_source.pdbx_wavelength             ? 
_diffrn_source.pdbx_synchrotron_beamline   BL17U1 
_diffrn_source.pdbx_synchrotron_site       SSRF 
# 
_reflns.B_iso_Wilson_estimate            ? 
_reflns.entry_id                         5Z2S 
_reflns.data_reduction_details           ? 
_reflns.data_reduction_method            ? 
_reflns.d_resolution_high                1.5 
_reflns.d_resolution_low                 36.3 
_reflns.details                          ? 
_reflns.limit_h_max                      ? 
_reflns.limit_h_min                      ? 
_reflns.limit_k_max                      ? 
_reflns.limit_k_min                      ? 
_reflns.limit_l_max                      ? 
_reflns.limit_l_min                      ? 
_reflns.number_all                       ? 
_reflns.number_obs                       7483 
_reflns.observed_criterion               ? 
_reflns.observed_criterion_F_max         ? 
_reflns.observed_criterion_F_min         ? 
_reflns.observed_criterion_I_max         ? 
_reflns.observed_criterion_I_min         ? 
_reflns.observed_criterion_sigma_F       ? 
_reflns.observed_criterion_sigma_I       ? 
_reflns.percent_possible_obs             100 
_reflns.R_free_details                   ? 
_reflns.Rmerge_F_all                     ? 
_reflns.Rmerge_F_obs                     ? 
_reflns.Friedel_coverage                 ? 
_reflns.number_gt                        ? 
_reflns.threshold_expression             ? 
_reflns.pdbx_redundancy                  6.3 
_reflns.pdbx_Rmerge_I_obs                ? 
_reflns.pdbx_Rmerge_I_all                ? 
_reflns.pdbx_Rsym_value                  ? 
_reflns.pdbx_netI_over_av_sigmaI         ? 
_reflns.pdbx_netI_over_sigmaI            19.2 
_reflns.pdbx_res_netI_over_av_sigmaI_2   ? 
_reflns.pdbx_res_netI_over_sigmaI_2      ? 
_reflns.pdbx_chi_squared                 ? 
_reflns.pdbx_scaling_rejects             ? 
_reflns.pdbx_d_res_high_opt              ? 
_reflns.pdbx_d_res_low_opt               ? 
_reflns.pdbx_d_res_opt_method            ? 
_reflns.phase_calculation_details        ? 
_reflns.pdbx_Rrim_I_all                  ? 
_reflns.pdbx_Rpim_I_all                  ? 
_reflns.pdbx_d_opt                       ? 
_reflns.pdbx_number_measured_all         ? 
_reflns.pdbx_diffrn_id                   1 
_reflns.pdbx_ordinal                     1 
_reflns.pdbx_CC_half                     ? 
_reflns.pdbx_R_split                     ? 
# 
_reflns_shell.d_res_high                  1.50 
_reflns_shell.d_res_low                   1.58 
_reflns_shell.meanI_over_sigI_all         ? 
_reflns_shell.meanI_over_sigI_obs         ? 
_reflns_shell.number_measured_all         ? 
_reflns_shell.number_measured_obs         ? 
_reflns_shell.number_possible             ? 
_reflns_shell.number_unique_all           ? 
_reflns_shell.number_unique_obs           ? 
_reflns_shell.percent_possible_all        ? 
_reflns_shell.percent_possible_obs        ? 
_reflns_shell.Rmerge_F_all                ? 
_reflns_shell.Rmerge_F_obs                ? 
_reflns_shell.Rmerge_I_all                ? 
_reflns_shell.Rmerge_I_obs                ? 
_reflns_shell.meanI_over_sigI_gt          ? 
_reflns_shell.meanI_over_uI_all           ? 
_reflns_shell.meanI_over_uI_gt            ? 
_reflns_shell.number_measured_gt          ? 
_reflns_shell.number_unique_gt            ? 
_reflns_shell.percent_possible_gt         ? 
_reflns_shell.Rmerge_F_gt                 ? 
_reflns_shell.Rmerge_I_gt                 ? 
_reflns_shell.pdbx_redundancy             ? 
_reflns_shell.pdbx_Rsym_value             ? 
_reflns_shell.pdbx_chi_squared            ? 
_reflns_shell.pdbx_netI_over_sigmaI_all   ? 
_reflns_shell.pdbx_netI_over_sigmaI_obs   ? 
_reflns_shell.pdbx_Rrim_I_all             ? 
_reflns_shell.pdbx_Rpim_I_all             ? 
_reflns_shell.pdbx_rejects                ? 
_reflns_shell.pdbx_ordinal                1 
_reflns_shell.pdbx_diffrn_id              1 
_reflns_shell.pdbx_CC_half                ? 
_reflns_shell.pdbx_R_split                ? 
# 
_refine.aniso_B[1][1]                            ? 
_refine.aniso_B[1][2]                            ? 
_refine.aniso_B[1][3]                            ? 
_refine.aniso_B[2][2]                            ? 
_refine.aniso_B[2][3]                            ? 
_refine.aniso_B[3][3]                            ? 
_refine.B_iso_max                                ? 
_refine.B_iso_mean                               ? 
_refine.B_iso_min                                ? 
_refine.correlation_coeff_Fo_to_Fc               ? 
_refine.correlation_coeff_Fo_to_Fc_free          ? 
_refine.details                                  ? 
_refine.diff_density_max                         ? 
_refine.diff_density_max_esd                     ? 
_refine.diff_density_min                         ? 
_refine.diff_density_min_esd                     ? 
_refine.diff_density_rms                         ? 
_refine.diff_density_rms_esd                     ? 
_refine.entry_id                                 5Z2S 
_refine.pdbx_refine_id                           'X-RAY DIFFRACTION' 
_refine.ls_abs_structure_details                 ? 
_refine.ls_abs_structure_Flack                   ? 
_refine.ls_abs_structure_Flack_esd               ? 
_refine.ls_abs_structure_Rogers                  ? 
_refine.ls_abs_structure_Rogers_esd              ? 
_refine.ls_d_res_high                            1.500 
_refine.ls_d_res_low                             23.966 
_refine.ls_extinction_coef                       ? 
_refine.ls_extinction_coef_esd                   ? 
_refine.ls_extinction_expression                 ? 
_refine.ls_extinction_method                     ? 
_refine.ls_goodness_of_fit_all                   ? 
_refine.ls_goodness_of_fit_all_esd               ? 
_refine.ls_goodness_of_fit_obs                   ? 
_refine.ls_goodness_of_fit_obs_esd               ? 
_refine.ls_hydrogen_treatment                    ? 
_refine.ls_matrix_type                           ? 
_refine.ls_number_constraints                    ? 
_refine.ls_number_parameters                     ? 
_refine.ls_number_reflns_all                     ? 
_refine.ls_number_reflns_obs                     7442 
_refine.ls_number_reflns_R_free                  361 
_refine.ls_number_reflns_R_work                  ? 
_refine.ls_number_restraints                     ? 
_refine.ls_percent_reflns_obs                    94.01 
_refine.ls_percent_reflns_R_free                 4.85 
_refine.ls_R_factor_all                          ? 
_refine.ls_R_factor_obs                          0.1900 
_refine.ls_R_factor_R_free                       0.2154 
_refine.ls_R_factor_R_free_error                 ? 
_refine.ls_R_factor_R_free_error_details         ? 
_refine.ls_R_factor_R_work                       0.1886 
_refine.ls_R_Fsqd_factor_obs                     ? 
_refine.ls_R_I_factor_obs                        ? 
_refine.ls_redundancy_reflns_all                 ? 
_refine.ls_redundancy_reflns_obs                 ? 
_refine.ls_restrained_S_all                      ? 
_refine.ls_restrained_S_obs                      ? 
_refine.ls_shift_over_esd_max                    ? 
_refine.ls_shift_over_esd_mean                   ? 
_refine.ls_structure_factor_coef                 ? 
_refine.ls_weighting_details                     ? 
_refine.ls_weighting_scheme                      ? 
_refine.ls_wR_factor_all                         ? 
_refine.ls_wR_factor_obs                         ? 
_refine.ls_wR_factor_R_free                      ? 
_refine.ls_wR_factor_R_work                      ? 
_refine.occupancy_max                            ? 
_refine.occupancy_min                            ? 
_refine.solvent_model_details                    ? 
_refine.solvent_model_param_bsol                 ? 
_refine.solvent_model_param_ksol                 ? 
_refine.ls_R_factor_gt                           ? 
_refine.ls_goodness_of_fit_gt                    ? 
_refine.ls_goodness_of_fit_ref                   ? 
_refine.ls_shift_over_su_max                     ? 
_refine.ls_shift_over_su_max_lt                  ? 
_refine.ls_shift_over_su_mean                    ? 
_refine.ls_shift_over_su_mean_lt                 ? 
_refine.pdbx_ls_sigma_I                          ? 
_refine.pdbx_ls_sigma_F                          1.52 
_refine.pdbx_ls_sigma_Fsqd                       ? 
_refine.pdbx_data_cutoff_high_absF               ? 
_refine.pdbx_data_cutoff_high_rms_absF           ? 
_refine.pdbx_data_cutoff_low_absF                ? 
_refine.pdbx_isotropic_thermal_model             ? 
_refine.pdbx_ls_cross_valid_method               'FREE R-VALUE' 
_refine.pdbx_method_to_determine_struct          'MOLECULAR REPLACEMENT' 
_refine.pdbx_starting_model                      3A02 
_refine.pdbx_stereochemistry_target_values       ? 
_refine.pdbx_R_Free_selection_details            ? 
_refine.pdbx_stereochem_target_val_spec_case     ? 
_refine.pdbx_overall_ESU_R                       ? 
_refine.pdbx_overall_ESU_R_Free                  ? 
_refine.pdbx_solvent_vdw_probe_radii             1.11 
_refine.pdbx_solvent_ion_probe_radii             ? 
_refine.pdbx_solvent_shrinkage_radii             0.90 
_refine.pdbx_real_space_R                        ? 
_refine.pdbx_density_correlation                 ? 
_refine.pdbx_pd_number_of_powder_patterns        ? 
_refine.pdbx_pd_number_of_points                 ? 
_refine.pdbx_pd_meas_number_of_points            ? 
_refine.pdbx_pd_proc_ls_prof_R_factor            ? 
_refine.pdbx_pd_proc_ls_prof_wR_factor           ? 
_refine.pdbx_pd_Marquardt_correlation_coeff      ? 
_refine.pdbx_pd_Fsqrd_R_factor                   ? 
_refine.pdbx_pd_ls_matrix_band_width             ? 
_refine.pdbx_overall_phase_error                 20.82 
_refine.pdbx_overall_SU_R_free_Cruickshank_DPI   ? 
_refine.pdbx_overall_SU_R_free_Blow_DPI          ? 
_refine.pdbx_overall_SU_R_Blow_DPI               ? 
_refine.pdbx_TLS_residual_ADP_flag               ? 
_refine.pdbx_diffrn_id                           1 
_refine.overall_SU_B                             ? 
_refine.overall_SU_ML                            0.15 
_refine.overall_SU_R_Cruickshank_DPI             ? 
_refine.overall_SU_R_free                        ? 
_refine.overall_FOM_free_R_set                   ? 
_refine.overall_FOM_work_R_set                   ? 
_refine.pdbx_average_fsc_overall                 ? 
_refine.pdbx_average_fsc_work                    ? 
_refine.pdbx_average_fsc_free                    ? 
# 
_refine_hist.pdbx_refine_id                   'X-RAY DIFFRACTION' 
_refine_hist.cycle_id                         LAST 
_refine_hist.pdbx_number_atoms_protein        407 
_refine_hist.pdbx_number_atoms_nucleic_acid   0 
_refine_hist.pdbx_number_atoms_ligand         0 
_refine_hist.number_atoms_solvent             108 
_refine_hist.number_atoms_total               515 
_refine_hist.d_res_high                       1.500 
_refine_hist.d_res_low                        23.966 
# 
loop_
_refine_ls_restr.pdbx_refine_id 
_refine_ls_restr.criterion 
_refine_ls_restr.dev_ideal 
_refine_ls_restr.dev_ideal_target 
_refine_ls_restr.number 
_refine_ls_restr.rejects 
_refine_ls_restr.type 
_refine_ls_restr.weight 
_refine_ls_restr.pdbx_restraint_function 
'X-RAY DIFFRACTION' ? 0.010  ? 414 ? f_bond_d           ? ? 
'X-RAY DIFFRACTION' ? 1.127  ? 556 ? f_angle_d          ? ? 
'X-RAY DIFFRACTION' ? 11.058 ? 253 ? f_dihedral_angle_d ? ? 
'X-RAY DIFFRACTION' ? 0.050  ? 59  ? f_chiral_restr     ? ? 
'X-RAY DIFFRACTION' ? 0.006  ? 74  ? f_plane_restr      ? ? 
# 
loop_
_refine_ls_shell.pdbx_refine_id 
_refine_ls_shell.d_res_high 
_refine_ls_shell.d_res_low 
_refine_ls_shell.number_reflns_all 
_refine_ls_shell.number_reflns_obs 
_refine_ls_shell.number_reflns_R_free 
_refine_ls_shell.number_reflns_R_work 
_refine_ls_shell.percent_reflns_obs 
_refine_ls_shell.percent_reflns_R_free 
_refine_ls_shell.R_factor_all 
_refine_ls_shell.R_factor_obs 
_refine_ls_shell.R_factor_R_free 
_refine_ls_shell.R_factor_R_free_error 
_refine_ls_shell.R_factor_R_work 
_refine_ls_shell.redundancy_reflns_all 
_refine_ls_shell.redundancy_reflns_obs 
_refine_ls_shell.wR_factor_all 
_refine_ls_shell.wR_factor_obs 
_refine_ls_shell.wR_factor_R_free 
_refine_ls_shell.wR_factor_R_work 
_refine_ls_shell.pdbx_total_number_of_bins_used 
_refine_ls_shell.pdbx_phase_error 
_refine_ls_shell.pdbx_fsc_work 
_refine_ls_shell.pdbx_fsc_free 
'X-RAY DIFFRACTION' 1.5000 1.58    . . 106 2458 100.00 . . . 0.2244 . 0.1754 . . . . . . . . . . 
'X-RAY DIFFRACTION' 1.7170 2.1630  . . 137 2472 100.00 . . . 0.1756 . 0.1830 . . . . . . . . . . 
'X-RAY DIFFRACTION' 2.1630 23.9686 . . 118 2151 83.00  . . . 0.2434 . 0.1991 . . . . . . . . . . 
# 
_struct.entry_id                     5Z2S 
_struct.title                        'Crystal structure of DUX4-HD2 domain' 
_struct.pdbx_model_details           ? 
_struct.pdbx_formula_weight          ? 
_struct.pdbx_formula_weight_method   ? 
_struct.pdbx_model_type_details      ? 
_struct.pdbx_CASP_flag               N 
# 
_struct_keywords.entry_id        5Z2S 
_struct_keywords.text            
'acute lymphoblastic leukemia, DUX4/IGH, DUX4-Responsive-Element, transactivation, ERGalt, DNA BINDING PROTEIN' 
_struct_keywords.pdbx_keywords   'DNA BINDING PROTEIN' 
# 
loop_
_struct_asym.id 
_struct_asym.pdbx_blank_PDB_chainid_flag 
_struct_asym.pdbx_modified 
_struct_asym.entity_id 
_struct_asym.details 
A N N 1 ? 
B N N 2 ? 
# 
loop_
_struct_conf.conf_type_id 
_struct_conf.id 
_struct_conf.pdbx_PDB_helix_id 
_struct_conf.beg_label_comp_id 
_struct_conf.beg_label_asym_id 
_struct_conf.beg_label_seq_id 
_struct_conf.pdbx_beg_PDB_ins_code 
_struct_conf.end_label_comp_id 
_struct_conf.end_label_asym_id 
_struct_conf.end_label_seq_id 
_struct_conf.pdbx_end_PDB_ins_code 
_struct_conf.beg_auth_comp_id 
_struct_conf.beg_auth_asym_id 
_struct_conf.beg_auth_seq_id 
_struct_conf.end_auth_comp_id 
_struct_conf.end_auth_asym_id 
_struct_conf.end_auth_seq_id 
_struct_conf.pdbx_PDB_helix_class 
_struct_conf.details 
_struct_conf.pdbx_PDB_helix_length 
HELX_P HELX_P1 AA1 THR A 7  ? GLU A 19 ? THR A 7  GLU A 19 1 ? 13 
HELX_P HELX_P2 AA2 GLY A 25 ? GLY A 37 ? GLY A 25 GLY A 37 1 ? 13 
HELX_P HELX_P3 AA3 PRO A 39 ? HIS A 54 ? PRO A 39 HIS A 54 1 ? 16 
# 
_struct_conf_type.id          HELX_P 
_struct_conf_type.criteria    ? 
_struct_conf_type.reference   ? 
# 
_atom_sites.entry_id                    5Z2S 
_atom_sites.fract_transf_matrix[1][1]   0.03688652 
_atom_sites.fract_transf_matrix[1][2]   0.00695030 
_atom_sites.fract_transf_matrix[1][3]   -0.01311546 
_atom_sites.fract_transf_matrix[2][1]   0.01153866 
_atom_sites.fract_transf_matrix[2][2]   -0.03499618 
_atom_sites.fract_transf_matrix[2][3]   0.01390625 
_atom_sites.fract_transf_matrix[3][1]   -0.00318834 
_atom_sites.fract_transf_matrix[3][2]   -0.00584530 
_atom_sites.fract_transf_matrix[3][3]   -0.01206463 
_atom_sites.fract_transf_vector[1]      0.404662 
_atom_sites.fract_transf_vector[2]      0.599590 
_atom_sites.fract_transf_vector[3]      -0.140655 
# 
loop_
_atom_type.symbol 
C 
H 
N 
O 
# 
loop_
_atom_site.group_PDB 
_atom_site.id 
_atom_site.type_symbol 
_atom_site.label_atom_id 
_atom_site.label_alt_id 
_atom_site.label_comp_id 
_atom_site.label_asym_id 
_atom_site.label_entity_id 
_atom_site.label_seq_id 
_atom_site.pdbx_PDB_ins_code 
_atom_site.Cartn_x 
_atom_site.Cartn_y 
_atom_site.Cartn_z 
_atom_site.occupancy 
_atom_site.B_iso_or_equiv 
_atom_site.pdbx_formal_charge 
_atom_site.auth_seq_id 
_atom_site.auth_comp_id 
_atom_site.auth_asym_id 
_atom_site.auth_atom_id 
_atom_site.pdbx_PDB_model_num 
ATOM   1   N N    . ALA A 1 5  ? -8.551  -5.813  -7.982  1.00 8.12  ? 5   ALA A N    1 
ATOM   2   C CA   . ALA A 1 5  ? -8.831  -5.671  -6.558  1.00 6.76  ? 5   ALA A CA   1 
ATOM   3   C C    . ALA A 1 5  ? -7.843  -6.418  -5.694  1.00 4.07  ? 5   ALA A C    1 
ATOM   4   O O    . ALA A 1 5  ? -7.289  -7.446  -6.076  1.00 6.74  ? 5   ALA A O    1 
ATOM   5   C CB   . ALA A 1 5  ? -10.249 -6.169  -6.233  1.00 7.69  ? 5   ALA A CB   1 
ATOM   6   H HA   . ALA A 1 5  ? -8.782  -4.731  -6.321  1.00 8.13  ? 5   ALA A HA   1 
ATOM   7   H HB1  . ALA A 1 5  ? -10.410 -6.065  -5.282  1.00 9.24  ? 5   ALA A HB1  1 
ATOM   8   H HB2  . ALA A 1 5  ? -10.891 -5.646  -6.737  1.00 9.24  ? 5   ALA A HB2  1 
ATOM   9   H HB3  . ALA A 1 5  ? -10.318 -7.105  -6.480  1.00 9.24  ? 5   ALA A HB3  1 
ATOM   10  N N    . VAL A 1 6  ? -7.630  -5.924  -4.492  1.00 3.76  ? 6   VAL A N    1 
ATOM   11  C CA   . VAL A 1 6  ? -6.803  -6.627  -3.528  1.00 5.68  ? 6   VAL A CA   1 
ATOM   12  C C    . VAL A 1 6  ? -7.680  -7.364  -2.511  1.00 6.46  ? 6   VAL A C    1 
ATOM   13  O O    . VAL A 1 6  ? -8.878  -7.099  -2.358  1.00 7.04  ? 6   VAL A O    1 
ATOM   14  C CB   . VAL A 1 6  ? -5.816  -5.658  -2.860  1.00 5.44  ? 6   VAL A CB   1 
ATOM   15  C CG1  . VAL A 1 6  ? -4.981  -4.913  -3.888  1.00 6.91  ? 6   VAL A CG1  1 
ATOM   16  C CG2  . VAL A 1 6  ? -6.524  -4.649  -1.981  1.00 8.46  ? 6   VAL A CG2  1 
ATOM   17  H H    . VAL A 1 6  ? -7.954  -5.181  -4.205  1.00 4.53  ? 6   VAL A H    1 
ATOM   18  H HA   . VAL A 1 6  ? -6.281  -7.295  -4.000  1.00 6.83  ? 6   VAL A HA   1 
ATOM   19  H HB   . VAL A 1 6  ? -5.211  -6.166  -2.298  1.00 6.54  ? 6   VAL A HB   1 
ATOM   20  H HG11 . VAL A 1 6  ? -4.374  -4.314  -3.427  1.00 8.31  ? 6   VAL A HG11 1 
ATOM   21  H HG12 . VAL A 1 6  ? -4.478  -5.557  -4.411  1.00 8.31  ? 6   VAL A HG12 1 
ATOM   22  H HG13 . VAL A 1 6  ? -5.572  -4.406  -4.467  1.00 8.31  ? 6   VAL A HG13 1 
ATOM   23  H HG21 . VAL A 1 6  ? -5.865  -4.060  -1.583  1.00 10.16 ? 6   VAL A HG21 1 
ATOM   24  H HG22 . VAL A 1 6  ? -7.140  -4.134  -2.527  1.00 10.16 ? 6   VAL A HG22 1 
ATOM   25  H HG23 . VAL A 1 6  ? -7.011  -5.120  -1.288  1.00 10.16 ? 6   VAL A HG23 1 
ATOM   26  N N    . THR A 1 7  ? -7.075  -8.338  -1.825  1.00 3.79  ? 7   THR A N    1 
ATOM   27  C CA   . THR A 1 7  ? -7.802  -9.194  -0.901  1.00 3.54  ? 7   THR A CA   1 
ATOM   28  C C    . THR A 1 7  ? -8.093  -8.471  0.402   1.00 4.47  ? 7   THR A C    1 
ATOM   29  O O    . THR A 1 7  ? -7.539  -7.389  0.699   1.00 3.59  ? 7   THR A O    1 
ATOM   30  C CB   . THR A 1 7  ? -7.022  -10.451 -0.568  1.00 5.57  ? 7   THR A CB   1 
ATOM   31  O OG1  . THR A 1 7  ? -5.820  -10.066 0.104   1.00 5.84  ? 7   THR A OG1  1 
ATOM   32  C CG2  . THR A 1 7  ? -6.682  -11.225 -1.827  1.00 3.77  ? 7   THR A CG2  1 
ATOM   33  H H    . THR A 1 7  ? -6.238  -8.521  -1.883  1.00 4.56  ? 7   THR A H    1 
ATOM   34  H HA   . THR A 1 7  ? -8.647  -9.455  -1.302  1.00 4.27  ? 7   THR A HA   1 
ATOM   35  H HB   . THR A 1 7  ? -7.551  -11.020 0.012   1.00 6.70  ? 7   THR A HB   1 
ATOM   36  H HG1  . THR A 1 7  ? -5.369  -10.746 0.300   1.00 7.02  ? 7   THR A HG1  1 
ATOM   37  H HG21 . THR A 1 7  ? -6.183  -12.025 -1.599  1.00 4.54  ? 7   THR A HG21 1 
ATOM   38  H HG22 . THR A 1 7  ? -7.496  -11.482 -2.287  1.00 4.54  ? 7   THR A HG22 1 
ATOM   39  H HG23 . THR A 1 7  ? -6.144  -10.675 -2.418  1.00 4.54  ? 7   THR A HG23 1 
ATOM   40  N N    . GLY A 1 8  ? -8.912  -9.126  1.232   1.00 4.11  ? 8   GLY A N    1 
ATOM   41  C CA   . GLY A 1 8  ? -9.212  -8.564  2.537   1.00 3.45  ? 8   GLY A CA   1 
ATOM   42  C C    . GLY A 1 8  ? -7.964  -8.453  3.397   1.00 4.91  ? 8   GLY A C    1 
ATOM   43  O O    . GLY A 1 8  ? -7.741  -7.430  4.053   1.00 4.43  ? 8   GLY A O    1 
ATOM   44  H H    . GLY A 1 8  ? -9.294  -9.878  1.063   1.00 4.94  ? 8   GLY A H    1 
ATOM   45  H HA2  . GLY A 1 8  ? -9.595  -7.680  2.430   1.00 4.15  ? 8   GLY A HA2  1 
ATOM   46  H HA3  . GLY A 1 8  ? -9.854  -9.128  2.996   1.00 4.15  ? 8   GLY A HA3  1 
ATOM   47  N N    . SER A 1 9  ? -7.123  -9.492  3.385   1.00 5.94  ? 9   SER A N    1 
ATOM   48  C CA   . SER A 1 9  ? -5.888  -9.439  4.167   1.00 4.81  ? 9   SER A CA   1 
ATOM   49  C C    . SER A 1 9  ? -4.981  -8.325  3.649   1.00 3.12  ? 9   SER A C    1 
ATOM   50  O O    . SER A 1 9  ? -4.310  -7.620  4.429   1.00 2.53  ? 9   SER A O    1 
ATOM   51  C CB   . SER A 1 9  ? -5.139  -10.787 4.149   1.00 10.50 ? 9   SER A CB   1 
ATOM   52  O OG   . SER A 1 9  ? -4.644  -11.113 2.864   1.00 18.48 ? 9   SER A OG   1 
ATOM   53  H H    . SER A 1 9  ? -7.241  -10.221 2.943   1.00 7.15  ? 9   SER A H    1 
ATOM   54  H HA   . SER A 1 9  ? -6.111  -9.236  5.089   1.00 5.79  ? 9   SER A HA   1 
ATOM   55  H HB2  . SER A 1 9  ? -4.391  -10.735 4.766   1.00 12.61 ? 9   SER A HB2  1 
ATOM   56  H HB3  . SER A 1 9  ? -5.749  -11.485 4.434   1.00 12.61 ? 9   SER A HB3  1 
ATOM   57  H HG   . SER A 1 9  ? -4.243  -11.850 2.889   1.00 22.19 ? 9   SER A HG   1 
ATOM   58  N N    . GLN A 1 10 ? -4.886  -8.187  2.322   1.00 3.00  ? 10  GLN A N    1 
ATOM   59  C CA   . GLN A 1 10 ? -4.026  -7.142  1.782   1.00 2.66  ? 10  GLN A CA   1 
ATOM   60  C C    . GLN A 1 10 ? -4.541  -5.762  2.170   1.00 2.74  ? 10  GLN A C    1 
ATOM   61  O O    . GLN A 1 10 ? -3.758  -4.870  2.512   1.00 2.81  ? 10  GLN A O    1 
ATOM   62  C CB   . GLN A 1 10 ? -3.936  -7.286  0.263   1.00 2.30  ? 10  GLN A CB   1 
ATOM   63  C CG   . GLN A 1 10 ? -3.138  -8.518  -0.159  1.00 3.07  ? 10  GLN A CG   1 
ATOM   64  C CD   . GLN A 1 10 ? -3.244  -8.876  -1.609  1.00 3.82  ? 10  GLN A CD   1 
ATOM   65  O OE1  . GLN A 1 10 ? -4.197  -8.512  -2.293  1.00 4.67  ? 10  GLN A OE1  1 
ATOM   66  N NE2  . GLN A 1 10 ? -2.218  -9.552  -2.110  1.00 5.75  ? 10  GLN A NE2  1 
ATOM   67  H H    . GLN A 1 10 ? -5.294  -8.667  1.737   1.00 3.62  ? 10  GLN A H    1 
ATOM   68  H HA   . GLN A 1 10 ? -3.134  -7.245  2.148   1.00 3.21  ? 10  GLN A HA   1 
ATOM   69  H HB2  . GLN A 1 10 ? -4.831  -7.367  -0.103  1.00 2.77  ? 10  GLN A HB2  1 
ATOM   70  H HB3  . GLN A 1 10 ? -3.496  -6.502  -0.104  1.00 2.77  ? 10  GLN A HB3  1 
ATOM   71  H HG2  . GLN A 1 10 ? -2.201  -8.359  0.035   1.00 3.70  ? 10  GLN A HG2  1 
ATOM   72  H HG3  . GLN A 1 10 ? -3.452  -9.279  0.355   1.00 3.70  ? 10  GLN A HG3  1 
ATOM   73  H HE21 . GLN A 1 10 ? -1.551  -9.755  -1.606  1.00 6.91  ? 10  GLN A HE21 1 
ATOM   74  H HE22 . GLN A 1 10 ? -2.221  -9.787  -2.936  1.00 6.91  ? 10  GLN A HE22 1 
ATOM   75  N N    . THR A 1 11 ? -5.852  -5.566  2.115   1.00 2.33  ? 11  THR A N    1 
ATOM   76  C CA   . THR A 1 11 ? -6.457  -4.304  2.519   1.00 2.37  ? 11  THR A CA   1 
ATOM   77  C C    . THR A 1 11 ? -6.122  -3.983  3.970   1.00 4.33  ? 11  THR A C    1 
ATOM   78  O O    . THR A 1 11 ? -5.684  -2.868  4.296   1.00 5.11  ? 11  THR A O    1 
ATOM   79  C CB   . THR A 1 11 ? -7.987  -4.363  2.305   1.00 7.17  ? 11  THR A CB   1 
ATOM   80  O OG1  . THR A 1 11 ? -8.323  -4.530  0.912   1.00 7.42  ? 11  THR A OG1  1 
ATOM   81  C CG2  . THR A 1 11 ? -8.666  -3.102  2.835   1.00 9.65  ? 11  THR A CG2  1 
ATOM   82  H H    . THR A 1 11 ? -6.418  -6.154  1.845   1.00 2.73  ? 11  THR A H    1 
ATOM   83  H HA   . THR A 1 11 ? -6.103  -3.591  1.964   1.00 2.78  ? 11  THR A HA   1 
ATOM   84  H HB   . THR A 1 11 ? -8.341  -5.117  2.802   1.00 8.62  ? 11  THR A HB   1 
ATOM   85  H HG1  . THR A 1 11 ? -7.992  -5.245  0.620   1.00 8.91  ? 11  THR A HG1  1 
ATOM   86  H HG21 . THR A 1 11 ? -9.624  -3.158  2.692   1.00 11.60 ? 11  THR A HG21 1 
ATOM   87  H HG22 . THR A 1 11 ? -8.494  -3.008  3.785   1.00 11.60 ? 11  THR A HG22 1 
ATOM   88  H HG23 . THR A 1 11 ? -8.323  -2.322  2.373   1.00 11.60 ? 11  THR A HG23 1 
ATOM   89  N N    . ALA A 1 12 ? -6.306  -4.949  4.850   1.00 3.52  ? 12  ALA A N    1 
ATOM   90  C CA   . ALA A 1 12 ? -6.062  -4.704  6.261   1.00 4.34  ? 12  ALA A CA   1 
ATOM   91  C C    . ALA A 1 12 ? -4.615  -4.321  6.502   1.00 5.52  ? 12  ALA A C    1 
ATOM   92  O O    . ALA A 1 12 ? -4.338  -3.377  7.248   1.00 4.98  ? 12  ALA A O    1 
ATOM   93  C CB   . ALA A 1 12 ? -6.439  -5.941  7.074   1.00 5.61  ? 12  ALA A CB   1 
ATOM   94  H H    . ALA A 1 12 ? -6.570  -5.746  4.663   1.00 4.24  ? 12  ALA A H    1 
ATOM   95  H HA   . ALA A 1 12 ? -6.621  -3.968  6.556   1.00 5.22  ? 12  ALA A HA   1 
ATOM   96  H HB1  . ALA A 1 12 ? -6.271  -5.765  8.014   1.00 6.74  ? 12  ALA A HB1  1 
ATOM   97  H HB2  . ALA A 1 12 ? -7.379  -6.136  6.937   1.00 6.74  ? 12  ALA A HB2  1 
ATOM   98  H HB3  . ALA A 1 12 ? -5.899  -6.690  6.777   1.00 6.74  ? 12  ALA A HB3  1 
ATOM   99  N N    . LEU A 1 13 ? -3.678  -5.044  5.868   1.00 2.51  ? 13  LEU A N    1 
ATOM   100 C CA   . LEU A 1 13 ? -2.265  -4.745  6.022   1.00 2.45  ? 13  LEU A CA   1 
ATOM   101 C C    . LEU A 1 13 ? -1.923  -3.367  5.469   1.00 3.26  ? 13  LEU A C    1 
ATOM   102 O O    . LEU A 1 13 ? -1.238  -2.572  6.120   1.00 3.72  ? 13  LEU A O    1 
ATOM   103 C CB   . LEU A 1 13 ? -1.444  -5.836  5.322   1.00 3.95  ? 13  LEU A CB   1 
ATOM   104 C CG   . LEU A 1 13 ? 0.071   -5.826  5.504   1.00 5.21  ? 13  LEU A CG   1 
ATOM   105 C CD1  . LEU A 1 13 ? 0.645   -7.222  5.235   1.00 5.61  ? 13  LEU A CD1  1 
ATOM   106 C CD2  . LEU A 1 13 ? 0.752   -4.784  4.600   1.00 7.05  ? 13  LEU A CD2  1 
ATOM   107 H H    . LEU A 1 13 ? -3.844  -5.708  5.348   1.00 3.01  ? 13  LEU A H    1 
ATOM   108 H HA   . LEU A 1 13 ? -2.039  -4.755  6.965   1.00 2.88  ? 13  LEU A HA   1 
ATOM   109 H HB2  . LEU A 1 13 ? -1.760  -6.696  5.640   1.00 4.75  ? 13  LEU A HB2  1 
ATOM   110 H HB3  . LEU A 1 13 ? -1.613  -5.771  4.369   1.00 4.75  ? 13  LEU A HB3  1 
ATOM   111 H HG   . LEU A 1 13 ? 0.271   -5.595  6.424   1.00 6.27  ? 13  LEU A HG   1 
ATOM   112 H HD11 . LEU A 1 13 ? 1.606   -7.196  5.355   1.00 6.74  ? 13  LEU A HD11 1 
ATOM   113 H HD12 . LEU A 1 13 ? 0.249   -7.851  5.859   1.00 6.74  ? 13  LEU A HD12 1 
ATOM   114 H HD13 . LEU A 1 13 ? 0.431   -7.480  4.324   1.00 6.74  ? 13  LEU A HD13 1 
ATOM   115 H HD21 . LEU A 1 13 ? 1.709   -4.815  4.750   1.00 8.47  ? 13  LEU A HD21 1 
ATOM   116 H HD22 . LEU A 1 13 ? 0.555   -4.995  3.673   1.00 8.47  ? 13  LEU A HD22 1 
ATOM   117 H HD23 . LEU A 1 13 ? 0.410   -3.904  4.820   1.00 8.47  ? 13  LEU A HD23 1 
ATOM   118 N N    . LEU A 1 14 ? -2.373  -3.076  4.256   1.00 2.43  ? 14  LEU A N    1 
ATOM   119 C CA   . LEU A 1 14 ? -2.102  -1.784  3.633   1.00 2.56  ? 14  LEU A CA   1 
ATOM   120 C C    . LEU A 1 14 ? -2.703  -0.622  4.410   1.00 2.31  ? 14  LEU A C    1 
ATOM   121 O O    . LEU A 1 14 ? -2.068  0.435   4.526   1.00 2.28  ? 14  LEU A O    1 
ATOM   122 C CB   . LEU A 1 14 ? -2.625  -1.775  2.202   1.00 2.80  ? 14  LEU A CB   1 
ATOM   123 C CG   . LEU A 1 14 ? -1.826  -2.695  1.268   1.00 5.31  ? 14  LEU A CG   1 
ATOM   124 C CD1  . LEU A 1 14 ? -2.439  -2.818  -0.092  1.00 7.27  ? 14  LEU A CD1  1 
ATOM   125 C CD2  . LEU A 1 14 ? -0.404  -2.173  1.151   1.00 10.32 ? 14  LEU A CD2  1 
ATOM   126 H H    . LEU A 1 14 ? -2.840  -3.610  3.770   1.00 2.94  ? 14  LEU A H    1 
ATOM   127 H HA   . LEU A 1 14 ? -1.142  -1.651  3.598   1.00 3.09  ? 14  LEU A HA   1 
ATOM   128 H HB2  . LEU A 1 14 ? -3.548  -2.076  2.202   1.00 3.37  ? 14  LEU A HB2  1 
ATOM   129 H HB3  . LEU A 1 14 ? -2.572  -0.872  1.852   1.00 3.37  ? 14  LEU A HB3  1 
ATOM   130 H HG   . LEU A 1 14 ? -1.786  -3.582  1.659   1.00 6.39  ? 14  LEU A HG   1 
ATOM   131 H HD11 . LEU A 1 14 ? -1.891  -3.409  -0.632  1.00 8.74  ? 14  LEU A HD11 1 
ATOM   132 H HD12 . LEU A 1 14 ? -3.333  -3.184  -0.004  1.00 8.74  ? 14  LEU A HD12 1 
ATOM   133 H HD13 . LEU A 1 14 ? -2.480  -1.939  -0.500  1.00 8.74  ? 14  LEU A HD13 1 
ATOM   134 H HD21 . LEU A 1 14 ? 0.099   -2.757  0.561   1.00 12.40 ? 14  LEU A HD21 1 
ATOM   135 H HD22 . LEU A 1 14 ? -0.427  -1.274  0.787   1.00 12.40 ? 14  LEU A HD22 1 
ATOM   136 H HD23 . LEU A 1 14 ? 0.002   -2.164  2.032   1.00 12.40 ? 14  LEU A HD23 1 
ATOM   137 N N    . LEU A 1 15 ? -3.926  -0.772  4.923   1.00 2.59  ? 15  LEU A N    1 
ATOM   138 C CA   . LEU A 1 15 ? -4.530  0.315   5.685   1.00 4.26  ? 15  LEU A CA   1 
ATOM   139 C C    . LEU A 1 15 ? -3.713  0.599   6.936   1.00 3.22  ? 15  LEU A C    1 
ATOM   140 O O    . LEU A 1 15 ? -3.473  1.762   7.293   1.00 4.38  ? 15  LEU A O    1 
ATOM   141 C CB   . LEU A 1 15 ? -5.963  -0.046  6.075   1.00 9.00  ? 15  LEU A CB   1 
ATOM   142 C CG   . LEU A 1 15 ? -7.040  -0.256  5.032   1.00 18.00 ? 15  LEU A CG   1 
ATOM   143 C CD1  . LEU A 1 15 ? -8.139  -1.038  5.673   1.00 19.89 ? 15  LEU A CD1  1 
ATOM   144 C CD2  . LEU A 1 15 ? -7.579  1.037   4.477   1.00 24.03 ? 15  LEU A CD2  1 
ATOM   145 H H    . LEU A 1 15 ? -4.414  -1.476  4.846   1.00 3.12  ? 15  LEU A H    1 
ATOM   146 H HA   . LEU A 1 15 ? -4.551  1.117   5.142   1.00 5.13  ? 15  LEU A HA   1 
ATOM   147 H HB2  . LEU A 1 15 ? -5.920  -0.868  6.587   1.00 10.81 ? 15  LEU A HB2  1 
ATOM   148 H HB3  . LEU A 1 15 ? -6.285  0.661   6.656   1.00 10.81 ? 15  LEU A HB3  1 
ATOM   149 H HG   . LEU A 1 15 ? -6.681  -0.778  4.298   1.00 21.62 ? 15  LEU A HG   1 
ATOM   150 H HD11 . LEU A 1 15 ? -8.843  -1.184  5.022   1.00 23.88 ? 15  LEU A HD11 1 
ATOM   151 H HD12 . LEU A 1 15 ? -7.786  -1.888  5.977   1.00 23.88 ? 15  LEU A HD12 1 
ATOM   152 H HD13 . LEU A 1 15 ? -8.485  -0.535  6.427   1.00 23.88 ? 15  LEU A HD13 1 
ATOM   153 H HD21 . LEU A 1 15 ? -8.262  0.837   3.817   1.00 28.85 ? 15  LEU A HD21 1 
ATOM   154 H HD22 . LEU A 1 15 ? -7.961  1.557   5.201   1.00 28.85 ? 15  LEU A HD22 1 
ATOM   155 H HD23 . LEU A 1 15 ? -6.853  1.529   4.062   1.00 28.85 ? 15  LEU A HD23 1 
ATOM   156 N N    . ARG A 1 16 ? -3.290  -0.453  7.637   1.00 2.57  ? 16  ARG A N    1 
ATOM   157 C CA   . ARG A 1 16 ? -2.508  -0.234  8.848   1.00 3.32  ? 16  ARG A CA   1 
ATOM   158 C C    . ARG A 1 16 ? -1.198  0.451   8.516   1.00 5.16  ? 16  ARG A C    1 
ATOM   159 O O    . ARG A 1 16 ? -0.743  1.352   9.236   1.00 4.12  ? 16  ARG A O    1 
ATOM   160 C CB   . ARG A 1 16 ? -2.278  -1.564  9.568   1.00 6.56  ? 16  ARG A CB   1 
ATOM   161 C CG   . ARG A 1 16 ? -3.524  -2.129  10.243  1.00 12.15 ? 16  ARG A CG   1 
ATOM   162 C CD   . ARG A 1 16 ? -3.264  -3.452  10.923  1.00 19.41 ? 16  ARG A CD   1 
ATOM   163 N NE   . ARG A 1 16 ? -4.530  -4.134  11.178  1.00 23.06 ? 16  ARG A NE   1 
ATOM   164 C CZ   . ARG A 1 16 ? -4.679  -5.451  11.233  1.00 26.30 ? 16  ARG A CZ   1 
ATOM   165 N NH1  . ARG A 1 16 ? -3.633  -6.247  11.065  1.00 26.05 ? 16  ARG A NH1  1 
ATOM   166 N NH2  . ARG A 1 16 ? -5.880  -5.972  11.441  1.00 28.34 ? 16  ARG A NH2  1 
ATOM   167 H H    . ARG A 1 16 ? -3.437  -1.276  7.439   1.00 3.02  ? 16  ARG A H    1 
ATOM   168 H HA   . ARG A 1 16 ? -3.006  0.347   9.444   1.00 3.99  ? 16  ARG A HA   1 
ATOM   169 H HB2  . ARG A 1 16 ? -1.968  -2.219  8.923   1.00 7.89  ? 16  ARG A HB2  1 
ATOM   170 H HB3  . ARG A 1 16 ? -1.603  -1.434  10.253  1.00 7.89  ? 16  ARG A HB3  1 
ATOM   171 H HG2  . ARG A 1 16 ? -3.833  -1.501  10.915  1.00 14.59 ? 16  ARG A HG2  1 
ATOM   172 H HG3  . ARG A 1 16 ? -4.213  -2.265  9.574   1.00 14.59 ? 16  ARG A HG3  1 
ATOM   173 H HD2  . ARG A 1 16 ? -2.721  -4.012  10.347  1.00 23.31 ? 16  ARG A HD2  1 
ATOM   174 H HD3  . ARG A 1 16 ? -2.818  -3.300  11.771  1.00 23.31 ? 16  ARG A HD3  1 
ATOM   175 H HE   . ARG A 1 16 ? -5.229  -3.647  11.301  1.00 27.68 ? 16  ARG A HE   1 
ATOM   176 H HH11 . ARG A 1 16 ? -2.855  -5.910  10.921  1.00 31.27 ? 16  ARG A HH11 1 
ATOM   177 H HH12 . ARG A 1 16 ? -3.732  -7.100  11.103  1.00 31.27 ? 16  ARG A HH12 1 
ATOM   178 H HH21 . ARG A 1 16 ? -6.559  -5.458  11.555  1.00 34.02 ? 16  ARG A HH21 1 
ATOM   179 H HH22 . ARG A 1 16 ? -5.975  -6.826  11.487  1.00 34.02 ? 16  ARG A HH22 1 
ATOM   180 N N    . ALA A 1 17 ? -0.602  0.094   7.397   1.00 3.92  ? 17  ALA A N    1 
ATOM   181 C CA   . ALA A 1 17 ? 0.607   0.775   6.965   1.00 2.34  ? 17  ALA A CA   1 
ATOM   182 C C    . ALA A 1 17 ? 0.329   2.236   6.645   1.00 3.76  ? 17  ALA A C    1 
ATOM   183 O O    . ALA A 1 17 ? 1.079   3.129   7.051   1.00 4.24  ? 17  ALA A O    1 
ATOM   184 C CB   . ALA A 1 17 ? 1.181   0.047   5.756   1.00 3.97  ? 17  ALA A CB   1 
ATOM   185 H H    . ALA A 1 17 ? -0.870  -0.532  6.872   1.00 4.71  ? 17  ALA A H    1 
ATOM   186 H HA   . ALA A 1 17 ? 1.263   0.741   7.678   1.00 2.74  ? 17  ALA A HA   1 
ATOM   187 H HB1  . ALA A 1 17 ? 1.988   0.503   5.468   1.00 4.78  ? 17  ALA A HB1  1 
ATOM   188 H HB2  . ALA A 1 17 ? 1.389   -0.866  6.007   1.00 4.78  ? 17  ALA A HB2  1 
ATOM   189 H HB3  . ALA A 1 17 ? 0.525   0.054   5.042   1.00 4.78  ? 17  ALA A HB3  1 
ATOM   190 N N    . PHE A 1 18 ? -0.747  2.489   5.900   1.00 3.10  ? 18  PHE A N    1 
ATOM   191 C CA   . PHE A 1 18 ? -1.126  3.835   5.493   1.00 2.28  ? 18  PHE A CA   1 
ATOM   192 C C    . PHE A 1 18 ? -1.302  4.726   6.699   1.00 4.98  ? 18  PHE A C    1 
ATOM   193 O O    . PHE A 1 18 ? -0.952  5.897   6.654   1.00 4.32  ? 18  PHE A O    1 
ATOM   194 C CB   . PHE A 1 18 ? -2.419  3.743   4.663   1.00 2.27  ? 18  PHE A CB   1 
ATOM   195 C CG   . PHE A 1 18 ? -2.990  5.086   4.204   1.00 3.41  ? 18  PHE A CG   1 
ATOM   196 C CD1  . PHE A 1 18 ? -2.657  5.612   2.987   1.00 4.46  ? 18  PHE A CD1  1 
ATOM   197 C CD2  . PHE A 1 18 ? -3.941  5.757   4.980   1.00 5.54  ? 18  PHE A CD2  1 
ATOM   198 C CE1  . PHE A 1 18 ? -3.175  6.835   2.572   1.00 6.37  ? 18  PHE A CE1  1 
ATOM   199 C CE2  . PHE A 1 18 ? -4.468  6.990   4.561   1.00 7.98  ? 18  PHE A CE2  1 
ATOM   200 C CZ   . PHE A 1 18 ? -4.075  7.518   3.359   1.00 6.23  ? 18  PHE A CZ   1 
ATOM   201 H H    . PHE A 1 18 ? -1.284  1.881   5.613   1.00 3.73  ? 18  PHE A H    1 
ATOM   202 H HA   . PHE A 1 18 ? -0.429  4.212   4.934   1.00 2.67  ? 18  PHE A HA   1 
ATOM   203 H HB2  . PHE A 1 18 ? -2.240  3.215   3.870   1.00 2.67  ? 18  PHE A HB2  1 
ATOM   204 H HB3  . PHE A 1 18 ? -3.099  3.305   5.199   1.00 2.67  ? 18  PHE A HB3  1 
ATOM   205 H HD1  . PHE A 1 18 ? -2.031  5.176   2.455   1.00 5.37  ? 18  PHE A HD1  1 
ATOM   206 H HD2  . PHE A 1 18 ? -4.186  5.410   5.807   1.00 6.66  ? 18  PHE A HD2  1 
ATOM   207 H HE1  . PHE A 1 18 ? -2.919  7.190   1.751   1.00 7.65  ? 18  PHE A HE1  1 
ATOM   208 H HE2  . PHE A 1 18 ? -5.081  7.443   5.093   1.00 9.59  ? 18  PHE A HE2  1 
ATOM   209 H HZ   . PHE A 1 18 ? -4.434  8.324   3.064   1.00 7.50  ? 18  PHE A HZ   1 
ATOM   210 N N    . GLU A 1 19 ? -1.861  4.189   7.783   1.00 3.58  ? 19  GLU A N    1 
ATOM   211 C CA   . GLU A 1 19 ? -2.130  4.986   8.966   1.00 5.62  ? 19  GLU A CA   1 
ATOM   212 C C    . GLU A 1 19 ? -0.903  5.211   9.830   1.00 5.65  ? 19  GLU A C    1 
ATOM   213 O O    . GLU A 1 19 ? -0.980  5.984   10.803  1.00 6.94  ? 19  GLU A O    1 
ATOM   214 C CB   . GLU A 1 19 ? -3.234  4.332   9.791   1.00 8.35  ? 19  GLU A CB   1 
ATOM   215 C CG   . GLU A 1 19 ? -4.647  4.573   9.214   1.00 16.12 ? 19  GLU A CG   1 
ATOM   216 C CD   . GLU A 1 19 ? -5.104  3.558   8.209   1.00 27.85 ? 19  GLU A CD   1 
ATOM   217 O OE1  . GLU A 1 19 ? -4.729  3.700   7.022   1.00 31.58 ? 19  GLU A OE1  1 
ATOM   218 O OE2  . GLU A 1 19 ? -5.864  2.625   8.580   1.00 31.36 ? 19  GLU A OE2  1 
ATOM   219 H H    . GLU A 1 19 ? -2.093  3.364   7.854   1.00 4.31  ? 19  GLU A H    1 
ATOM   220 H HA   . GLU A 1 19 ? -2.453  5.857   8.684   1.00 6.76  ? 19  GLU A HA   1 
ATOM   221 H HB2  . GLU A 1 19 ? -3.081  3.375   9.819   1.00 10.04 ? 19  GLU A HB2  1 
ATOM   222 H HB3  . GLU A 1 19 ? -3.212  4.696   10.691  1.00 10.04 ? 19  GLU A HB3  1 
ATOM   223 H HG2  . GLU A 1 19 ? -5.284  4.567   9.946   1.00 19.36 ? 19  GLU A HG2  1 
ATOM   224 H HG3  . GLU A 1 19 ? -4.659  5.440   8.780   1.00 19.36 ? 19  GLU A HG3  1 
ATOM   225 N N    . LYS A 1 20 ? 0.241   4.600   9.496   1.00 5.18  ? 20  LYS A N    1 
ATOM   226 C CA   . LYS A 1 20 ? 1.527   4.872   10.141  1.00 6.16  ? 20  LYS A CA   1 
ATOM   227 C C    . LYS A 1 20 ? 2.479   5.661   9.262   1.00 7.16  ? 20  LYS A C    1 
ATOM   228 O O    . LYS A 1 20 ? 3.226   6.487   9.778   1.00 9.87  ? 20  LYS A O    1 
ATOM   229 C CB   . LYS A 1 20 ? 2.222   3.565   10.534  1.00 7.22  ? 20  LYS A CB   1 
ATOM   230 C CG   . LYS A 1 20 ? 1.512   2.779   11.606  1.00 13.58 ? 20  LYS A CG   1 
ATOM   231 C CD   . LYS A 1 20 ? 1.773   3.349   12.962  1.00 20.23 ? 20  LYS A CD   1 
ATOM   232 C CE   . LYS A 1 20 ? 1.208   2.436   14.029  1.00 23.27 ? 20  LYS A CE   1 
ATOM   233 N NZ   . LYS A 1 20 ? 1.292   3.069   15.380  1.00 26.80 ? 20  LYS A NZ   1 
ATOM   234 H H    . LYS A 1 20 ? 0.294   4.004   8.877   1.00 6.23  ? 20  LYS A H    1 
ATOM   235 H HA   . LYS A 1 20 ? 1.371   5.385   10.949  1.00 7.40  ? 20  LYS A HA   1 
ATOM   236 H HB2  . LYS A 1 20 ? 2.287   3.000   9.749   1.00 8.68  ? 20  LYS A HB2  1 
ATOM   237 H HB3  . LYS A 1 20 ? 3.112   3.773   10.862  1.00 8.68  ? 20  LYS A HB3  1 
ATOM   238 H HG2  . LYS A 1 20 ? 0.557   2.804   11.443  1.00 16.32 ? 20  LYS A HG2  1 
ATOM   239 H HG3  . LYS A 1 20 ? 1.831   1.862   11.595  1.00 16.32 ? 20  LYS A HG3  1 
ATOM   240 H HD2  . LYS A 1 20 ? 2.730   3.431   13.101  1.00 24.30 ? 20  LYS A HD2  1 
ATOM   241 H HD3  . LYS A 1 20 ? 1.343   4.215   13.037  1.00 24.30 ? 20  LYS A HD3  1 
ATOM   242 H HE2  . LYS A 1 20 ? 0.274   2.254   13.836  1.00 27.94 ? 20  LYS A HE2  1 
ATOM   243 H HE3  . LYS A 1 20 ? 1.715   1.609   14.048  1.00 27.94 ? 20  LYS A HE3  1 
ATOM   244 H HZ1  . LYS A 1 20 ? 0.956   2.520   15.995  1.00 32.17 ? 20  LYS A HZ1  1 
ATOM   245 H HZ2  . LYS A 1 20 ? 2.141   3.243   15.581  1.00 32.17 ? 20  LYS A HZ2  1 
ATOM   246 H HZ3  . LYS A 1 20 ? 0.830   3.830   15.389  1.00 32.17 ? 20  LYS A HZ3  1 
ATOM   247 N N    . ASP A 1 21 ? 2.452   5.443   7.944   1.00 5.67  ? 21  ASP A N    1 
ATOM   248 C CA   . ASP A 1 21 ? 3.350   6.083   6.976   1.00 5.38  ? 21  ASP A CA   1 
ATOM   249 C C    . ASP A 1 21 ? 2.480   6.384   5.751   1.00 4.21  ? 21  ASP A C    1 
ATOM   250 O O    . ASP A 1 21 ? 2.246   5.551   4.878   1.00 4.77  ? 21  ASP A O    1 
ATOM   251 C CB   . ASP A 1 21 ? 4.533   5.178   6.657   1.00 7.95  ? 21  ASP A CB   1 
ATOM   252 C CG   . ASP A 1 21 ? 5.576   5.835   5.765   1.00 8.98  ? 21  ASP A CG   1 
ATOM   253 O OD1  . ASP A 1 21 ? 5.353   6.965   5.291   1.00 9.76  ? 21  ASP A OD1  1 
ATOM   254 O OD2  . ASP A 1 21 ? 6.607   5.174   5.530   1.00 10.86 ? 21  ASP A OD2  1 
ATOM   255 H H    . ASP A 1 21 ? 1.895   4.904   7.571   1.00 6.82  ? 21  ASP A H    1 
ATOM   256 H HA   . ASP A 1 21 ? 3.683   6.919   7.338   1.00 6.47  ? 21  ASP A HA   1 
ATOM   257 H HB2  . ASP A 1 21 ? 4.968   4.925   7.487   1.00 9.56  ? 21  ASP A HB2  1 
ATOM   258 H HB3  . ASP A 1 21 ? 4.208   4.386   6.200   1.00 9.56  ? 21  ASP A HB3  1 
ATOM   259 N N    . ARG A 1 22 ? 1.964   7.597   5.714   1.00 4.85  ? 22  ARG A N    1 
ATOM   260 C CA   . ARG A 1 22 ? 0.992   7.979   4.711   1.00 5.05  ? 22  ARG A CA   1 
ATOM   261 C C    . ARG A 1 22 ? 1.629   8.207   3.331   1.00 4.97  ? 22  ARG A C    1 
ATOM   262 O O    . ARG A 1 22 ? 0.941   8.164   2.300   1.00 5.39  ? 22  ARG A O    1 
ATOM   263 C CB   . ARG A 1 22 ? 0.275   9.242   5.213   1.00 6.55  ? 22  ARG A CB   1 
ATOM   264 C CG   . ARG A 1 22 ? -1.160  9.367   4.749   1.00 5.86  ? 22  ARG A CG   1 
ATOM   265 C CD   . ARG A 1 22 ? -1.732  10.659  5.220   1.00 6.26  ? 22  ARG A CD   1 
ATOM   266 N NE   . ARG A 1 22 ? -3.100  10.832  4.794   1.00 6.25  ? 22  ARG A NE   1 
ATOM   267 C CZ   . ARG A 1 22 ? -4.184  10.474  5.470   1.00 8.28  ? 22  ARG A CZ   1 
ATOM   268 N NH1  . ARG A 1 22 ? -4.138  9.881   6.646   1.00 10.11 ? 22  ARG A NH1  1 
ATOM   269 N NH2  . ARG A 1 22 ? -5.348  10.711  4.913   1.00 9.30  ? 22  ARG A NH2  1 
ATOM   270 H H    . ARG A 1 22 ? 2.162   8.226   6.266   1.00 5.84  ? 22  ARG A H    1 
ATOM   271 H HA   . ARG A 1 22 ? 0.332   7.273   4.625   1.00 6.08  ? 22  ARG A HA   1 
ATOM   272 H HB2  . ARG A 1 22 ? 0.272   9.233   6.183   1.00 7.88  ? 22  ARG A HB2  1 
ATOM   273 H HB3  . ARG A 1 22 ? 0.758   10.021  4.895   1.00 7.88  ? 22  ARG A HB3  1 
ATOM   274 H HG2  . ARG A 1 22 ? -1.191  9.351   3.779   1.00 7.04  ? 22  ARG A HG2  1 
ATOM   275 H HG3  . ARG A 1 22 ? -1.687  8.643   5.119   1.00 7.04  ? 22  ARG A HG3  1 
ATOM   276 H HD2  . ARG A 1 22 ? -1.712  10.682  6.189   1.00 7.53  ? 22  ARG A HD2  1 
ATOM   277 H HD3  . ARG A 1 22 ? -1.208  11.391  4.857   1.00 7.53  ? 22  ARG A HD3  1 
ATOM   278 H HE   . ARG A 1 22 ? -3.224  11.203  4.028   1.00 7.52  ? 22  ARG A HE   1 
ATOM   279 H HH11 . ARG A 1 22 ? -3.380  9.719   7.018   1.00 12.14 ? 22  ARG A HH11 1 
ATOM   280 H HH12 . ARG A 1 22 ? -4.868  9.664   7.047   1.00 12.14 ? 22  ARG A HH12 1 
ATOM   281 H HH21 . ARG A 1 22 ? -5.387  11.096  4.144   1.00 11.17 ? 22  ARG A HH21 1 
ATOM   282 H HH22 . ARG A 1 22 ? -6.072  10.491  5.321   1.00 11.17 ? 22  ARG A HH22 1 
ATOM   283 N N    . PHE A 1 23 ? 2.935   8.433   3.312   1.00 5.37  ? 23  PHE A N    1 
ATOM   284 C CA   . PHE A 1 23 ? 3.705   8.749   2.109   1.00 4.21  ? 23  PHE A CA   1 
ATOM   285 C C    . PHE A 1 23 ? 4.913   7.844   2.023   1.00 5.41  ? 23  PHE A C    1 
ATOM   286 O O    . PHE A 1 23 ? 6.056   8.309   2.112   1.00 8.04  ? 23  PHE A O    1 
ATOM   287 C CB   . PHE A 1 23 ? 4.146   10.218  2.128   1.00 3.85  ? 23  PHE A CB   1 
ATOM   288 C CG   . PHE A 1 23 ? 3.010   11.177  2.352   1.00 5.72  ? 23  PHE A CG   1 
ATOM   289 C CD1  . PHE A 1 23 ? 2.668   11.604  3.626   1.00 4.20  ? 23  PHE A CD1  1 
ATOM   290 C CD2  . PHE A 1 23 ? 2.253   11.600  1.274   1.00 4.50  ? 23  PHE A CD2  1 
ATOM   291 C CE1  . PHE A 1 23 ? 1.613   12.478  3.805   1.00 5.69  ? 23  PHE A CE1  1 
ATOM   292 C CE2  . PHE A 1 23 ? 1.208   12.476  1.437   1.00 6.46  ? 23  PHE A CE2  1 
ATOM   293 C CZ   . PHE A 1 23 ? 0.884   12.905  2.715   1.00 6.19  ? 23  PHE A CZ   1 
ATOM   294 H H    . PHE A 1 23 ? 3.423   8.409   4.019   1.00 6.45  ? 23  PHE A H    1 
ATOM   295 H HA   . PHE A 1 23 ? 3.154   8.604   1.324   1.00 5.07  ? 23  PHE A HA   1 
ATOM   296 H HB2  . PHE A 1 23 ? 4.789   10.344  2.843   1.00 4.64  ? 23  PHE A HB2  1 
ATOM   297 H HB3  . PHE A 1 23 ? 4.555   10.435  1.274   1.00 4.64  ? 23  PHE A HB3  1 
ATOM   298 H HD1  . PHE A 1 23 ? 3.164   11.319  4.359   1.00 5.05  ? 23  PHE A HD1  1 
ATOM   299 H HD2  . PHE A 1 23 ? 2.479   11.314  0.419   1.00 5.42  ? 23  PHE A HD2  1 
ATOM   300 H HE1  . PHE A 1 23 ? 1.391   12.773  4.659   1.00 6.85  ? 23  PHE A HE1  1 
ATOM   301 H HE2  . PHE A 1 23 ? 0.713   12.761  0.704   1.00 7.76  ? 23  PHE A HE2  1 
ATOM   302 H HZ   . PHE A 1 23 ? 0.173   13.492  2.838   1.00 7.45  ? 23  PHE A HZ   1 
ATOM   303 N N    . PRO A 1 24 ? 4.714   6.547   1.826   1.00 4.25  ? 24  PRO A N    1 
ATOM   304 C CA   . PRO A 1 24 ? 5.859   5.642   1.792   1.00 5.43  ? 24  PRO A CA   1 
ATOM   305 C C    . PRO A 1 24 ? 6.745   5.932   0.594   1.00 5.92  ? 24  PRO A C    1 
ATOM   306 O O    . PRO A 1 24 ? 6.259   6.156   -0.522  1.00 6.91  ? 24  PRO A O    1 
ATOM   307 C CB   . PRO A 1 24 ? 5.211   4.264   1.712   1.00 5.08  ? 24  PRO A CB   1 
ATOM   308 C CG   . PRO A 1 24 ? 3.887   4.516   1.060   1.00 4.79  ? 24  PRO A CG   1 
ATOM   309 C CD   . PRO A 1 24 ? 3.441   5.826   1.635   1.00 3.97  ? 24  PRO A CD   1 
ATOM   310 H HA   . PRO A 1 24 ? 6.377   5.712   2.609   1.00 6.53  ? 24  PRO A HA   1 
ATOM   311 H HB2  . PRO A 1 24 ? 5.757   3.674   1.168   1.00 6.11  ? 24  PRO A HB2  1 
ATOM   312 H HB3  . PRO A 1 24 ? 5.094   3.902   2.604   1.00 6.11  ? 24  PRO A HB3  1 
ATOM   313 H HG2  . PRO A 1 24 ? 3.999   4.579   0.098   1.00 5.76  ? 24  PRO A HG2  1 
ATOM   314 H HG3  . PRO A 1 24 ? 3.265   3.807   1.291   1.00 5.76  ? 24  PRO A HG3  1 
ATOM   315 H HD2  . PRO A 1 24 ? 2.875   6.298   1.004   1.00 4.78  ? 24  PRO A HD2  1 
ATOM   316 H HD3  . PRO A 1 24 ? 2.995   5.691   2.485   1.00 4.78  ? 24  PRO A HD3  1 
ATOM   317 N N    . GLY A 1 25 ? 8.050   5.938   0.837   1.00 5.96  ? 25  GLY A N    1 
ATOM   318 C CA   . GLY A 1 25 ? 9.008   6.054   -0.227  1.00 7.09  ? 25  GLY A CA   1 
ATOM   319 C C    . GLY A 1 25 ? 9.131   4.743   -0.977  1.00 6.57  ? 25  GLY A C    1 
ATOM   320 O O    . GLY A 1 25 ? 8.510   3.741   -0.639  1.00 5.40  ? 25  GLY A O    1 
ATOM   321 H H    . GLY A 1 25 ? 8.399   5.876   1.621   1.00 7.17  ? 25  GLY A H    1 
ATOM   322 H HA2  . GLY A 1 25 ? 8.729   6.745   -0.848  1.00 8.52  ? 25  GLY A HA2  1 
ATOM   323 H HA3  . GLY A 1 25 ? 9.876   6.290   0.137   1.00 8.52  ? 25  GLY A HA3  1 
ATOM   324 N N    . ILE A 1 26 ? 9.962   4.744   -2.019  1.00 6.56  ? 26  ILE A N    1 
ATOM   325 C CA   . ILE A 1 26 ? 10.010  3.566   -2.886  1.00 6.25  ? 26  ILE A CA   1 
ATOM   326 C C    . ILE A 1 26 ? 10.470  2.330   -2.110  1.00 6.42  ? 26  ILE A C    1 
ATOM   327 O O    . ILE A 1 26 ? 9.967   1.232   -2.342  1.00 6.83  ? 26  ILE A O    1 
ATOM   328 C CB   . ILE A 1 26 ? 10.884  3.841   -4.133  1.00 8.05  ? 26  ILE A CB   1 
ATOM   329 C CG1  . ILE A 1 26 ? 10.919  2.628   -5.049  1.00 7.88  ? 26  ILE A CG1  1 
ATOM   330 C CG2  . ILE A 1 26 ? 12.296  4.185   -3.779  1.00 10.13 ? 26  ILE A CG2  1 
ATOM   331 C CD1  . ILE A 1 26 ? 9.586   2.227   -5.584  1.00 8.38  ? 26  ILE A CD1  1 
ATOM   332 H H    . ILE A 1 26 ? 10.488  5.387   -2.240  1.00 7.89  ? 26  ILE A H    1 
ATOM   333 H HA   . ILE A 1 26 ? 9.110   3.386   -3.202  1.00 7.52  ? 26  ILE A HA   1 
ATOM   334 H HB   . ILE A 1 26 ? 10.498  4.584   -4.621  1.00 9.67  ? 26  ILE A HB   1 
ATOM   335 H HG12 . ILE A 1 26 ? 11.494  2.825   -5.805  1.00 9.47  ? 26  ILE A HG12 1 
ATOM   336 H HG13 . ILE A 1 26 ? 11.277  1.873   -4.554  1.00 9.47  ? 26  ILE A HG13 1 
ATOM   337 H HG21 . ILE A 1 26 ? 12.795  4.346   -4.595  1.00 12.18 ? 26  ILE A HG21 1 
ATOM   338 H HG22 . ILE A 1 26 ? 12.297  4.982   -3.227  1.00 12.18 ? 26  ILE A HG22 1 
ATOM   339 H HG23 . ILE A 1 26 ? 12.688  3.443   -3.291  1.00 12.18 ? 26  ILE A HG23 1 
ATOM   340 H HD11 . ILE A 1 26 ? 9.696   1.451   -6.156  1.00 10.08 ? 26  ILE A HD11 1 
ATOM   341 H HD12 . ILE A 1 26 ? 9.001   2.012   -4.842  1.00 10.08 ? 26  ILE A HD12 1 
ATOM   342 H HD13 . ILE A 1 26 ? 9.217   2.964   -6.095  1.00 10.08 ? 26  ILE A HD13 1 
ATOM   343 N N    . ALA A 1 27 ? 11.420  2.467   -1.188  1.00 5.90  ? 27  ALA A N    1 
ATOM   344 C CA   . ALA A 1 27 ? 11.874  1.287   -0.444  1.00 7.30  ? 27  ALA A CA   1 
ATOM   345 C C    . ALA A 1 27 ? 10.748  0.720   0.399   1.00 5.67  ? 27  ALA A C    1 
ATOM   346 O O    . ALA A 1 27 ? 10.540  -0.502  0.442   1.00 4.51  ? 27  ALA A O    1 
ATOM   347 C CB   . ALA A 1 27 ? 13.066  1.627   0.454   1.00 8.39  ? 27  ALA A CB   1 
ATOM   348 H H    . ALA A 1 27 ? 11.808  3.204   -0.976  1.00 7.09  ? 27  ALA A H    1 
ATOM   349 H HA   . ALA A 1 27 ? 12.154  0.603   -1.072  1.00 8.78  ? 27  ALA A HA   1 
ATOM   350 H HB1  . ALA A 1 27 ? 13.340  0.828   0.931   1.00 10.08 ? 27  ALA A HB1  1 
ATOM   351 H HB2  . ALA A 1 27 ? 13.795  1.949   -0.098  1.00 10.08 ? 27  ALA A HB2  1 
ATOM   352 H HB3  . ALA A 1 27 ? 12.800  2.314   1.086   1.00 10.08 ? 27  ALA A HB3  1 
ATOM   353 N N    . ALA A 1 28 ? 9.983   1.598   1.056   1.00 5.65  ? 28  ALA A N    1 
ATOM   354 C CA   . ALA A 1 28 ? 8.864   1.124   1.852   1.00 2.85  ? 28  ALA A CA   1 
ATOM   355 C C    . ALA A 1 28 ? 7.798   0.487   0.970   1.00 3.06  ? 28  ALA A C    1 
ATOM   356 O O    . ALA A 1 28 ? 7.175   -0.509  1.358   1.00 4.18  ? 28  ALA A O    1 
ATOM   357 C CB   . ALA A 1 28 ? 8.267   2.263   2.657   1.00 4.77  ? 28  ALA A CB   1 
ATOM   358 H H    . ALA A 1 28 ? 10.093  2.452   1.055   1.00 6.79  ? 28  ALA A H    1 
ATOM   359 H HA   . ALA A 1 28 ? 9.180   0.451   2.473   1.00 3.35  ? 28  ALA A HA   1 
ATOM   360 H HB1  . ALA A 1 28 ? 7.523   1.923   3.179   1.00 5.74  ? 28  ALA A HB1  1 
ATOM   361 H HB2  . ALA A 1 28 ? 8.948   2.623   3.247   1.00 5.74  ? 28  ALA A HB2  1 
ATOM   362 H HB3  . ALA A 1 28 ? 7.958   2.952   2.048   1.00 5.74  ? 28  ALA A HB3  1 
ATOM   363 N N    . ARG A 1 29 ? 7.547   1.070   -0.206  1.00 2.82  ? 29  ARG A N    1 
ATOM   364 C CA   . ARG A 1 29 ? 6.542   0.506   -1.102  1.00 2.78  ? 29  ARG A CA   1 
ATOM   365 C C    . ARG A 1 29 ? 6.971   -0.851  -1.628  1.00 2.78  ? 29  ARG A C    1 
ATOM   366 O O    . ARG A 1 29 ? 6.138   -1.746  -1.752  1.00 3.14  ? 29  ARG A O    1 
ATOM   367 C CB   . ARG A 1 29 ? 6.263   1.444   -2.275  1.00 3.65  ? 29  ARG A CB   1 
ATOM   368 C CG   . ARG A 1 29 ? 5.635   2.760   -1.882  1.00 4.62  ? 29  ARG A CG   1 
ATOM   369 C CD   . ARG A 1 29 ? 5.005   3.524   -3.031  1.00 7.45  ? 29  ARG A CD   1 
ATOM   370 N NE   . ARG A 1 29 ? 5.944   3.775   -4.121  1.00 7.80  ? 29  ARG A NE   1 
ATOM   371 C CZ   . ARG A 1 29 ? 6.691   4.860   -4.241  1.00 8.80  ? 29  ARG A CZ   1 
ATOM   372 N NH1  . ARG A 1 29 ? 6.682   5.785   -3.293  1.00 8.54  ? 29  ARG A NH1  1 
ATOM   373 N NH2  . ARG A 1 29 ? 7.485   4.989   -5.298  1.00 10.85 ? 29  ARG A NH2  1 
ATOM   374 H H    . ARG A 1 29 ? 7.938   1.778   -0.500  1.00 3.31  ? 29  ARG A H    1 
ATOM   375 H HA   . ARG A 1 29 ? 5.714   0.387   -0.610  1.00 3.26  ? 29  ARG A HA   1 
ATOM   376 H HB2  . ARG A 1 29 ? 7.101   1.639   -2.723  1.00 4.40  ? 29  ARG A HB2  1 
ATOM   377 H HB3  . ARG A 1 29 ? 5.658   1.000   -2.890  1.00 4.40  ? 29  ARG A HB3  1 
ATOM   378 H HG2  . ARG A 1 29 ? 4.940   2.589   -1.227  1.00 5.56  ? 29  ARG A HG2  1 
ATOM   379 H HG3  . ARG A 1 29 ? 6.319   3.326   -1.493  1.00 5.56  ? 29  ARG A HG3  1 
ATOM   380 H HD2  . ARG A 1 29 ? 4.264   3.008   -3.386  1.00 8.96  ? 29  ARG A HD2  1 
ATOM   381 H HD3  . ARG A 1 29 ? 4.688   4.381   -2.705  1.00 8.96  ? 29  ARG A HD3  1 
ATOM   382 H HE   . ARG A 1 29 ? 6.018   3.171   -4.728  1.00 9.37  ? 29  ARG A HE   1 
ATOM   383 H HH11 . ARG A 1 29 ? 6.162   5.699   -2.614  1.00 10.27 ? 29  ARG A HH11 1 
ATOM   384 H HH12 . ARG A 1 29 ? 7.178   6.484   -3.369  1.00 10.27 ? 29  ARG A HH12 1 
ATOM   385 H HH21 . ARG A 1 29 ? 7.499   4.377   -5.901  1.00 13.04 ? 29  ARG A HH21 1 
ATOM   386 H HH22 . ARG A 1 29 ? 7.994   5.678   -5.372  1.00 13.04 ? 29  ARG A HH22 1 
ATOM   387 N N    . GLU A 1 30 ? 8.258   -1.019  -1.960  1.00 2.83  ? 30  GLU A N    1 
ATOM   388 C CA   . GLU A 1 30 ? 8.729   -2.309  -2.414  1.00 3.07  ? 30  GLU A CA   1 
ATOM   389 C C    . GLU A 1 30 ? 8.630   -3.323  -1.286  1.00 2.89  ? 30  GLU A C    1 
ATOM   390 O O    . GLU A 1 30 ? 8.328   -4.497  -1.526  1.00 3.44  ? 30  GLU A O    1 
ATOM   391 C CB   . GLU A 1 30 ? 10.157  -2.189  -2.985  1.00 4.09  ? 30  GLU A CB   1 
ATOM   392 C CG   . GLU A 1 30 ? 10.146  -1.412  -4.307  1.00 7.25  ? 30  GLU A CG   1 
ATOM   393 C CD   . GLU A 1 30 ? 11.462  -1.313  -5.038  1.00 14.37 ? 30  GLU A CD   1 
ATOM   394 O OE1  . GLU A 1 30 ? 12.515  -1.439  -4.417  1.00 16.30 ? 30  GLU A OE1  1 
ATOM   395 O OE2  . GLU A 1 30 ? 11.399  -1.070  -6.256  1.00 18.24 ? 30  GLU A OE2  1 
ATOM   396 H H    . GLU A 1 30 ? 8.861   -0.406  -1.928  1.00 3.33  ? 30  GLU A H    1 
ATOM   397 H HA   . GLU A 1 30 ? 8.152   -2.613  -3.132  1.00 3.69  ? 30  GLU A HA   1 
ATOM   398 H HB2  . GLU A 1 30 ? 10.718  -1.712  -2.354  1.00 4.93  ? 30  GLU A HB2  1 
ATOM   399 H HB3  . GLU A 1 30 ? 10.513  -3.075  -3.153  1.00 4.93  ? 30  GLU A HB3  1 
ATOM   400 H HG2  . GLU A 1 30 ? 9.516   -1.841  -4.907  1.00 8.71  ? 30  GLU A HG2  1 
ATOM   401 H HG3  . GLU A 1 30 ? 9.851   -0.507  -4.125  1.00 8.71  ? 30  GLU A HG3  1 
ATOM   402 N N    . GLU A 1 31 ? 8.891   -2.899  -0.050  1.00 2.80  ? 31  GLU A N    1 
ATOM   403 C CA   . GLU A 1 31 ? 8.720   -3.817  1.072   1.00 2.76  ? 31  GLU A CA   1 
ATOM   404 C C    . GLU A 1 31 ? 7.257   -4.222  1.238   1.00 2.69  ? 31  GLU A C    1 
ATOM   405 O O    . GLU A 1 31 ? 6.962   -5.395  1.451   1.00 2.66  ? 31  GLU A O    1 
ATOM   406 C CB   . GLU A 1 31 ? 9.268   -3.203  2.361   1.00 4.11  ? 31  GLU A CB   1 
ATOM   407 C CG   . GLU A 1 31 ? 9.136   -4.179  3.531   1.00 4.35  ? 31  GLU A CG   1 
ATOM   408 C CD   . GLU A 1 31 ? 9.840   -3.773  4.794   1.00 4.81  ? 31  GLU A CD   1 
ATOM   409 O OE1  . GLU A 1 31 ? 10.507  -2.745  4.831   1.00 5.95  ? 31  GLU A OE1  1 
ATOM   410 O OE2  . GLU A 1 31 ? 9.688   -4.536  5.769   1.00 4.42  ? 31  GLU A OE2  1 
ATOM   411 H H    . GLU A 1 31 ? 9.159   -2.109  0.161   1.00 3.29  ? 31  GLU A H    1 
ATOM   412 H HA   . GLU A 1 31 ? 9.229   -4.623  0.892   1.00 3.24  ? 31  GLU A HA   1 
ATOM   413 H HB2  . GLU A 1 31 ? 10.207  -2.991  2.243   1.00 4.95  ? 31  GLU A HB2  1 
ATOM   414 H HB3  . GLU A 1 31 ? 8.765   -2.401  2.574   1.00 4.95  ? 31  GLU A HB3  1 
ATOM   415 H HG2  . GLU A 1 31 ? 8.195   -4.281  3.742   1.00 5.24  ? 31  GLU A HG2  1 
ATOM   416 H HG3  . GLU A 1 31 ? 9.501   -5.036  3.258   1.00 5.24  ? 31  GLU A HG3  1 
ATOM   417 N N    . LEU A 1 32 ? 6.316   -3.267  1.136   1.00 2.66  ? 32  LEU A N    1 
ATOM   418 C CA   . LEU A 1 32 ? 4.904   -3.617  1.229   1.00 2.60  ? 32  LEU A CA   1 
ATOM   419 C C    . LEU A 1 32 ? 4.482   -4.529  0.084   1.00 2.59  ? 32  LEU A C    1 
ATOM   420 O O    . LEU A 1 32 ? 3.632   -5.425  0.267   1.00 2.82  ? 32  LEU A O    1 
ATOM   421 C CB   . LEU A 1 32 ? 4.064   -2.350  1.250   1.00 2.59  ? 32  LEU A CB   1 
ATOM   422 C CG   . LEU A 1 32 ? 4.166   -1.573  2.555   1.00 2.72  ? 32  LEU A CG   1 
ATOM   423 C CD1  . LEU A 1 32 ? 3.534   -0.189  2.313   1.00 3.71  ? 32  LEU A CD1  1 
ATOM   424 C CD2  . LEU A 1 32 ? 3.479   -2.323  3.706   1.00 3.87  ? 32  LEU A CD2  1 
ATOM   425 H H    . LEU A 1 32 ? 6.472   -2.431  1.016   1.00 3.13  ? 32  LEU A H    1 
ATOM   426 H HA   . LEU A 1 32 ? 4.750   -4.091  2.061   1.00 3.05  ? 32  LEU A HA   1 
ATOM   427 H HB2  . LEU A 1 32 ? 4.359   -1.766  0.533   1.00 3.04  ? 32  LEU A HB2  1 
ATOM   428 H HB3  . LEU A 1 32 ? 3.133   -2.589  1.117   1.00 3.04  ? 32  LEU A HB3  1 
ATOM   429 H HG   . LEU A 1 32 ? 5.100   -1.449  2.785   1.00 3.28  ? 32  LEU A HG   1 
ATOM   430 H HD11 . LEU A 1 32 ? 3.585   0.329   3.131   1.00 4.46  ? 32  LEU A HD11 1 
ATOM   431 H HD12 . LEU A 1 32 ? 4.021   0.261   1.606   1.00 4.46  ? 32  LEU A HD12 1 
ATOM   432 H HD13 . LEU A 1 32 ? 2.607   -0.306  2.053   1.00 4.46  ? 32  LEU A HD13 1 
ATOM   433 H HD21 . LEU A 1 32 ? 3.564   -1.801  4.519   1.00 4.66  ? 32  LEU A HD21 1 
ATOM   434 H HD22 . LEU A 1 32 ? 2.541   -2.445  3.487   1.00 4.66  ? 32  LEU A HD22 1 
ATOM   435 H HD23 . LEU A 1 32 ? 3.907   -3.186  3.821   1.00 4.66  ? 32  LEU A HD23 1 
ATOM   436 N N    . ALA A 1 33 ? 5.097   -4.344  -1.096  1.00 2.64  ? 33  ALA A N    1 
ATOM   437 C CA   . ALA A 1 33 ? 4.864   -5.238  -2.221  1.00 2.64  ? 33  ALA A CA   1 
ATOM   438 C C    . ALA A 1 33 ? 5.253   -6.663  -1.849  1.00 2.94  ? 33  ALA A C    1 
ATOM   439 O O    . ALA A 1 33 ? 4.480   -7.610  -2.019  1.00 3.64  ? 33  ALA A O    1 
ATOM   440 C CB   . ALA A 1 33 ? 5.669   -4.738  -3.428  1.00 3.65  ? 33  ALA A CB   1 
ATOM   441 H H    . ALA A 1 33 ? 5.650   -3.706  -1.262  1.00 3.09  ? 33  ALA A H    1 
ATOM   442 H HA   . ALA A 1 33 ? 3.922   -5.227  -2.454  1.00 3.10  ? 33  ALA A HA   1 
ATOM   443 H HB1  . ALA A 1 33 ? 5.515   -5.333  -4.177  1.00 4.40  ? 33  ALA A HB1  1 
ATOM   444 H HB2  . ALA A 1 33 ? 5.376   -3.840  -3.651  1.00 4.40  ? 33  ALA A HB2  1 
ATOM   445 H HB3  . ALA A 1 33 ? 6.611   -4.732  -3.198  1.00 4.40  ? 33  ALA A HB3  1 
ATOM   446 N N    . ARG A 1 34 ? 6.446   -6.838  -1.299  1.00 2.67  ? 34  ARG A N    1 
ATOM   447 C CA   . ARG A 1 34 ? 6.868   -8.165  -0.879  1.00 3.73  ? 34  ARG A CA   1 
ATOM   448 C C    . ARG A 1 34 ? 6.000   -8.729  0.238   1.00 3.75  ? 34  ARG A C    1 
ATOM   449 O O    . ARG A 1 34 ? 5.711   -9.926  0.244   1.00 4.95  ? 34  ARG A O    1 
ATOM   450 C CB   . ARG A 1 34 ? 8.324   -8.130  -0.422  1.00 4.43  ? 34  ARG A CB   1 
ATOM   451 C CG   . ARG A 1 34 ? 9.330   -7.918  -1.572  1.00 6.10  ? 34  ARG A CG   1 
ATOM   452 C CD   . ARG A 1 34 ? 10.772  -8.058  -1.143  1.00 8.53  ? 34  ARG A CD   1 
ATOM   453 N NE   . ARG A 1 34 ? 11.189  -6.957  -0.296  1.00 9.21  ? 34  ARG A NE   1 
ATOM   454 C CZ   . ARG A 1 34 ? 11.619  -5.773  -0.749  1.00 10.21 ? 34  ARG A CZ   1 
ATOM   455 N NH1  . ARG A 1 34 ? 11.684  -5.499  -2.058  1.00 10.93 ? 34  ARG A NH1  1 
ATOM   456 N NH2  . ARG A 1 34 ? 11.978  -4.843  0.121   1.00 7.78  ? 34  ARG A NH2  1 
ATOM   457 H H    . ARG A 1 34 ? 7.022   -6.214  -1.157  1.00 3.13  ? 34  ARG A H    1 
ATOM   458 H HA   . ARG A 1 34 ? 6.807   -8.768  -1.638  1.00 4.49  ? 34  ARG A HA   1 
ATOM   459 H HB2  . ARG A 1 34 ? 8.437   -7.401  0.209   1.00 5.33  ? 34  ARG A HB2  1 
ATOM   460 H HB3  . ARG A 1 34 ? 8.538   -8.973  0.007   1.00 5.33  ? 34  ARG A HB3  1 
ATOM   461 H HG2  . ARG A 1 34 ? 9.160   -8.577  -2.263  1.00 7.33  ? 34  ARG A HG2  1 
ATOM   462 H HG3  . ARG A 1 34 ? 9.211   -7.025  -1.932  1.00 7.33  ? 34  ARG A HG3  1 
ATOM   463 H HD2  . ARG A 1 34 ? 10.878  -8.883  -0.643  1.00 10.25 ? 34  ARG A HD2  1 
ATOM   464 H HD3  . ARG A 1 34 ? 11.339  -8.068  -1.929  1.00 10.25 ? 34  ARG A HD3  1 
ATOM   465 H HE   . ARG A 1 34 ? 11.158  -7.074  0.556   1.00 11.07 ? 34  ARG A HE   1 
ATOM   466 H HH11 . ARG A 1 34 ? 11.453  -6.095  -2.634  1.00 13.12 ? 34  ARG A HH11 1 
ATOM   467 H HH12 . ARG A 1 34 ? 11.961  -4.730  -2.323  1.00 13.12 ? 34  ARG A HH12 1 
ATOM   468 H HH21 . ARG A 1 34 ? 11.938  -5.006  0.964   1.00 9.34  ? 34  ARG A HH21 1 
ATOM   469 H HH22 . ARG A 1 34 ? 12.251  -4.076  -0.157  1.00 9.34  ? 34  ARG A HH22 1 
ATOM   470 N N    . GLU A 1 35 ? 5.603   -7.894  1.208   1.00 3.43  ? 35  GLU A N    1 
ATOM   471 C CA   . GLU A 1 35 ? 4.779   -8.374  2.316   1.00 3.98  ? 35  GLU A CA   1 
ATOM   472 C C    . GLU A 1 35 ? 3.458   -8.928  1.814   1.00 4.20  ? 35  GLU A C    1 
ATOM   473 O O    . GLU A 1 35 ? 2.950   -9.931  2.337   1.00 5.47  ? 35  GLU A O    1 
ATOM   474 C CB   . GLU A 1 35 ? 4.496   -7.237  3.309   1.00 5.45  ? 35  GLU A CB   1 
ATOM   475 C CG   . GLU A 1 35 ? 5.658   -6.746  4.134   1.00 7.00  ? 35  GLU A CG   1 
ATOM   476 C CD   . GLU A 1 35 ? 5.248   -5.704  5.168   1.00 8.68  ? 35  GLU A CD   1 
ATOM   477 O OE1  . GLU A 1 35 ? 4.131   -5.842  5.714   1.00 8.17  ? 35  GLU A OE1  1 
ATOM   478 O OE2  . GLU A 1 35 ? 6.035   -4.759  5.453   1.00 8.40  ? 35  GLU A OE2  1 
ATOM   479 H H    . GLU A 1 35 ? 5.798   -7.058  1.245   1.00 4.13  ? 35  GLU A H    1 
ATOM   480 H HA   . GLU A 1 35 ? 5.249   -9.081  2.784   1.00 4.80  ? 35  GLU A HA   1 
ATOM   481 H HB2  . GLU A 1 35 ? 4.159   -6.478  2.810   1.00 6.55  ? 35  GLU A HB2  1 
ATOM   482 H HB3  . GLU A 1 35 ? 3.814   -7.542  3.928   1.00 6.55  ? 35  GLU A HB3  1 
ATOM   483 H HG2  . GLU A 1 35 ? 6.051   -7.498  4.604   1.00 8.41  ? 35  GLU A HG2  1 
ATOM   484 H HG3  . GLU A 1 35 ? 6.314   -6.343  3.546   1.00 8.41  ? 35  GLU A HG3  1 
ATOM   485 N N    . THR A 1 36 ? 2.854   -8.240  0.848   1.00 2.49  ? 36  THR A N    1 
ATOM   486 C CA   . THR A 1 36 ? 1.510   -8.551  0.386   1.00 3.13  ? 36  THR A CA   1 
ATOM   487 C C    . THR A 1 36 ? 1.457   -9.504  -0.790  1.00 5.52  ? 36  THR A C    1 
ATOM   488 O O    . THR A 1 36 ? 0.373   -10.045 -1.065  1.00 5.17  ? 36  THR A O    1 
ATOM   489 C CB   . THR A 1 36 ? 0.757   -7.281  -0.047  1.00 3.87  ? 36  THR A CB   1 
ATOM   490 O OG1  . THR A 1 36 ? 1.527   -6.596  -1.044  1.00 3.53  ? 36  THR A OG1  1 
ATOM   491 C CG2  . THR A 1 36 ? 0.522   -6.360  1.101   1.00 4.72  ? 36  THR A CG2  1 
ATOM   492 H H    . THR A 1 36 ? 3.213   -7.575  0.438   1.00 2.95  ? 36  THR A H    1 
ATOM   493 H HA   . THR A 1 36 ? 1.016   -8.955  1.116   1.00 3.77  ? 36  THR A HA   1 
ATOM   494 H HB   . THR A 1 36 ? -0.103  -7.528  -0.420  1.00 4.66  ? 36  THR A HB   1 
ATOM   495 H HG1  . THR A 1 36 ? 2.276   -6.383  -0.733  1.00 4.25  ? 36  THR A HG1  1 
ATOM   496 H HG21 . THR A 1 36 ? 0.047   -5.569  0.800   1.00 5.68  ? 36  THR A HG21 1 
ATOM   497 H HG22 . THR A 1 36 ? -0.007  -6.805  1.781   1.00 5.68  ? 36  THR A HG22 1 
ATOM   498 H HG23 . THR A 1 36 ? 1.370   -6.089  1.488   1.00 5.68  ? 36  THR A HG23 1 
ATOM   499 N N    . GLY A 1 37 ? 2.567   -9.690  -1.507  1.00 5.14  ? 37  GLY A N    1 
ATOM   500 C CA   . GLY A 1 37 ? 2.527   -10.412 -2.765  1.00 3.75  ? 37  GLY A CA   1 
ATOM   501 C C    . GLY A 1 37 ? 1.946   -9.620  -3.914  1.00 5.07  ? 37  GLY A C    1 
ATOM   502 O O    . GLY A 1 37 ? 1.511   -10.213 -4.906  1.00 6.70  ? 37  GLY A O    1 
ATOM   503 H H    . GLY A 1 37 ? 3.347   -9.407  -1.284  1.00 6.18  ? 37  GLY A H    1 
ATOM   504 H HA2  . GLY A 1 37 ? 3.428   -10.676 -3.008  1.00 4.51  ? 37  GLY A HA2  1 
ATOM   505 H HA3  . GLY A 1 37 ? 1.996   -11.216 -2.654  1.00 4.51  ? 37  GLY A HA3  1 
ATOM   506 N N    . LEU A 1 38 ? 1.937   -8.268  -3.822  1.00 4.17  ? 38  LEU A N    1 
ATOM   507 C CA   . LEU A 1 38 ? 1.442   -7.394  -4.864  1.00 4.38  ? 38  LEU A CA   1 
ATOM   508 C C    . LEU A 1 38 ? 2.607   -6.759  -5.605  1.00 5.09  ? 38  LEU A C    1 
ATOM   509 O O    . LEU A 1 38 ? 3.692   -6.583  -5.042  1.00 5.38  ? 38  LEU A O    1 
ATOM   510 C CB   . LEU A 1 38 ? 0.582   -6.280  -4.262  1.00 4.46  ? 38  LEU A CB   1 
ATOM   511 C CG   . LEU A 1 38 ? -0.737  -6.719  -3.670  1.00 3.67  ? 38  LEU A CG   1 
ATOM   512 C CD1  . LEU A 1 38 ? -1.337  -5.591  -2.877  1.00 5.99  ? 38  LEU A CD1  1 
ATOM   513 C CD2  . LEU A 1 38 ? -1.637  -7.179  -4.826  1.00 5.98  ? 38  LEU A CD2  1 
ATOM   514 H H    . LEU A 1 38 ? 2.227   -7.839  -3.134  1.00 5.02  ? 38  LEU A H    1 
ATOM   515 H HA   . LEU A 1 38 ? 0.906   -7.902  -5.494  1.00 5.27  ? 38  LEU A HA   1 
ATOM   516 H HB2  . LEU A 1 38 ? 1.088   -5.850  -3.554  1.00 5.36  ? 38  LEU A HB2  1 
ATOM   517 H HB3  . LEU A 1 38 ? 0.387   -5.633  -4.959  1.00 5.36  ? 38  LEU A HB3  1 
ATOM   518 H HG   . LEU A 1 38 ? -0.590  -7.471  -3.075  1.00 4.42  ? 38  LEU A HG   1 
ATOM   519 H HD11 . LEU A 1 38 ? -2.182  -5.884  -2.503  1.00 7.20  ? 38  LEU A HD11 1 
ATOM   520 H HD12 . LEU A 1 38 ? -0.725  -5.346  -2.165  1.00 7.20  ? 38  LEU A HD12 1 
ATOM   521 H HD13 . LEU A 1 38 ? -1.480  -4.834  -3.466  1.00 7.20  ? 38  LEU A HD13 1 
ATOM   522 H HD21 . LEU A 1 38 ? -2.490  -7.466  -4.466  1.00 7.19  ? 38  LEU A HD21 1 
ATOM   523 H HD22 . LEU A 1 38 ? -1.767  -6.438  -5.437  1.00 7.19  ? 38  LEU A HD22 1 
ATOM   524 H HD23 . LEU A 1 38 ? -1.206  -7.917  -5.286  1.00 7.19  ? 38  LEU A HD23 1 
ATOM   525 N N    . PRO A 1 39 ? 2.451   -6.400  -6.865  1.00 3.35  ? 39  PRO A N    1 
ATOM   526 C CA   . PRO A 1 39 ? 3.478   -5.592  -7.511  1.00 3.16  ? 39  PRO A CA   1 
ATOM   527 C C    . PRO A 1 39 ? 3.606   -4.235  -6.839  1.00 2.72  ? 39  PRO A C    1 
ATOM   528 O O    . PRO A 1 39 ? 2.622   -3.668  -6.363  1.00 3.49  ? 39  PRO A O    1 
ATOM   529 C CB   . PRO A 1 39 ? 2.959   -5.433  -8.941  1.00 5.12  ? 39  PRO A CB   1 
ATOM   530 C CG   . PRO A 1 39 ? 1.794   -6.358  -9.078  1.00 6.90  ? 39  PRO A CG   1 
ATOM   531 C CD   . PRO A 1 39 ? 1.287   -6.656  -7.718  1.00 4.01  ? 39  PRO A CD   1 
ATOM   532 H HA   . PRO A 1 39 ? 4.334   -6.049  -7.513  1.00 3.80  ? 39  PRO A HA   1 
ATOM   533 H HB2  . PRO A 1 39 ? 2.680   -4.514  -9.083  1.00 6.15  ? 39  PRO A HB2  1 
ATOM   534 H HB3  . PRO A 1 39 ? 3.659   -5.676  -9.567  1.00 6.15  ? 39  PRO A HB3  1 
ATOM   535 H HG2  . PRO A 1 39 ? 1.104   -5.925  -9.604  1.00 8.29  ? 39  PRO A HG2  1 
ATOM   536 H HG3  . PRO A 1 39 ? 2.086   -7.174  -9.513  1.00 8.29  ? 39  PRO A HG3  1 
ATOM   537 H HD2  . PRO A 1 39 ? 0.560   -6.057  -7.487  1.00 4.83  ? 39  PRO A HD2  1 
ATOM   538 H HD3  . PRO A 1 39 ? 1.019   -7.586  -7.654  1.00 4.83  ? 39  PRO A HD3  1 
ATOM   539 N N    . GLU A 1 40 ? 4.825   -3.698  -6.860  1.00 4.44  ? 40  GLU A N    1 
ATOM   540 C CA   . GLU A 1 40 ? 5.057   -2.365  -6.319  1.00 4.59  ? 40  GLU A CA   1 
ATOM   541 C C    . GLU A 1 40 ? 4.159   -1.327  -6.978  1.00 4.47  ? 40  GLU A C    1 
ATOM   542 O O    . GLU A 1 40 ? 3.651   -0.427  -6.294  1.00 3.99  ? 40  GLU A O    1 
ATOM   543 C CB   . GLU A 1 40 ? 6.532   -1.981  -6.445  1.00 4.65  ? 40  GLU A CB   1 
ATOM   544 C CG   . GLU A 1 40 ? 6.841   -0.654  -5.772  1.00 8.34  ? 40  GLU A CG   1 
ATOM   545 C CD   . GLU A 1 40 ? 6.435   0.571   -6.581  1.00 10.24 ? 40  GLU A CD   1 
ATOM   546 O OE1  . GLU A 1 40 ? 6.408   0.484   -7.840  1.00 9.34  ? 40  GLU A OE1  1 
ATOM   547 O OE2  . GLU A 1 40 ? 6.148   1.624   -5.948  1.00 9.55  ? 40  GLU A OE2  1 
ATOM   548 H H    . GLU A 1 40 ? 5.526   -4.081  -7.178  1.00 5.34  ? 40  GLU A H    1 
ATOM   549 H HA   . GLU A 1 40 ? 4.840   -2.377  -5.374  1.00 5.53  ? 40  GLU A HA   1 
ATOM   550 H HB2  . GLU A 1 40 ? 7.075   -2.666  -6.024  1.00 5.59  ? 40  GLU A HB2  1 
ATOM   551 H HB3  . GLU A 1 40 ? 6.762   -1.904  -7.384  1.00 5.59  ? 40  GLU A HB3  1 
ATOM   552 H HG2  . GLU A 1 40 ? 6.367   -0.617  -4.926  1.00 10.02 ? 40  GLU A HG2  1 
ATOM   553 H HG3  . GLU A 1 40 ? 7.795   -0.601  -5.614  1.00 10.02 ? 40  GLU A HG3  1 
ATOM   554 N N    . SER A 1 41 ? 3.951   -1.418  -8.299  1.00 5.41  ? 41  SER A N    1 
ATOM   555 C CA   . SER A 1 41 ? 3.114   -0.418  -8.948  1.00 5.49  ? 41  SER A CA   1 
ATOM   556 C C    . SER A 1 41 ? 1.699   -0.452  -8.397  1.00 5.33  ? 41  SER A C    1 
ATOM   557 O O    . SER A 1 41 ? 1.022   0.589   -8.366  1.00 4.49  ? 41  SER A O    1 
ATOM   558 C CB   . SER A 1 41 ? 3.096   -0.619  -10.455 1.00 6.69  ? 41  SER A CB   1 
ATOM   559 O OG   . SER A 1 41 ? 2.665   -1.928  -10.848 1.00 7.44  ? 41  SER A OG   1 
ATOM   560 H H    . SER A 1 41 ? 4.270   -2.026  -8.816  1.00 6.50  ? 41  SER A H    1 
ATOM   561 H HA   . SER A 1 41 ? 3.482   0.461   -8.770  1.00 6.61  ? 41  SER A HA   1 
ATOM   562 H HB2  . SER A 1 41 ? 2.493   0.033   -10.844 1.00 8.04  ? 41  SER A HB2  1 
ATOM   563 H HB3  . SER A 1 41 ? 3.993   -0.475  -10.794 1.00 8.04  ? 41  SER A HB3  1 
ATOM   564 H HG   . SER A 1 41 ? 2.671   -1.992  -11.686 1.00 8.95  ? 41  SER A HG   1 
ATOM   565 N N    . ARG A 1 42 ? 1.222   -1.644  -8.006  1.00 3.92  ? 42  ARG A N    1 
ATOM   566 C CA   . ARG A 1 42 ? -0.113  -1.768  -7.445  1.00 3.91  ? 42  ARG A CA   1 
ATOM   567 C C    . ARG A 1 42 ? -0.171  -1.170  -6.053  1.00 3.28  ? 42  ARG A C    1 
ATOM   568 O O    . ARG A 1 42 ? -1.199  -0.592  -5.679  1.00 3.92  ? 42  ARG A O    1 
ATOM   569 C CB   . ARG A 1 42 ? -0.525  -3.229  -7.404  1.00 3.75  ? 42  ARG A CB   1 
ATOM   570 C CG   . ARG A 1 42 ? -1.949  -3.446  -6.867  1.00 4.69  ? 42  ARG A CG   1 
ATOM   571 C CD   . ARG A 1 42 ? -2.972  -2.877  -7.872  1.00 6.21  ? 42  ARG A CD   1 
ATOM   572 N NE   . ARG A 1 42 ? -4.353  -2.972  -7.461  1.00 6.44  ? 42  ARG A NE   1 
ATOM   573 C CZ   . ARG A 1 42 ? -4.987  -2.095  -6.700  1.00 7.44  ? 42  ARG A CZ   1 
ATOM   574 N NH1  . ARG A 1 42 ? -4.365  -1.028  -6.199  1.00 6.81  ? 42  ARG A NH1  1 
ATOM   575 N NH2  . ARG A 1 42 ? -6.269  -2.296  -6.441  1.00 7.69  ? 42  ARG A NH2  1 
ATOM   576 H H    . ARG A 1 42 ? 1.656   -2.385  -8.059  1.00 4.72  ? 42  ARG A H    1 
ATOM   577 H HA   . ARG A 1 42 ? -0.742  -1.290  -8.008  1.00 4.70  ? 42  ARG A HA   1 
ATOM   578 H HB2  . ARG A 1 42 ? -0.487  -3.591  -8.303  1.00 4.51  ? 42  ARG A HB2  1 
ATOM   579 H HB3  . ARG A 1 42 ? 0.088   -3.712  -6.827  1.00 4.51  ? 42  ARG A HB3  1 
ATOM   580 H HG2  . ARG A 1 42 ? -2.116  -4.396  -6.760  1.00 5.64  ? 42  ARG A HG2  1 
ATOM   581 H HG3  . ARG A 1 42 ? -2.054  -2.983  -6.022  1.00 5.64  ? 42  ARG A HG3  1 
ATOM   582 H HD2  . ARG A 1 42 ? -2.773  -1.939  -8.015  1.00 7.46  ? 42  ARG A HD2  1 
ATOM   583 H HD3  . ARG A 1 42 ? -2.882  -3.359  -8.709  1.00 7.46  ? 42  ARG A HD3  1 
ATOM   584 H HE   . ARG A 1 42 ? -4.799  -3.654  -7.733  1.00 7.74  ? 42  ARG A HE   1 
ATOM   585 H HH11 . ARG A 1 42 ? -3.534  -0.891  -6.376  1.00 8.18  ? 42  ARG A HH11 1 
ATOM   586 H HH12 . ARG A 1 42 ? -4.795  -0.472  -5.702  1.00 8.18  ? 42  ARG A HH12 1 
ATOM   587 H HH21 . ARG A 1 42 ? -6.667  -2.990  -6.756  1.00 9.24  ? 42  ARG A HH21 1 
ATOM   588 H HH22 . ARG A 1 42 ? -6.696  -1.747  -5.935  1.00 9.24  ? 42  ARG A HH22 1 
ATOM   589 N N    . ILE A 1 43 ? 0.930   -1.257  -5.296  1.00 3.14  ? 43  ILE A N    1 
ATOM   590 C CA   . ILE A 1 43 ? 1.023   -0.605  -3.989  1.00 3.05  ? 43  ILE A CA   1 
ATOM   591 C C    . ILE A 1 43 ? 0.953   0.902   -4.168  1.00 3.03  ? 43  ILE A C    1 
ATOM   592 O O    . ILE A 1 43 ? 0.244   1.606   -3.441  1.00 3.80  ? 43  ILE A O    1 
ATOM   593 C CB   . ILE A 1 43 ? 2.320   -1.009  -3.268  1.00 4.35  ? 43  ILE A CB   1 
ATOM   594 C CG1  . ILE A 1 43 ? 2.413   -2.491  -2.966  1.00 4.48  ? 43  ILE A CG1  1 
ATOM   595 C CG2  . ILE A 1 43 ? 2.539   -0.211  -1.965  1.00 4.46  ? 43  ILE A CG2  1 
ATOM   596 C CD1  . ILE A 1 43 ? 1.362   -2.995  -2.111  1.00 4.40  ? 43  ILE A CD1  1 
ATOM   597 H H    . ILE A 1 43 ? 1.637   -1.691  -5.521  1.00 3.70  ? 43  ILE A H    1 
ATOM   598 H HA   . ILE A 1 43 ? 0.273   -0.880  -3.440  1.00 3.59  ? 43  ILE A HA   1 
ATOM   599 H HB   . ILE A 1 43 ? 3.055   -0.792  -3.862  1.00 5.23  ? 43  ILE A HB   1 
ATOM   600 H HG12 . ILE A 1 43 ? 2.373   -2.980  -3.802  1.00 5.39  ? 43  ILE A HG12 1 
ATOM   601 H HG13 . ILE A 1 43 ? 3.260   -2.666  -2.526  1.00 5.39  ? 43  ILE A HG13 1 
ATOM   602 H HG21 . ILE A 1 43 ? 3.366   -0.503  -1.551  1.00 5.36  ? 43  ILE A HG21 1 
ATOM   603 H HG22 . ILE A 1 43 ? 2.591   0.733   -2.178  1.00 5.36  ? 43  ILE A HG22 1 
ATOM   604 H HG23 . ILE A 1 43 ? 1.794   -0.375  -1.365  1.00 5.36  ? 43  ILE A HG23 1 
ATOM   605 H HD11 . ILE A 1 43 ? 1.497   -3.944  -1.971  1.00 5.29  ? 43  ILE A HD11 1 
ATOM   606 H HD12 . ILE A 1 43 ? 1.395   -2.526  -1.262  1.00 5.29  ? 43  ILE A HD12 1 
ATOM   607 H HD13 . ILE A 1 43 ? 0.506   -2.842  -2.541  1.00 5.29  ? 43  ILE A HD13 1 
ATOM   608 N N    . GLN A 1 44 ? 1.715   1.410   -5.129  1.00 3.01  ? 44  GLN A N    1 
ATOM   609 C CA   . GLN A 1 44 ? 1.711   2.842   -5.388  1.00 4.76  ? 44  GLN A CA   1 
ATOM   610 C C    . GLN A 1 44 ? 0.318   3.326   -5.779  1.00 4.95  ? 44  GLN A C    1 
ATOM   611 O O    . GLN A 1 44 ? -0.153  4.342   -5.266  1.00 5.71  ? 44  GLN A O    1 
ATOM   612 C CB   . GLN A 1 44 ? 2.737   3.168   -6.467  1.00 8.19  ? 44  GLN A CB   1 
ATOM   613 C CG   . GLN A 1 44 ? 2.699   4.616   -6.864  1.00 13.29 ? 44  GLN A CG   1 
ATOM   614 C CD   . GLN A 1 44 ? 3.868   5.003   -7.681  1.00 22.71 ? 44  GLN A CD   1 
ATOM   615 O OE1  . GLN A 1 44 ? 4.064   4.471   -8.771  1.00 27.18 ? 44  GLN A OE1  1 
ATOM   616 N NE2  . GLN A 1 44 ? 4.666   5.942   -7.172  1.00 23.22 ? 44  GLN A NE2  1 
ATOM   617 H H    . GLN A 1 44 ? 2.237   0.955   -5.637  1.00 3.54  ? 44  GLN A H    1 
ATOM   618 H HA   . GLN A 1 44 ? 1.972   3.308   -4.579  1.00 5.73  ? 44  GLN A HA   1 
ATOM   619 H HB2  . GLN A 1 44 ? 3.625   2.969   -6.133  1.00 9.85  ? 44  GLN A HB2  1 
ATOM   620 H HB3  . GLN A 1 44 ? 2.549   2.634   -7.256  1.00 9.85  ? 44  GLN A HB3  1 
ATOM   621 H HG2  . GLN A 1 44 ? 1.898   4.782   -7.385  1.00 15.96 ? 44  GLN A HG2  1 
ATOM   622 H HG3  . GLN A 1 44 ? 2.695   5.164   -6.063  1.00 15.96 ? 44  GLN A HG3  1 
ATOM   623 H HE21 . GLN A 1 44 ? 4.488   6.290   -6.407  1.00 27.88 ? 44  GLN A HE21 1 
ATOM   624 H HE22 . GLN A 1 44 ? 5.359   6.201   -7.611  1.00 27.88 ? 44  GLN A HE22 1 
ATOM   625 N N    . ILE A 1 45 ? -0.353  2.613   -6.685  1.00 4.35  ? 45  ILE A N    1 
ATOM   626 C CA   . ILE A 1 45 ? -1.704  2.992   -7.074  1.00 4.60  ? 45  ILE A CA   1 
ATOM   627 C C    . ILE A 1 45 ? -2.630  3.007   -5.858  1.00 3.40  ? 45  ILE A C    1 
ATOM   628 O O    . ILE A 1 45 ? -3.472  3.896   -5.713  1.00 4.71  ? 45  ILE A O    1 
ATOM   629 C CB   . ILE A 1 45 ? -2.227  2.047   -8.176  1.00 6.96  ? 45  ILE A CB   1 
ATOM   630 C CG1  . ILE A 1 45 ? -1.532  2.366   -9.491  1.00 9.33  ? 45  ILE A CG1  1 
ATOM   631 C CG2  . ILE A 1 45 ? -3.710  2.208   -8.374  1.00 6.77  ? 45  ILE A CG2  1 
ATOM   632 C CD1  . ILE A 1 45 ? -1.597  1.268   -10.476 1.00 9.98  ? 45  ILE A CD1  1 
ATOM   633 H H    . ILE A 1 45 ? -0.049  1.914   -7.084  1.00 5.24  ? 45  ILE A H    1 
ATOM   634 H HA   . ILE A 1 45 ? -1.683  3.890   -7.440  1.00 5.53  ? 45  ILE A HA   1 
ATOM   635 H HB   . ILE A 1 45 ? -2.036  1.129   -7.928  1.00 8.36  ? 45  ILE A HB   1 
ATOM   636 H HG12 . ILE A 1 45 ? -1.954  3.146   -9.887  1.00 11.20 ? 45  ILE A HG12 1 
ATOM   637 H HG13 . ILE A 1 45 ? -0.597  2.552   -9.314  1.00 11.20 ? 45  ILE A HG13 1 
ATOM   638 H HG21 . ILE A 1 45 ? -4.003  1.601   -9.071  1.00 8.14  ? 45  ILE A HG21 1 
ATOM   639 H HG22 . ILE A 1 45 ? -4.164  2.001   -7.542  1.00 8.14  ? 45  ILE A HG22 1 
ATOM   640 H HG23 . ILE A 1 45 ? -3.896  3.124   -8.633  1.00 8.14  ? 45  ILE A HG23 1 
ATOM   641 H HD11 . ILE A 1 45 ? -1.136  1.541   -11.284 1.00 11.99 ? 45  ILE A HD11 1 
ATOM   642 H HD12 . ILE A 1 45 ? -1.169  0.482   -10.101 1.00 11.99 ? 45  ILE A HD12 1 
ATOM   643 H HD13 . ILE A 1 45 ? -2.527  1.076   -10.673 1.00 11.99 ? 45  ILE A HD13 1 
ATOM   644 N N    . TRP A 1 46 ? -2.519  1.993   -4.991  1.00 3.36  ? 46  TRP A N    1 
ATOM   645 C CA   . TRP A 1 46 ? -3.390  1.918   -3.819  1.00 3.38  ? 46  TRP A CA   1 
ATOM   646 C C    . TRP A 1 46 ? -3.201  3.129   -2.911  1.00 3.38  ? 46  TRP A C    1 
ATOM   647 O O    . TRP A 1 46 ? -4.180  3.722   -2.432  1.00 3.56  ? 46  TRP A O    1 
ATOM   648 C CB   . TRP A 1 46 ? -3.148  0.594   -3.062  1.00 3.34  ? 46  TRP A CB   1 
ATOM   649 C CG   . TRP A 1 46 ? -4.123  0.307   -1.957  1.00 3.65  ? 46  TRP A CG   1 
ATOM   650 C CD1  . TRP A 1 46 ? -5.246  -0.458  -2.030  1.00 3.51  ? 46  TRP A CD1  1 
ATOM   651 C CD2  . TRP A 1 46 ? -4.074  0.830   -0.628  1.00 4.24  ? 46  TRP A CD2  1 
ATOM   652 N NE1  . TRP A 1 46 ? -5.900  -0.440  -0.823  1.00 3.58  ? 46  TRP A NE1  1 
ATOM   653 C CE2  . TRP A 1 46 ? -5.190  0.325   0.068   1.00 3.77  ? 46  TRP A CE2  1 
ATOM   654 C CE3  . TRP A 1 46 ? -3.176  1.665   0.049   1.00 5.40  ? 46  TRP A CE3  1 
ATOM   655 C CZ2  . TRP A 1 46 ? -5.437  0.655   1.405   1.00 5.77  ? 46  TRP A CZ2  1 
ATOM   656 C CZ3  . TRP A 1 46 ? -3.424  1.973   1.378   1.00 6.13  ? 46  TRP A CZ3  1 
ATOM   657 C CH2  . TRP A 1 46 ? -4.536  1.476   2.032   1.00 5.90  ? 46  TRP A CH2  1 
ATOM   658 H H    . TRP A 1 46 ? -1.956  1.348   -5.059  1.00 3.96  ? 46  TRP A H    1 
ATOM   659 H HA   . TRP A 1 46 ? -4.312  1.919   -4.119  1.00 3.98  ? 46  TRP A HA   1 
ATOM   660 H HB2  . TRP A 1 46 ? -3.201  -0.137  -3.697  1.00 3.98  ? 46  TRP A HB2  1 
ATOM   661 H HB3  . TRP A 1 46 ? -2.261  0.621   -2.671  1.00 3.98  ? 46  TRP A HB3  1 
ATOM   662 H HD1  . TRP A 1 46 ? -5.537  -0.910  -2.788  1.00 4.14  ? 46  TRP A HD1  1 
ATOM   663 H HE1  . TRP A 1 46 ? -6.624  -0.867  -0.644  1.00 4.31  ? 46  TRP A HE1  1 
ATOM   664 H HE3  . TRP A 1 46 ? -2.428  2.007   -0.385  1.00 6.50  ? 46  TRP A HE3  1 
ATOM   665 H HZ2  . TRP A 1 46 ? -6.179  0.318   1.855   1.00 6.94  ? 46  TRP A HZ2  1 
ATOM   666 H HZ3  . TRP A 1 46 ? -2.836  2.529   1.836   1.00 7.37  ? 46  TRP A HZ3  1 
ATOM   667 H HH2  . TRP A 1 46 ? -4.671  1.699   2.925   1.00 7.09  ? 46  TRP A HH2  1 
ATOM   668 N N    . PHE A 1 47 ? -1.949  3.511   -2.650  1.00 3.15  ? 47  PHE A N    1 
ATOM   669 C CA   . PHE A 1 47 ? -1.673  4.685   -1.833  1.00 3.12  ? 47  PHE A CA   1 
ATOM   670 C C    . PHE A 1 47 ? -2.111  5.975   -2.519  1.00 4.02  ? 47  PHE A C    1 
ATOM   671 O O    . PHE A 1 47 ? -2.716  6.836   -1.877  1.00 5.20  ? 47  PHE A O    1 
ATOM   672 C CB   . PHE A 1 47 ? -0.189  4.751   -1.496  1.00 2.91  ? 47  PHE A CB   1 
ATOM   673 C CG   . PHE A 1 47 ? 0.167   4.008   -0.259  1.00 2.83  ? 47  PHE A CG   1 
ATOM   674 C CD1  . PHE A 1 47 ? 0.351   2.655   -0.291  1.00 5.33  ? 47  PHE A CD1  1 
ATOM   675 C CD2  . PHE A 1 47 ? 0.290   4.666   0.942   1.00 3.93  ? 47  PHE A CD2  1 
ATOM   676 C CE1  . PHE A 1 47 ? 0.637   1.941   0.871   1.00 4.23  ? 47  PHE A CE1  1 
ATOM   677 C CE2  . PHE A 1 47 ? 0.559   3.956   2.096   1.00 3.07  ? 47  PHE A CE2  1 
ATOM   678 C CZ   . PHE A 1 47 ? 0.750   2.613   2.056   1.00 3.45  ? 47  PHE A CZ   1 
ATOM   679 H H    . PHE A 1 47 ? -1.245  3.106   -2.935  1.00 3.71  ? 47  PHE A H    1 
ATOM   680 H HA   . PHE A 1 47 ? -2.165  4.611   -1.000  1.00 3.76  ? 47  PHE A HA   1 
ATOM   681 H HB2  . PHE A 1 47 ? 0.316   4.369   -2.230  1.00 3.42  ? 47  PHE A HB2  1 
ATOM   682 H HB3  . PHE A 1 47 ? 0.063   5.679   -1.369  1.00 3.42  ? 47  PHE A HB3  1 
ATOM   683 H HD1  . PHE A 1 47 ? 0.262   2.199   -1.097  1.00 6.40  ? 47  PHE A HD1  1 
ATOM   684 H HD2  . PHE A 1 47 ? 0.150   5.584   0.984   1.00 4.73  ? 47  PHE A HD2  1 
ATOM   685 H HE1  . PHE A 1 47 ? 0.766   1.020   0.837   1.00 5.09  ? 47  PHE A HE1  1 
ATOM   686 H HE2  . PHE A 1 47 ? 0.649   4.409   2.904   1.00 3.70  ? 47  PHE A HE2  1 
ATOM   687 H HZ   . PHE A 1 47 ? 0.954   2.149   2.836   1.00 4.16  ? 47  PHE A HZ   1 
ATOM   688 N N    . GLN A 1 48 ? -1.829  6.115   -3.806  1.00 3.31  ? 48  GLN A N    1 
ATOM   689 C CA   . GLN A 1 48 ? -2.250  7.304   -4.537  1.00 5.28  ? 48  GLN A CA   1 
ATOM   690 C C    . GLN A 1 48 ? -3.757  7.433   -4.512  1.00 4.93  ? 48  GLN A C    1 
ATOM   691 O O    . GLN A 1 48 ? -4.299  8.519   -4.271  1.00 4.52  ? 48  GLN A O    1 
ATOM   692 C CB   . GLN A 1 48 ? -1.742  7.231   -5.968  1.00 7.86  ? 48  GLN A CB   1 
ATOM   693 C CG   . GLN A 1 48 ? -0.249  7.403   -6.075  1.00 10.96 ? 48  GLN A CG   1 
ATOM   694 C CD   . GLN A 1 48 ? 0.260   7.164   -7.477  1.00 15.28 ? 48  GLN A CD   1 
ATOM   695 O OE1  . GLN A 1 48 ? -0.424  6.552   -8.306  1.00 15.86 ? 48  GLN A OE1  1 
ATOM   696 N NE2  . GLN A 1 48 ? 1.490   7.596   -7.737  1.00 17.76 ? 48  GLN A NE2  1 
ATOM   697 H H    . GLN A 1 48 ? -1.397  5.540   -4.278  1.00 3.99  ? 48  GLN A H    1 
ATOM   698 H HA   . GLN A 1 48 ? -1.869  8.092   -4.117  1.00 6.35  ? 48  GLN A HA   1 
ATOM   699 H HB2  . GLN A 1 48 ? -1.970  6.363   -6.339  1.00 9.44  ? 48  GLN A HB2  1 
ATOM   700 H HB3  . GLN A 1 48 ? -2.162  7.934   -6.488  1.00 9.44  ? 48  GLN A HB3  1 
ATOM   701 H HG2  . GLN A 1 48 ? -0.016  8.310   -5.821  1.00 13.16 ? 48  GLN A HG2  1 
ATOM   702 H HG3  . GLN A 1 48 ? 0.186   6.769   -5.484  1.00 13.16 ? 48  GLN A HG3  1 
ATOM   703 H HE21 . GLN A 1 48 ? 1.948   7.987   -7.122  1.00 21.33 ? 48  GLN A HE21 1 
ATOM   704 H HE22 . GLN A 1 48 ? 1.829   7.485   -8.520  1.00 21.33 ? 48  GLN A HE22 1 
ATOM   705 N N    . ASN A 1 49 ? -4.455  6.324   -4.718  1.00 4.58  ? 49  ASN A N    1 
ATOM   706 C CA   . ASN A 1 49 ? -5.902  6.383   -4.743  1.00 5.04  ? 49  ASN A CA   1 
ATOM   707 C C    . ASN A 1 49 ? -6.456  6.719   -3.378  1.00 5.18  ? 49  ASN A C    1 
ATOM   708 O O    . ASN A 1 49 ? -7.414  7.489   -3.266  1.00 5.89  ? 49  ASN A O    1 
ATOM   709 C CB   . ASN A 1 49 ? -6.471  5.058   -5.256  1.00 6.83  ? 49  ASN A CB   1 
ATOM   710 C CG   . ASN A 1 49 ? -6.284  4.897   -6.753  1.00 10.33 ? 49  ASN A CG   1 
ATOM   711 O OD1  . ASN A 1 49 ? -5.851  5.822   -7.440  1.00 13.90 ? 49  ASN A OD1  1 
ATOM   712 N ND2  . ASN A 1 49 ? -6.559  3.707   -7.257  1.00 11.63 ? 49  ASN A ND2  1 
ATOM   713 H H    . ASN A 1 49 ? -4.121  5.542   -4.843  1.00 5.51  ? 49  ASN A H    1 
ATOM   714 H HA   . ASN A 1 49 ? -6.178  7.082   -5.357  1.00 6.06  ? 49  ASN A HA   1 
ATOM   715 H HB2  . ASN A 1 49 ? -6.015  4.324   -4.814  1.00 8.21  ? 49  ASN A HB2  1 
ATOM   716 H HB3  . ASN A 1 49 ? -7.420  5.023   -5.065  1.00 8.21  ? 49  ASN A HB3  1 
ATOM   717 H HD21 . ASN A 1 49 ? -6.469  3.566   -8.102  1.00 13.96 ? 49  ASN A HD21 1 
ATOM   718 H HD22 . ASN A 1 49 ? -6.829  3.073   -6.742  1.00 13.96 ? 49  ASN A HD22 1 
ATOM   719 N N    . ARG A 1 50 ? -5.890  6.132   -2.319  1.00 4.86  ? 50  ARG A N    1 
ATOM   720 C CA   . ARG A 1 50 ? -6.432  6.415   -1.008  1.00 4.11  ? 50  ARG A CA   1 
ATOM   721 C C    . ARG A 1 50 ? -6.194  7.872   -0.632  1.00 4.59  ? 50  ARG A C    1 
ATOM   722 O O    . ARG A 1 50 ? -7.086  8.531   -0.095  1.00 5.42  ? 50  ARG A O    1 
ATOM   723 C CB   . ARG A 1 50 ? -5.874  5.467   0.047   1.00 4.98  ? 50  ARG A CB   1 
ATOM   724 C CG   . ARG A 1 50 ? -6.531  5.747   1.394   1.00 7.07  ? 50  ARG A CG   1 
ATOM   725 C CD   . ARG A 1 50 ? -6.311  4.669   2.405   1.00 10.79 ? 50  ARG A CD   1 
ATOM   726 N NE   . ARG A 1 50 ? -7.233  4.891   3.527   1.00 16.66 ? 50  ARG A NE   1 
ATOM   727 C CZ   . ARG A 1 50 ? -8.461  4.376   3.635   1.00 19.40 ? 50  ARG A CZ   1 
ATOM   728 N NH1  . ARG A 1 50 ? -8.948  3.536   2.743   1.00 16.72 ? 50  ARG A NH1  1 
ATOM   729 N NH2  . ARG A 1 50 ? -9.212  4.683   4.687   1.00 25.76 ? 50  ARG A NH2  1 
ATOM   730 H H    . ARG A 1 50 ? -5.222  5.591   -2.338  1.00 5.85  ? 50  ARG A H    1 
ATOM   731 H HA   . ARG A 1 50 ? -7.392  6.279   -1.039  1.00 4.94  ? 50  ARG A HA   1 
ATOM   732 H HB2  . ARG A 1 50 ? -6.067  4.551   -0.207  1.00 5.99  ? 50  ARG A HB2  1 
ATOM   733 H HB3  . ARG A 1 50 ? -4.918  5.605   0.134   1.00 5.99  ? 50  ARG A HB3  1 
ATOM   734 H HG2  . ARG A 1 50 ? -6.167  6.570   1.754   1.00 8.50  ? 50  ARG A HG2  1 
ATOM   735 H HG3  . ARG A 1 50 ? -7.488  5.839   1.262   1.00 8.50  ? 50  ARG A HG3  1 
ATOM   736 H HD2  . ARG A 1 50 ? -6.499  3.802   2.011   1.00 12.96 ? 50  ARG A HD2  1 
ATOM   737 H HD3  . ARG A 1 50 ? -5.400  4.708   2.736   1.00 12.96 ? 50  ARG A HD3  1 
ATOM   738 H HE   . ARG A 1 50 ? -6.960  5.394   4.168   1.00 20.01 ? 50  ARG A HE   1 
ATOM   739 H HH11 . ARG A 1 50 ? -8.483  3.328   2.050   1.00 20.08 ? 50  ARG A HH11 1 
ATOM   740 H HH12 . ARG A 1 50 ? -9.738  3.212   2.844   1.00 20.08 ? 50  ARG A HH12 1 
ATOM   741 H HH21 . ARG A 1 50 ? -8.910  5.216   5.290   1.00 30.93 ? 50  ARG A HH21 1 
ATOM   742 H HH22 . ARG A 1 50 ? -9.994  4.335   4.773   1.00 30.93 ? 50  ARG A HH22 1 
ATOM   743 N N    . ARG A 1 51 ? -5.007  8.405   -0.919  1.00 4.02  ? 51  ARG A N    1 
ATOM   744 C CA   . ARG A 1 51 ? -4.742  9.820   -0.643  1.00 3.77  ? 51  ARG A CA   1 
ATOM   745 C C    . ARG A 1 51 ? -5.583  10.752  -1.499  1.00 5.62  ? 51  ARG A C    1 
ATOM   746 O O    . ARG A 1 51 ? -5.906  11.866  -1.067  1.00 8.02  ? 51  ARG A O    1 
ATOM   747 C CB   . ARG A 1 51 ? -3.261  10.138  -0.853  1.00 4.48  ? 51  ARG A CB   1 
ATOM   748 C CG   . ARG A 1 51 ? -2.372  9.495   0.223   1.00 5.84  ? 51  ARG A CG   1 
ATOM   749 C CD   . ARG A 1 51 ? -1.047  10.169  0.331   1.00 6.50  ? 51  ARG A CD   1 
ATOM   750 N NE   . ARG A 1 51 ? -0.435  10.186  -0.985  1.00 8.00  ? 51  ARG A NE   1 
ATOM   751 C CZ   . ARG A 1 51 ? 0.481   9.313   -1.412  1.00 8.63  ? 51  ARG A CZ   1 
ATOM   752 N NH1  . ARG A 1 51 ? 0.982   8.370   -0.608  1.00 8.87  ? 51  ARG A NH1  1 
ATOM   753 N NH2  . ARG A 1 51 ? 0.915   9.398   -2.648  1.00 8.19  ? 51  ARG A NH2  1 
ATOM   754 H H    . ARG A 1 51 ? -4.346  7.979   -1.268  1.00 4.84  ? 51  ARG A H    1 
ATOM   755 H HA   . ARG A 1 51 ? -4.953  10.000  0.287   1.00 4.54  ? 51  ARG A HA   1 
ATOM   756 H HB2  . ARG A 1 51 ? -2.982  9.798   -1.717  1.00 5.39  ? 51  ARG A HB2  1 
ATOM   757 H HB3  . ARG A 1 51 ? -3.134  11.099  -0.816  1.00 5.39  ? 51  ARG A HB3  1 
ATOM   758 H HG2  . ARG A 1 51 ? -2.816  9.562   1.083   1.00 7.02  ? 51  ARG A HG2  1 
ATOM   759 H HG3  . ARG A 1 51 ? -2.221  8.564   -0.003  1.00 7.02  ? 51  ARG A HG3  1 
ATOM   760 H HD2  . ARG A 1 51 ? -1.165  11.082  0.634   1.00 7.81  ? 51  ARG A HD2  1 
ATOM   761 H HD3  . ARG A 1 51 ? -0.474  9.674   0.937   1.00 7.81  ? 51  ARG A HD3  1 
ATOM   762 H HE   . ARG A 1 51 ? -0.681  10.804  -1.530  1.00 9.61  ? 51  ARG A HE   1 
ATOM   763 H HH11 . ARG A 1 51 ? 0.694   8.297   0.200   1.00 10.66 ? 51  ARG A HH11 1 
ATOM   764 H HH12 . ARG A 1 51 ? 1.580   7.827   -0.902  1.00 10.66 ? 51  ARG A HH12 1 
ATOM   765 H HH21 . ARG A 1 51 ? 0.612   10.012  -3.169  1.00 9.84  ? 51  ARG A HH21 1 
ATOM   766 H HH22 . ARG A 1 51 ? 1.526   8.862   -2.927  1.00 9.84  ? 51  ARG A HH22 1 
ATOM   767 N N    . ALA A 1 52 ? -5.927  10.361  -2.717  1.00 3.43  ? 52  ALA A N    1 
ATOM   768 C CA   . ALA A 1 52 ? -6.777  11.230  -3.518  1.00 5.32  ? 52  ALA A CA   1 
ATOM   769 C C    . ALA A 1 52 ? -8.176  11.300  -2.935  1.00 6.87  ? 52  ALA A C    1 
ATOM   770 O O    . ALA A 1 52 ? -8.848  12.327  -3.053  1.00 6.31  ? 52  ALA A O    1 
ATOM   771 C CB   . ALA A 1 52 ? -6.813  10.741  -4.962  1.00 8.53  ? 52  ALA A CB   1 
ATOM   772 H H    . ALA A 1 52 ? -5.692  9.624   -3.092  1.00 4.05  ? 52  ALA A H    1 
ATOM   773 H HA   . ALA A 1 52 ? -6.405  12.125  -3.514  1.00 6.39  ? 52  ALA A HA   1 
ATOM   774 H HB1  . ALA A 1 52 ? -7.382  11.331  -5.480  1.00 10.25 ? 52  ALA A HB1  1 
ATOM   775 H HB2  . ALA A 1 52 ? -5.911  10.751  -5.320  1.00 10.25 ? 52  ALA A HB2  1 
ATOM   776 H HB3  . ALA A 1 52 ? -7.166  9.838   -4.980  1.00 10.25 ? 52  ALA A HB3  1 
ATOM   777 N N    . ARG A 1 53 ? -8.614  10.232  -2.269  1.00 6.53  ? 53  ARG A N    1 
ATOM   778 C CA   . ARG A 1 53 ? -9.903  10.222  -1.589  1.00 7.42  ? 53  ARG A CA   1 
ATOM   779 C C    . ARG A 1 53 ? -9.810  10.852  -0.214  1.00 7.48  ? 53  ARG A C    1 
ATOM   780 O O    . ARG A 1 53 ? -10.825 11.324  0.323   1.00 8.76  ? 53  ARG A O    1 
ATOM   781 C CB   . ARG A 1 53 ? -10.432 8.789   -1.475  1.00 7.88  ? 53  ARG A CB   1 
ATOM   782 C CG   . ARG A 1 53 ? -10.732 8.164   -2.807  1.00 14.09 ? 53  ARG A CG   1 
ATOM   783 C CD   . ARG A 1 53 ? -11.306 6.763   -2.671  1.00 21.46 ? 53  ARG A CD   1 
ATOM   784 N NE   . ARG A 1 53 ? -12.507 6.634   -3.494  1.00 27.99 ? 53  ARG A NE   1 
ATOM   785 C CZ   . ARG A 1 53 ? -12.900 5.525   -4.112  1.00 31.84 ? 53  ARG A CZ   1 
ATOM   786 N NH1  . ARG A 1 53 ? -12.197 4.397   -4.028  1.00 32.45 ? 53  ARG A NH1  1 
ATOM   787 N NH2  . ARG A 1 53 ? -14.010 5.558   -4.835  1.00 33.10 ? 53  ARG A NH2  1 
ATOM   788 H H    . ARG A 1 53 ? -8.177  9.495   -2.198  1.00 7.84  ? 53  ARG A H    1 
ATOM   789 H HA   . ARG A 1 53 ? -10.539 10.735  -2.111  1.00 8.91  ? 53  ARG A HA   1 
ATOM   790 H HB2  . ARG A 1 53 ? -9.765  8.242   -1.032  1.00 9.47  ? 53  ARG A HB2  1 
ATOM   791 H HB3  . ARG A 1 53 ? -11.252 8.796   -0.956  1.00 9.47  ? 53  ARG A HB3  1 
ATOM   792 H HG2  . ARG A 1 53 ? -11.382 8.713   -3.275  1.00 16.92 ? 53  ARG A HG2  1 
ATOM   793 H HG3  . ARG A 1 53 ? -9.912  8.106   -3.323  1.00 16.92 ? 53  ARG A HG3  1 
ATOM   794 H HD2  . ARG A 1 53 ? -10.653 6.113   -2.974  1.00 25.77 ? 53  ARG A HD2  1 
ATOM   795 H HD3  . ARG A 1 53 ? -11.547 6.598   -1.747  1.00 25.77 ? 53  ARG A HD3  1 
ATOM   796 H HE   . ARG A 1 53 ? -12.998 7.333   -3.588  1.00 33.60 ? 53  ARG A HE   1 
ATOM   797 H HH11 . ARG A 1 53 ? -11.476 4.374   -3.562  1.00 38.96 ? 53  ARG A HH11 1 
ATOM   798 H HH12 . ARG A 1 53 ? -12.469 3.691   -4.436  1.00 38.96 ? 53  ARG A HH12 1 
ATOM   799 H HH21 . ARG A 1 53 ? -14.464 6.287   -4.891  1.00 39.73 ? 53  ARG A HH21 1 
ATOM   800 H HH22 . ARG A 1 53 ? -14.280 4.850   -5.241  1.00 39.73 ? 53  ARG A HH22 1 
ATOM   801 N N    . HIS A 1 54 ? -8.617  10.899  0.359   1.00 6.87  ? 54  HIS A N    1 
ATOM   802 C CA   . HIS A 1 54 ? -8.435  11.451  1.690   1.00 7.05  ? 54  HIS A CA   1 
ATOM   803 C C    . HIS A 1 54 ? -7.223  12.340  1.690   1.00 5.45  ? 54  HIS A C    1 
ATOM   804 O O    . HIS A 1 54 ? -6.237  11.995  2.363   1.00 6.37  ? 54  HIS A O    1 
ATOM   805 C CB   . HIS A 1 54 ? -8.275  10.331  2.719   1.00 10.80 ? 54  HIS A CB   1 
ATOM   806 C CG   . HIS A 1 54 ? -9.402  9.340   2.699   1.00 15.53 ? 54  HIS A CG   1 
ATOM   807 N ND1  . HIS A 1 54 ? -10.676 9.666   3.112   1.00 17.72 ? 54  HIS A ND1  1 
ATOM   808 C CD2  . HIS A 1 54 ? -9.465  8.061   2.257   1.00 17.06 ? 54  HIS A CD2  1 
ATOM   809 C CE1  . HIS A 1 54 ? -11.469 8.617   2.968   1.00 18.29 ? 54  HIS A CE1  1 
ATOM   810 N NE2  . HIS A 1 54 ? -10.759 7.628   2.454   1.00 17.92 ? 54  HIS A NE2  1 
ATOM   811 H H    . HIS A 1 54 ? -7.891  10.614  -0.004  1.00 8.26  ? 54  HIS A H    1 
ATOM   812 H HA   . HIS A 1 54 ? -9.210  11.984  1.931   1.00 8.48  ? 54  HIS A HA   1 
ATOM   813 H HB2  . HIS A 1 54 ? -7.452  9.851   2.534   1.00 12.97 ? 54  HIS A HB2  1 
ATOM   814 H HB3  . HIS A 1 54 ? -8.235  10.722  3.606   1.00 12.97 ? 54  HIS A HB3  1 
ATOM   815 H HD2  . HIS A 1 54 ? -8.762  7.559   1.914   1.00 20.49 ? 54  HIS A HD2  1 
ATOM   816 H HE1  . HIS A 1 54 ? -12.372 8.583   3.186   1.00 21.96 ? 54  HIS A HE1  1 
ATOM   817 H HE2  . HIS A 1 54 ? -11.059 6.845   2.263   1.00 21.51 ? 54  HIS A HE2  1 
HETATM 818 O O    . HOH B 2 .  ? 1.685   4.401   16.724  1.00 32.16 ? 101 HOH A O    1 
HETATM 819 O O    . HOH B 2 .  ? 10.753  -5.260  -3.952  1.00 27.24 ? 102 HOH A O    1 
HETATM 820 O O    . HOH B 2 .  ? -6.552  -4.916  -8.025  1.00 11.30 ? 103 HOH A O    1 
HETATM 821 O O    . HOH B 2 .  ? -10.238 3.963   -4.938  1.00 30.91 ? 104 HOH A O    1 
HETATM 822 O O    . HOH B 2 .  ? -6.358  2.811   5.690   1.00 26.32 ? 105 HOH A O    1 
HETATM 823 O O    . HOH B 2 .  ? -5.703  -1.763  2.280   1.00 42.45 ? 106 HOH A O    1 
HETATM 824 O O    . HOH B 2 .  ? -7.652  6.807   4.764   1.00 27.60 ? 107 HOH A O    1 
HETATM 825 O O    . HOH B 2 .  ? 12.811  -1.080  -8.110  1.00 19.89 ? 108 HOH A O    1 
HETATM 826 O O    . HOH B 2 .  ? -12.066 2.831   -2.147  1.00 30.33 ? 109 HOH A O    1 
HETATM 827 O O    . HOH B 2 .  ? 8.132   9.734   1.725   1.00 14.52 ? 110 HOH A O    1 
HETATM 828 O O    . HOH B 2 .  ? -0.076  -10.493 -6.892  1.00 20.76 ? 111 HOH A O    1 
HETATM 829 O O    . HOH B 2 .  ? 8.495   5.770   3.888   1.00 10.89 ? 112 HOH A O    1 
HETATM 830 O O    . HOH B 2 .  ? -4.869  -7.870  -6.882  1.00 9.78  ? 113 HOH A O    1 
HETATM 831 O O    . HOH B 2 .  ? -3.946  -13.603 2.736   1.00 30.43 ? 114 HOH A O    1 
HETATM 832 O O    . HOH B 2 .  ? 5.581   2.389   -9.409  1.00 26.67 ? 115 HOH A O    1 
HETATM 833 O O    . HOH B 2 .  ? 8.022   8.044   -3.251  1.00 25.22 ? 116 HOH A O    1 
HETATM 834 O O    . HOH B 2 .  ? -11.951 5.507   1.439   1.00 16.65 ? 117 HOH A O    1 
HETATM 835 O O    . HOH B 2 .  ? 3.380   -4.296  7.770   1.00 8.81  ? 118 HOH A O    1 
HETATM 836 O O    . HOH B 2 .  ? 6.683   -0.434  4.000   1.00 31.65 ? 119 HOH A O    1 
HETATM 837 O O    . HOH B 2 .  ? 6.980   -12.250 0.751   1.00 31.08 ? 120 HOH A O    1 
HETATM 838 O O    . HOH B 2 .  ? 4.069   -2.357  -13.113 1.00 24.42 ? 121 HOH A O    1 
HETATM 839 O O    . HOH B 2 .  ? 3.041   2.972   4.811   1.00 20.16 ? 122 HOH A O    1 
HETATM 840 O O    . HOH B 2 .  ? 4.748   8.303   -1.187  1.00 16.88 ? 123 HOH A O    1 
HETATM 841 O O    . HOH B 2 .  ? 12.690  -2.117  0.037   1.00 5.95  ? 124 HOH A O    1 
HETATM 842 O O    . HOH B 2 .  ? 5.777   5.586   10.084  1.00 13.37 ? 125 HOH A O    1 
HETATM 843 O O    . HOH B 2 .  ? -3.054  7.690   11.259  1.00 20.67 ? 126 HOH A O    1 
HETATM 844 O O    . HOH B 2 .  ? -0.036  7.299   13.007  1.00 11.13 ? 127 HOH A O    1 
HETATM 845 O O    . HOH B 2 .  ? -3.854  -11.967 -0.022  1.00 9.74  ? 128 HOH A O    1 
HETATM 846 O O    . HOH B 2 .  ? -6.137  0.248   9.932   1.00 19.60 ? 129 HOH A O    1 
HETATM 847 O O    . HOH B 2 .  ? -3.489  12.122  2.300   1.00 7.92  ? 130 HOH A O    1 
HETATM 848 O O    . HOH B 2 .  ? -3.540  -8.682  6.855   1.00 5.68  ? 131 HOH A O    1 
HETATM 849 O O    . HOH B 2 .  ? -0.376  11.046  -4.467  1.00 15.10 ? 132 HOH A O    1 
HETATM 850 O O    . HOH B 2 .  ? -4.627  -9.536  -4.837  1.00 9.93  ? 133 HOH A O    1 
HETATM 851 O O    . HOH B 2 .  ? 2.529   -12.298 0.947   1.00 16.39 ? 134 HOH A O    1 
HETATM 852 O O    . HOH B 2 .  ? -9.780  -7.522  5.951   1.00 11.85 ? 135 HOH A O    1 
HETATM 853 O O    . HOH B 2 .  ? -0.009  -12.775 -1.508  1.00 27.77 ? 136 HOH A O    1 
HETATM 854 O O    . HOH B 2 .  ? -1.697  1.275   11.861  1.00 11.99 ? 137 HOH A O    1 
HETATM 855 O O    . HOH B 2 .  ? 2.221   -12.879 -5.407  1.00 21.94 ? 138 HOH A O    1 
HETATM 856 O O    . HOH B 2 .  ? -5.087  -5.883  14.134  1.00 27.09 ? 139 HOH A O    1 
HETATM 857 O O    . HOH B 2 .  ? 2.862   7.214   12.468  1.00 12.37 ? 140 HOH A O    1 
HETATM 858 O O    . HOH B 2 .  ? -4.519  -8.343  9.413   1.00 18.24 ? 141 HOH A O    1 
HETATM 859 O O    . HOH B 2 .  ? 5.382   -8.782  -4.491  1.00 9.22  ? 142 HOH A O    1 
HETATM 860 O O    . HOH B 2 .  ? -8.264  2.546   0.179   1.00 15.61 ? 143 HOH A O    1 
HETATM 861 O O    . HOH B 2 .  ? -0.155  -2.066  -11.086 1.00 11.91 ? 144 HOH A O    1 
HETATM 862 O O    . HOH B 2 .  ? -3.135  11.093  -4.607  1.00 7.66  ? 145 HOH A O    1 
HETATM 863 O O    . HOH B 2 .  ? 5.931   -10.817 -2.451  1.00 16.72 ? 146 HOH A O    1 
HETATM 864 O O    . HOH B 2 .  ? -8.315  -1.925  -0.453  1.00 13.89 ? 147 HOH A O    1 
HETATM 865 O O    . HOH B 2 .  ? -3.213  6.222   -8.910  1.00 21.03 ? 148 HOH A O    1 
HETATM 866 O O    . HOH B 2 .  ? 7.146   -4.639  -8.277  1.00 10.27 ? 149 HOH A O    1 
HETATM 867 O O    . HOH B 2 .  ? -6.847  2.663   -2.176  1.00 7.61  ? 150 HOH A O    1 
HETATM 868 O O    . HOH B 2 .  ? -6.318  0.936   -5.380  1.00 12.97 ? 151 HOH A O    1 
HETATM 869 O O    . HOH B 2 .  ? 0.769   -3.367  8.055   1.00 6.26  ? 152 HOH A O    1 
HETATM 870 O O    . HOH B 2 .  ? 11.020  4.147   1.996   1.00 13.50 ? 153 HOH A O    1 
HETATM 871 O O    . HOH B 2 .  ? -13.115 11.164  -1.475  1.00 22.94 ? 154 HOH A O    1 
HETATM 872 O O    . HOH B 2 .  ? -1.296  -11.220 1.018   1.00 14.38 ? 155 HOH A O    1 
HETATM 873 O O    . HOH B 2 .  ? -8.526  -6.166  10.186  1.00 20.28 ? 156 HOH A O    1 
HETATM 874 O O    . HOH B 2 .  ? 2.069   2.814   -10.152 1.00 16.77 ? 157 HOH A O    1 
HETATM 875 O O    . HOH B 2 .  ? -9.229  -3.508  -3.952  1.00 13.41 ? 158 HOH A O    1 
HETATM 876 O O    . HOH B 2 .  ? -1.015  -5.342  12.120  1.00 13.99 ? 159 HOH A O    1 
HETATM 877 O O    . HOH B 2 .  ? -6.700  -2.353  8.748   1.00 8.71  ? 160 HOH A O    1 
HETATM 878 O O    . HOH B 2 .  ? -7.913  6.437   -9.507  1.00 34.25 ? 161 HOH A O    1 
HETATM 879 O O    . HOH B 2 .  ? -6.384  2.930   -10.135 1.00 26.68 ? 162 HOH A O    1 
HETATM 880 O O    . HOH B 2 .  ? -6.524  8.336   7.567   1.00 20.49 ? 163 HOH A O    1 
HETATM 881 O O    . HOH B 2 .  ? -1.723  -10.965 -4.742  1.00 15.86 ? 164 HOH A O    1 
HETATM 882 O O    . HOH B 2 .  ? 12.606  5.008   -0.041  1.00 11.38 ? 165 HOH A O    1 
HETATM 883 O O    . HOH B 2 .  ? -7.731  -12.300 2.411   1.00 7.28  ? 166 HOH A O    1 
HETATM 884 O O    . HOH B 2 .  ? 0.851   5.238   -10.726 1.00 23.90 ? 167 HOH A O    1 
HETATM 885 O O    . HOH B 2 .  ? 5.854   -2.991  -10.085 1.00 16.66 ? 168 HOH A O    1 
HETATM 886 O O    . HOH B 2 .  ? 12.348  -7.337  -4.401  1.00 14.69 ? 169 HOH A O    1 
HETATM 887 O O    . HOH B 2 .  ? 1.643   6.113   15.524  1.00 29.38 ? 170 HOH A O    1 
HETATM 888 O O    . HOH B 2 .  ? -9.021  7.696   -5.885  1.00 19.97 ? 171 HOH A O    1 
HETATM 889 O O    . HOH B 2 .  ? -11.805 2.657   1.952   1.00 34.38 ? 172 HOH A O    1 
HETATM 890 O O    . HOH B 2 .  ? -8.905  13.483  -5.927  1.00 10.36 ? 173 HOH A O    1 
HETATM 891 O O    . HOH B 2 .  ? -8.048  10.224  6.460   1.00 14.18 ? 174 HOH A O    1 
HETATM 892 O O    . HOH B 2 .  ? -3.695  13.181  -2.891  1.00 21.55 ? 175 HOH A O    1 
HETATM 893 O O    . HOH B 2 .  ? -9.983  -3.191  -9.395  1.00 37.13 ? 176 HOH A O    1 
HETATM 894 O O    . HOH B 2 .  ? -9.062  4.485   -2.795  1.00 15.29 ? 177 HOH A O    1 
HETATM 895 O O    . HOH B 2 .  ? -6.395  -7.296  -10.109 1.00 19.12 ? 178 HOH A O    1 
HETATM 896 O O    . HOH B 2 .  ? -15.782 5.160   -7.683  1.00 23.79 ? 179 HOH A O    1 
HETATM 897 O O    . HOH B 2 .  ? -1.897  -8.623  12.723  1.00 15.02 ? 180 HOH A O    1 
HETATM 898 O O    . HOH B 2 .  ? -2.841  8.715   -9.316  1.00 26.42 ? 181 HOH A O    1 
HETATM 899 O O    . HOH B 2 .  ? -6.953  15.184  3.304   1.00 13.34 ? 182 HOH A O    1 
HETATM 900 O O    . HOH B 2 .  ? -7.410  8.858   -7.773  1.00 19.07 ? 183 HOH A O    1 
HETATM 901 O O    . HOH B 2 .  ? -5.869  -13.696 0.912   1.00 17.40 ? 184 HOH A O    1 
HETATM 902 O O    . HOH B 2 .  ? 0.657   -0.563  -13.359 1.00 32.16 ? 185 HOH A O    1 
HETATM 903 O O    . HOH B 2 .  ? -9.432  0.424   1.206   1.00 36.38 ? 186 HOH A O    1 
HETATM 904 O O    . HOH B 2 .  ? -7.278  -8.374  9.301   1.00 31.98 ? 187 HOH A O    1 
HETATM 905 O O    . HOH B 2 .  ? -17.123 7.197   -4.995  1.00 15.44 ? 188 HOH A O    1 
HETATM 906 O O    . HOH B 2 .  ? 15.180  -5.201  -1.317  1.00 14.83 ? 189 HOH A O    1 
HETATM 907 O O    . HOH B 2 .  ? -6.690  0.510   -8.953  1.00 25.36 ? 190 HOH A O    1 
HETATM 908 O O    . HOH B 2 .  ? 6.665   10.096  -1.017  1.00 33.53 ? 191 HOH A O    1 
HETATM 909 O O    . HOH B 2 .  ? 6.564   -0.823  -11.266 1.00 39.90 ? 192 HOH A O    1 
HETATM 910 O O    . HOH B 2 .  ? 14.543  -7.722  -2.657  1.00 21.95 ? 193 HOH A O    1 
HETATM 911 O O    . HOH B 2 .  ? -9.775  4.225   -0.774  1.00 38.66 ? 194 HOH A O    1 
HETATM 912 O O    . HOH B 2 .  ? -3.133  -6.386  -8.118  1.00 12.84 ? 195 HOH A O    1 
HETATM 913 O O    . HOH B 2 .  ? -6.267  -4.881  -10.741 1.00 12.09 ? 196 HOH A O    1 
HETATM 914 O O    . HOH B 2 .  ? -13.413 10.082  5.635   1.00 23.23 ? 197 HOH A O    1 
HETATM 915 O O    . HOH B 2 .  ? -5.366  -1.881  -10.954 1.00 20.33 ? 198 HOH A O    1 
HETATM 916 O O    . HOH B 2 .  ? -11.200 3.413   7.762   1.00 15.24 ? 199 HOH A O    1 
HETATM 917 O O    . HOH B 2 .  ? -7.957  -3.532  -11.124 1.00 17.60 ? 200 HOH A O    1 
HETATM 918 O O    . HOH B 2 .  ? -12.839 -9.348  1.073   1.00 22.69 ? 201 HOH A O    1 
HETATM 919 O O    . HOH B 2 .  ? 5.155   1.593   4.048   1.00 42.90 ? 202 HOH A O    1 
HETATM 920 O O    . HOH B 2 .  ? -9.055  -1.593  -3.010  1.00 30.49 ? 203 HOH A O    1 
HETATM 921 O O    . HOH B 2 .  ? 9.122   -4.916  -5.532  1.00 1.38  ? 204 HOH A O    1 
HETATM 922 O O    . HOH B 2 .  ? 1.915   2.287   -12.688 1.00 33.12 ? 205 HOH A O    1 
HETATM 923 O O    . HOH B 2 .  ? -16.989 6.734   -8.301  1.00 20.22 ? 206 HOH A O    1 
HETATM 924 O O    . HOH B 2 .  ? -19.242 6.325   -5.288  1.00 18.15 ? 207 HOH A O    1 
HETATM 925 O O    . HOH B 2 .  ? 2.092   8.312   -13.402 1.00 33.08 ? 208 HOH A O    1 
# 
loop_
_atom_site_anisotrop.id 
_atom_site_anisotrop.type_symbol 
_atom_site_anisotrop.pdbx_label_atom_id 
_atom_site_anisotrop.pdbx_label_alt_id 
_atom_site_anisotrop.pdbx_label_comp_id 
_atom_site_anisotrop.pdbx_label_asym_id 
_atom_site_anisotrop.pdbx_label_seq_id 
_atom_site_anisotrop.pdbx_PDB_ins_code 
_atom_site_anisotrop.U[1][1] 
_atom_site_anisotrop.U[2][2] 
_atom_site_anisotrop.U[3][3] 
_atom_site_anisotrop.U[1][2] 
_atom_site_anisotrop.U[1][3] 
_atom_site_anisotrop.U[2][3] 
_atom_site_anisotrop.pdbx_auth_seq_id 
_atom_site_anisotrop.pdbx_auth_comp_id 
_atom_site_anisotrop.pdbx_auth_asym_id 
_atom_site_anisotrop.pdbx_auth_atom_id 
1   N N   . ALA A 5  ? 0.1000 0.0919 0.1166 -0.0006 -0.0135 0.0020  5  ALA A N   
2   C CA  . ALA A 5  ? 0.0823 0.0740 0.1005 -0.0011 -0.0148 0.0022  5  ALA A CA  
3   C C   . ALA A 5  ? 0.0490 0.0400 0.0658 -0.0016 -0.0155 0.0028  5  ALA A C   
4   O O   . ALA A 5  ? 0.0836 0.0740 0.0983 -0.0018 -0.0152 0.0033  5  ALA A O   
5   C CB  . ALA A 5  ? 0.0936 0.0861 0.1124 -0.0020 -0.0152 0.0026  5  ALA A CB  
10  N N   . VAL A 6  ? 0.0443 0.0374 0.0613 -0.0025 -0.0151 0.0020  6  VAL A N   
11  C CA  . VAL A 6  ? 0.0691 0.0623 0.0843 -0.0033 -0.0155 0.0023  6  VAL A CA  
12  C C   . VAL A 6  ? 0.0787 0.0738 0.0931 -0.0050 -0.0154 0.0022  6  VAL A C   
13  O O   . VAL A 6  ? 0.0852 0.0820 0.1004 -0.0056 -0.0150 0.0017  6  VAL A O   
14  C CB  . VAL A 6  ? 0.0657 0.0598 0.0811 -0.0033 -0.0149 0.0013  6  VAL A CB  
15  C CG1 . VAL A 6  ? 0.0847 0.0769 0.1010 -0.0015 -0.0149 0.0012  6  VAL A CG1 
16  C CG2 . VAL A 6  ? 0.1025 0.0997 0.1191 -0.0042 -0.0139 -0.0002 6  VAL A CG2 
26  N N   . THR A 7  ? 0.0456 0.0401 0.0582 -0.0056 -0.0160 0.0029  7  THR A N   
27  C CA  . THR A 7  ? 0.0424 0.0381 0.0541 -0.0071 -0.0161 0.0031  7  THR A CA  
28  C C   . THR A 7  ? 0.0529 0.0518 0.0651 -0.0083 -0.0152 0.0016  7  THR A C   
29  O O   . THR A 7  ? 0.0412 0.0412 0.0542 -0.0081 -0.0146 0.0006  7  THR A O   
30  C CB  . THR A 7  ? 0.0693 0.0634 0.0791 -0.0074 -0.0168 0.0044  7  THR A CB  
31  O OG1 . THR A 7  ? 0.0727 0.0671 0.0821 -0.0075 -0.0167 0.0040  7  THR A OG1 
32  C CG2 . THR A 7  ? 0.0477 0.0385 0.0569 -0.0064 -0.0176 0.0059  7  THR A CG2 
40  N N   . GLY A 8  ? 0.0480 0.0484 0.0597 -0.0096 -0.0152 0.0016  8  GLY A N   
41  C CA  . GLY A 8  ? 0.0384 0.0417 0.0508 -0.0108 -0.0144 0.0001  8  GLY A CA  
42  C C   . GLY A 8  ? 0.0573 0.0606 0.0687 -0.0110 -0.0144 -0.0001 8  GLY A C   
43  O O   . GLY A 8  ? 0.0503 0.0555 0.0626 -0.0114 -0.0136 -0.0015 8  GLY A O   
47  N N   . SER A 9  ? 0.0716 0.0730 0.0813 -0.0109 -0.0152 0.0013  9  SER A N   
48  C CA  . SER A 9  ? 0.0577 0.0589 0.0663 -0.0110 -0.0152 0.0011  9  SER A CA  
49  C C   . SER A 9  ? 0.0359 0.0369 0.0455 -0.0100 -0.0149 0.0005  9  SER A C   
50  O O   . SER A 9  ? 0.0282 0.0303 0.0378 -0.0103 -0.0144 -0.0005 9  SER A O   
51  C CB  . SER A 9  ? 0.1310 0.1300 0.1377 -0.0110 -0.0163 0.0028  9  SER A CB  
52  O OG  . SER A 9  ? 0.2332 0.2293 0.2396 -0.0098 -0.0168 0.0039  9  SER A OG  
58  N N   . GLN A 10 ? 0.0350 0.0340 0.0451 -0.0087 -0.0152 0.0011  10 GLN A N   
59  C CA  . GLN A 10 ? 0.0306 0.0290 0.0415 -0.0077 -0.0148 0.0006  10 GLN A CA  
60  C C   . GLN A 10 ? 0.0302 0.0312 0.0426 -0.0080 -0.0137 -0.0010 10 GLN A C   
61  O O   . GLN A 10 ? 0.0307 0.0324 0.0436 -0.0078 -0.0133 -0.0018 10 GLN A O   
62  C CB  . GLN A 10 ? 0.0269 0.0225 0.0380 -0.0061 -0.0154 0.0016  10 GLN A CB  
63  C CG  . GLN A 10 ? 0.0382 0.0309 0.0478 -0.0057 -0.0164 0.0032  10 GLN A CG  
64  C CD  . GLN A 10 ? 0.0484 0.0384 0.0583 -0.0044 -0.0169 0.0042  10 GLN A CD  
65  O OE1 . GLN A 10 ? 0.0587 0.0491 0.0698 -0.0040 -0.0167 0.0040  10 GLN A OE1 
66  N NE2 . GLN A 10 ? 0.0740 0.0617 0.0828 -0.0039 -0.0172 0.0050  10 GLN A NE2 
75  N N   . THR A 11 ? 0.0243 0.0266 0.0376 -0.0085 -0.0133 -0.0016 11 THR A N   
76  C CA  . THR A 11 ? 0.0235 0.0282 0.0382 -0.0091 -0.0123 -0.0029 11 THR A CA  
77  C C   . THR A 11 ? 0.0478 0.0548 0.0621 -0.0105 -0.0117 -0.0041 11 THR A C   
78  O O   . THR A 11 ? 0.0572 0.0651 0.0719 -0.0106 -0.0110 -0.0049 11 THR A O   
79  C CB  . THR A 11 ? 0.0837 0.0895 0.0993 -0.0096 -0.0120 -0.0031 11 THR A CB  
80  O OG1 . THR A 11 ? 0.0873 0.0911 0.1034 -0.0082 -0.0125 -0.0022 11 THR A OG1 
81  C CG2 . THR A 11 ? 0.1140 0.1222 0.1306 -0.0105 -0.0109 -0.0044 11 THR A CG2 
89  N N   . ALA A 12 ? 0.0375 0.0451 0.0510 -0.0113 -0.0120 -0.0040 12 ALA A N   
90  C CA  . ALA A 12 ? 0.0472 0.0568 0.0610 -0.0123 -0.0114 -0.0053 12 ALA A CA  
91  C C   . ALA A 12 ? 0.0626 0.0716 0.0755 -0.0119 -0.0114 -0.0053 12 ALA A C   
92  O O   . ALA A 12 ? 0.0550 0.0659 0.0685 -0.0125 -0.0106 -0.0067 12 ALA A O   
93  C CB  . ALA A 12 ? 0.0635 0.0730 0.0765 -0.0130 -0.0122 -0.0047 12 ALA A CB  
99  N N   . LEU A 13 ? 0.0257 0.0322 0.0373 -0.0110 -0.0124 -0.0039 13 LEU A N   
100 C CA  . LEU A 13 ? 0.0255 0.0312 0.0365 -0.0106 -0.0125 -0.0038 13 LEU A CA  
101 C C   . LEU A 13 ? 0.0353 0.0412 0.0473 -0.0100 -0.0118 -0.0045 13 LEU A C   
102 O O   . LEU A 13 ? 0.0409 0.0478 0.0529 -0.0103 -0.0112 -0.0053 13 LEU A O   
103 C CB  . LEU A 13 ? 0.0460 0.0487 0.0555 -0.0097 -0.0136 -0.0021 13 LEU A CB  
104 C CG  . LEU A 13 ? 0.0627 0.0641 0.0714 -0.0092 -0.0138 -0.0017 13 LEU A CG  
105 C CD1 . LEU A 13 ? 0.0691 0.0680 0.0760 -0.0089 -0.0149 0.0000  13 LEU A CD1 
106 C CD2 . LEU A 13 ? 0.0860 0.0865 0.0955 -0.0079 -0.0136 -0.0020 13 LEU A CD2 
118 N N   . LEU A 14 ? 0.0251 0.0296 0.0379 -0.0088 -0.0119 -0.0039 14 LEU A N   
119 C CA  . LEU A 14 ? 0.0264 0.0306 0.0404 -0.0079 -0.0114 -0.0044 14 LEU A CA  
120 C C   . LEU A 14 ? 0.0222 0.0287 0.0368 -0.0090 -0.0104 -0.0055 14 LEU A C   
121 O O   . LEU A 14 ? 0.0216 0.0281 0.0368 -0.0086 -0.0100 -0.0060 14 LEU A O   
122 C CB  . LEU A 14 ? 0.0296 0.0320 0.0447 -0.0065 -0.0118 -0.0038 14 LEU A CB  
123 C CG  . LEU A 14 ? 0.0627 0.0622 0.0771 -0.0051 -0.0128 -0.0025 14 LEU A CG  
124 C CD1 . LEU A 14 ? 0.0877 0.0855 0.1031 -0.0039 -0.0131 -0.0019 14 LEU A CD1 
125 C CD2 . LEU A 14 ? 0.1264 0.1249 0.1407 -0.0041 -0.0128 -0.0026 14 LEU A CD2 
137 N N   . LEU A 15 ? 0.0252 0.0334 0.0398 -0.0103 -0.0101 -0.0058 15 LEU A N   
138 C CA  . LEU A 15 ? 0.0457 0.0556 0.0608 -0.0114 -0.0095 -0.0063 15 LEU A CA  
139 C C   . LEU A 15 ? 0.0326 0.0431 0.0465 -0.0126 -0.0095 -0.0063 15 LEU A C   
140 O O   . LEU A 15 ? 0.0470 0.0575 0.0619 -0.0122 -0.0094 -0.0065 15 LEU A O   
141 C CB  . LEU A 15 ? 0.1052 0.1165 0.1203 -0.0128 -0.0094 -0.0062 15 LEU A CB  
142 C CG  . LEU A 15 ? 0.2190 0.2299 0.2353 -0.0120 -0.0094 -0.0060 15 LEU A CG  
143 C CD1 . LEU A 15 ? 0.2425 0.2551 0.2581 -0.0134 -0.0093 -0.0060 15 LEU A CD1 
144 C CD2 . LEU A 15 ? 0.2945 0.3054 0.3130 -0.0109 -0.0090 -0.0063 15 LEU A CD2 
156 N N   . ARG A 16 ? 0.0247 0.0359 0.0370 -0.0131 -0.0093 -0.0065 16 ARG A N   
157 C CA  . ARG A 16 ? 0.0347 0.0460 0.0454 -0.0139 -0.0093 -0.0061 16 ARG A CA  
158 C C   . ARG A 16 ? 0.0583 0.0684 0.0694 -0.0130 -0.0096 -0.0063 16 ARG A C   
159 O O   . ARG A 16 ? 0.0453 0.0548 0.0566 -0.0131 -0.0100 -0.0060 16 ARG A O   
160 C CB  . ARG A 16 ? 0.0743 0.0871 0.0880 -0.0124 -0.0090 -0.0089 16 ARG A CB  
161 C CG  . ARG A 16 ? 0.1444 0.1565 0.1608 -0.0121 -0.0103 -0.0090 16 ARG A CG  
162 C CD  . ARG A 16 ? 0.2370 0.2488 0.2518 -0.0132 -0.0114 -0.0082 16 ARG A CD  
163 N NE  . ARG A 16 ? 0.2829 0.2951 0.2979 -0.0140 -0.0118 -0.0078 16 ARG A NE  
164 C CZ  . ARG A 16 ? 0.3250 0.3366 0.3378 -0.0147 -0.0123 -0.0065 16 ARG A CZ  
165 N NH1 . ARG A 16 ? 0.3231 0.3333 0.3336 -0.0145 -0.0127 -0.0053 16 ARG A NH1 
166 N NH2 . ARG A 16 ? 0.3507 0.3626 0.3634 -0.0153 -0.0123 -0.0060 16 ARG A NH2 
180 N N   . ALA A 17 ? 0.0426 0.0518 0.0544 -0.0117 -0.0098 -0.0067 17 ALA A N   
181 C CA  . ALA A 17 ? 0.0230 0.0308 0.0353 -0.0103 -0.0099 -0.0066 17 ALA A CA  
182 C C   . ALA A 17 ? 0.0404 0.0480 0.0544 -0.0094 -0.0094 -0.0071 17 ALA A C   
183 O O   . ALA A 17 ? 0.0464 0.0539 0.0608 -0.0091 -0.0090 -0.0076 17 ALA A O   
184 C CB  . ALA A 17 ? 0.0443 0.0497 0.0568 -0.0085 -0.0105 -0.0059 17 ALA A CB  
190 N N   . PHE A 18 ? 0.0316 0.0391 0.0471 -0.0089 -0.0092 -0.0072 18 PHE A N   
191 C CA  . PHE A 18 ? 0.0203 0.0281 0.0380 -0.0076 -0.0084 -0.0081 18 PHE A CA  
192 C C   . PHE A 18 ? 0.0540 0.0633 0.0721 -0.0085 -0.0078 -0.0089 18 PHE A C   
193 O O   . PHE A 18 ? 0.0450 0.0545 0.0645 -0.0075 -0.0070 -0.0099 18 PHE A O   
194 C CB  . PHE A 18 ? 0.0199 0.0277 0.0387 -0.0072 -0.0083 -0.0080 18 PHE A CB  
195 C CG  . PHE A 18 ? 0.0335 0.0416 0.0547 -0.0061 -0.0073 -0.0091 18 PHE A CG  
196 C CD1 . PHE A 18 ? 0.0467 0.0535 0.0693 -0.0042 -0.0071 -0.0093 18 PHE A CD1 
197 C CD2 . PHE A 18 ? 0.0594 0.0693 0.0816 -0.0069 -0.0066 -0.0098 18 PHE A CD2 
198 C CE1 . PHE A 18 ? 0.0701 0.0771 0.0947 -0.0031 -0.0063 -0.0103 18 PHE A CE1 
199 C CE2 . PHE A 18 ? 0.0896 0.0999 0.1138 -0.0058 -0.0056 -0.0109 18 PHE A CE2 
200 C CZ  . PHE A 18 ? 0.0675 0.0764 0.0929 -0.0039 -0.0054 -0.0112 18 PHE A CZ  
210 N N   . GLU A 19 ? 0.0362 0.0465 0.0532 -0.0103 -0.0081 -0.0085 19 GLU A N   
211 C CA  . GLU A 19 ? 0.0613 0.0729 0.0792 -0.0109 -0.0076 -0.0093 19 GLU A CA  
212 C C   . GLU A 19 ? 0.0620 0.0736 0.0790 -0.0110 -0.0076 -0.0095 19 GLU A C   
213 O O   . GLU A 19 ? 0.0778 0.0906 0.0954 -0.0113 -0.0068 -0.0104 19 GLU A O   
214 C CB  . GLU A 19 ? 0.0957 0.1083 0.1134 -0.0122 -0.0080 -0.0087 19 GLU A CB  
215 C CG  . GLU A 19 ? 0.1934 0.2066 0.2125 -0.0120 -0.0075 -0.0090 19 GLU A CG  
216 C CD  . GLU A 19 ? 0.3425 0.3548 0.3608 -0.0122 -0.0083 -0.0080 19 GLU A CD  
217 O OE1 . GLU A 19 ? 0.3899 0.4013 0.4086 -0.0109 -0.0080 -0.0080 19 GLU A OE1 
218 O OE2 . GLU A 19 ? 0.3871 0.3996 0.4047 -0.0133 -0.0091 -0.0070 19 GLU A OE2 
225 N N   . LYS A 20 ? 0.0571 0.0673 0.0724 -0.0109 -0.0083 -0.0088 20 LYS A N   
226 C CA  . LYS A 20 ? 0.0698 0.0797 0.0845 -0.0108 -0.0083 -0.0090 20 LYS A CA  
227 C C   . LYS A 20 ? 0.0825 0.0917 0.0979 -0.0091 -0.0077 -0.0097 20 LYS A C   
228 O O   . LYS A 20 ? 0.1165 0.1262 0.1324 -0.0088 -0.0072 -0.0104 20 LYS A O   
229 C CB  . LYS A 20 ? 0.0843 0.0933 0.0968 -0.0119 -0.0097 -0.0077 20 LYS A CB  
230 C CG  . LYS A 20 ? 0.1651 0.1740 0.1772 -0.0130 -0.0105 -0.0070 20 LYS A CG  
231 C CD  . LYS A 20 ? 0.2486 0.2587 0.2616 -0.0132 -0.0101 -0.0082 20 LYS A CD  
232 C CE  . LYS A 20 ? 0.2867 0.2973 0.3000 -0.0140 -0.0107 -0.0083 20 LYS A CE  
233 N NZ  . LYS A 20 ? 0.3309 0.3434 0.3440 -0.0146 -0.0096 -0.0094 20 LYS A NZ  
247 N N   . ASP A 21 ? 0.0601 0.0689 0.0864 -0.0101 -0.0021 -0.0106 21 ASP A N   
248 C CA  . ASP A 21 ? 0.0563 0.0636 0.0843 -0.0100 -0.0009 -0.0110 21 ASP A CA  
249 C C   . ASP A 21 ? 0.0431 0.0473 0.0697 -0.0103 -0.0011 -0.0105 21 ASP A C   
250 O O   . ASP A 21 ? 0.0517 0.0531 0.0764 -0.0106 -0.0013 -0.0098 21 ASP A O   
251 C CB  . ASP A 21 ? 0.0889 0.0958 0.1174 -0.0101 -0.0002 -0.0110 21 ASP A CB  
252 C CG  . ASP A 21 ? 0.1018 0.1073 0.1322 -0.0101 0.0012  -0.0112 21 ASP A CG  
253 O OD1 . ASP A 21 ? 0.1117 0.1161 0.1428 -0.0099 0.0015  -0.0113 21 ASP A OD1 
254 O OD2 . ASP A 21 ? 0.1255 0.1308 0.1566 -0.0101 0.0020  -0.0111 21 ASP A OD2 
259 N N   . ARG A 22 ? 0.0510 0.0551 0.0783 -0.0101 -0.0011 -0.0108 22 ARG A N   
260 C CA  . ARG A 22 ? 0.0548 0.0564 0.0808 -0.0103 -0.0014 -0.0103 22 ARG A CA  
261 C C   . ARG A 22 ? 0.0548 0.0532 0.0809 -0.0102 -0.0004 -0.0099 22 ARG A C   
262 O O   . ARG A 22 ? 0.0619 0.0571 0.0857 -0.0104 -0.0006 -0.0092 22 ARG A O   
263 C CB  . ARG A 22 ? 0.0731 0.0759 0.1000 -0.0099 -0.0016 -0.0108 22 ARG A CB  
264 C CG  . ARG A 22 ? 0.0653 0.0669 0.0904 -0.0102 -0.0025 -0.0103 22 ARG A CG  
265 C CD  . ARG A 22 ? 0.0696 0.0724 0.0960 -0.0099 -0.0025 -0.0109 22 ARG A CD  
266 N NE  . ARG A 22 ? 0.0704 0.0720 0.0951 -0.0101 -0.0032 -0.0104 22 ARG A NE  
267 C CZ  . ARG A 22 ? 0.0961 0.0990 0.1195 -0.0102 -0.0042 -0.0102 22 ARG A CZ  
268 N NH1 . ARG A 22 ? 0.1186 0.1237 0.1416 -0.0101 -0.0046 -0.0101 22 ARG A NH1 
269 N NH2 . ARG A 22 ? 0.1099 0.1116 0.1318 -0.0103 -0.0047 -0.0098 22 ARG A NH2 
283 N N   . PHE A 23 ? 0.0590 0.0578 0.0870 -0.0100 0.0008  -0.0104 23 PHE A N   
284 C CA  . PHE A 23 ? 0.0454 0.0412 0.0735 -0.0099 0.0020  -0.0100 23 PHE A CA  
285 C C   . PHE A 23 ? 0.0605 0.0562 0.0890 -0.0099 0.0027  -0.0097 23 PHE A C   
286 O O   . PHE A 23 ? 0.0926 0.0893 0.1234 -0.0098 0.0039  -0.0102 23 PHE A O   
287 C CB  . PHE A 23 ? 0.0397 0.0365 0.0703 -0.0097 0.0028  -0.0107 23 PHE A CB  
288 C CG  . PHE A 23 ? 0.0631 0.0606 0.0938 -0.0095 0.0021  -0.0110 23 PHE A CG  
289 C CD1 . PHE A 23 ? 0.0425 0.0429 0.0743 -0.0095 0.0015  -0.0118 23 PHE A CD1 
290 C CD2 . PHE A 23 ? 0.0492 0.0437 0.0781 -0.0096 0.0020  -0.0103 23 PHE A CD2 
291 C CE1 . PHE A 23 ? 0.0612 0.0620 0.0931 -0.0094 0.0009  -0.0120 23 PHE A CE1 
292 C CE2 . PHE A 23 ? 0.0738 0.0687 0.1029 -0.0095 0.0014  -0.0106 23 PHE A CE2 
293 C CZ  . PHE A 23 ? 0.0689 0.0671 0.0994 -0.0094 0.0009  -0.0115 23 PHE A CZ  
303 N N   . PRO A 24 ? 0.0471 0.0412 0.0732 -0.0102 0.0024  -0.0090 24 PRO A N   
304 C CA  . PRO A 24 ? 0.0619 0.0559 0.0885 -0.0102 0.0032  -0.0089 24 PRO A CA  
305 C C   . PRO A 24 ? 0.0693 0.0601 0.0955 -0.0099 0.0047  -0.0082 24 PRO A C   
306 O O   . PRO A 24 ? 0.0839 0.0711 0.1074 -0.0095 0.0047  -0.0072 24 PRO A O   
307 C CB  . PRO A 24 ? 0.0592 0.0514 0.0826 -0.0104 0.0023  -0.0081 24 PRO A CB  
308 C CG  . PRO A 24 ? 0.0571 0.0469 0.0779 -0.0105 0.0014  -0.0075 24 PRO A CG  
309 C CD  . PRO A 24 ? 0.0451 0.0377 0.0682 -0.0104 0.0010  -0.0084 24 PRO A CD  
317 N N   . GLY A 25 ? 0.0687 0.0607 0.0972 -0.0098 0.0059  -0.0086 25 GLY A N   
318 C CA  . GLY A 25 ? 0.0840 0.0733 0.1121 -0.0093 0.0074  -0.0078 25 GLY A CA  
319 C C   . GLY A 25 ? 0.0799 0.0654 0.1043 -0.0089 0.0077  -0.0064 25 GLY A C   
320 O O   . GLY A 25 ? 0.0658 0.0510 0.0883 -0.0091 0.0067  -0.0061 25 GLY A O   
324 N N   . ILE A 26 ? 0.0811 0.0639 0.1043 -0.0083 0.0090  -0.0054 26 ILE A N   
325 C CA  . ILE A 26 ? 0.0800 0.0590 0.0988 -0.0076 0.0093  -0.0039 26 ILE A CA  
326 C C   . ILE A 26 ? 0.0818 0.0623 0.0998 -0.0073 0.0091  -0.0037 26 ILE A C   
327 O O   . ILE A 26 ? 0.0890 0.0675 0.1032 -0.0070 0.0084  -0.0027 26 ILE A O   
328 C CB  . ILE A 26 ? 0.1040 0.0804 0.1214 -0.0067 0.0105  -0.0028 26 ILE A CB  
329 C CG1 . ILE A 26 ? 0.1048 0.0776 0.1171 -0.0058 0.0105  -0.0012 26 ILE A CG1 
330 C CG2 . ILE A 26 ? 0.1286 0.1069 0.1496 -0.0067 0.0121  -0.0033 26 ILE A CG2 
331 C CD1 . ILE A 26 ? 0.1131 0.0839 0.1216 -0.0058 0.0088  -0.0005 26 ILE A CD1 
343 N N   . ALA A 27 ? 0.0728 0.0574 0.0939 -0.0073 0.0096  -0.0045 27 ALA A N   
344 C CA  . ALA A 27 ? 0.0903 0.0769 0.1102 -0.0069 0.0093  -0.0043 27 ALA A CA  
345 C C   . ALA A 27 ? 0.0694 0.0576 0.0884 -0.0074 0.0076  -0.0047 27 ALA A C   
346 O O   . ALA A 27 ? 0.0562 0.0431 0.0718 -0.0070 0.0072  -0.0039 27 ALA A O   
347 C CB  . ALA A 27 ? 0.1011 0.0924 0.1251 -0.0068 0.0102  -0.0053 27 ALA A CB  
353 N N   . ALA A 28 ? 0.0674 0.0579 0.0893 -0.0083 0.0068  -0.0060 28 ALA A N   
354 C CA  . ALA A 28 ? 0.0317 0.0238 0.0528 -0.0089 0.0051  -0.0064 28 ALA A CA  
355 C C   . ALA A 28 ? 0.0375 0.0250 0.0540 -0.0089 0.0043  -0.0053 28 ALA A C   
356 O O   . ALA A 28 ? 0.0524 0.0400 0.0664 -0.0089 0.0033  -0.0049 28 ALA A O   
357 C CB  . ALA A 28 ? 0.0537 0.0490 0.0787 -0.0098 0.0044  -0.0080 28 ALA A CB  
363 N N   . ARG A 29 ? 0.0358 0.0198 0.0514 -0.0087 0.0048  -0.0046 29 ARG A N   
364 C CA  . ARG A 29 ? 0.0382 0.0179 0.0494 -0.0087 0.0041  -0.0035 29 ARG A CA  
365 C C   . ARG A 29 ? 0.0407 0.0174 0.0474 -0.0080 0.0045  -0.0020 29 ARG A C   
366 O O   . ARG A 29 ? 0.0470 0.0219 0.0503 -0.0081 0.0033  -0.0013 29 ARG A O   
367 C CB  . ARG A 29 ? 0.0505 0.0270 0.0613 -0.0087 0.0046  -0.0031 29 ARG A CB  
368 C CG  . ARG A 29 ? 0.0609 0.0401 0.0746 -0.0091 0.0040  -0.0042 29 ARG A CG  
369 C CD  . ARG A 29 ? 0.0982 0.0751 0.1099 -0.0087 0.0037  -0.0035 29 ARG A CD  
370 N NE  . ARG A 29 ? 0.1036 0.0783 0.1144 -0.0079 0.0048  -0.0026 29 ARG A NE  
371 C CZ  . ARG A 29 ? 0.1149 0.0909 0.1285 -0.0078 0.0059  -0.0032 29 ARG A CZ  
372 N NH1 . ARG A 29 ? 0.1092 0.0885 0.1268 -0.0083 0.0059  -0.0046 29 ARG A NH1 
373 N NH2 . ARG A 29 ? 0.1420 0.1159 0.1544 -0.0070 0.0069  -0.0023 29 ARG A NH2 
387 N N   . GLU A 30 ? 0.0415 0.0178 0.0485 -0.0071 0.0058  -0.0015 30 GLU A N   
388 C CA  . GLU A 30 ? 0.0466 0.0203 0.0495 -0.0063 0.0063  -0.0002 30 GLU A CA  
389 C C   . GLU A 30 ? 0.0437 0.0201 0.0460 -0.0064 0.0053  -0.0005 30 GLU A C   
390 O O   . GLU A 30 ? 0.0529 0.0268 0.0509 -0.0060 0.0048  0.0006  30 GLU A O   
391 C CB  . GLU A 30 ? 0.0597 0.0326 0.0633 -0.0053 0.0081  0.0003  30 GLU A CB  
392 C CG  . GLU A 30 ? 0.1010 0.0702 0.1040 -0.0052 0.0088  0.0009  30 GLU A CG  
393 C CD  . GLU A 30 ? 0.1917 0.1596 0.1948 -0.0042 0.0106  0.0016  30 GLU A CD  
394 O OE1 . GLU A 30 ? 0.2145 0.1853 0.2197 -0.0039 0.0114  0.0012  30 GLU A OE1 
395 O OE2 . GLU A 30 ? 0.2419 0.2082 0.2430 -0.0037 0.0103  0.0023  30 GLU A OE2 
402 N N   . GLU A 31 ? 0.0396 0.0210 0.0459 -0.0068 0.0051  -0.0019 31 GLU A N   
403 C CA  . GLU A 31 ? 0.0384 0.0225 0.0440 -0.0069 0.0041  -0.0021 31 GLU A CA  
404 C C   . GLU A 31 ? 0.0384 0.0217 0.0419 -0.0076 0.0024  -0.0020 31 GLU A C   
405 O O   . GLU A 31 ? 0.0394 0.0218 0.0397 -0.0075 0.0017  -0.0014 31 GLU A O   
406 C CB  . GLU A 31 ? 0.0518 0.0418 0.0626 -0.0072 0.0041  -0.0037 31 GLU A CB  
407 C CG  . GLU A 31 ? 0.0542 0.0469 0.0643 -0.0072 0.0032  -0.0039 31 GLU A CG  
408 C CD  . GLU A 31 ? 0.0565 0.0549 0.0712 -0.0074 0.0034  -0.0052 31 GLU A CD  
409 O OE1 . GLU A 31 ? 0.0693 0.0693 0.0876 -0.0075 0.0043  -0.0060 31 GLU A OE1 
410 O OE2 . GLU A 31 ? 0.0510 0.0517 0.0653 -0.0074 0.0026  -0.0055 31 GLU A OE2 
417 N N   . LEU A 32 ? 0.0375 0.0209 0.0426 -0.0084 0.0017  -0.0027 32 LEU A N   
418 C CA  . LEU A 32 ? 0.0378 0.0203 0.0407 -0.0092 0.0001  -0.0026 32 LEU A CA  
419 C C   . LEU A 32 ? 0.0412 0.0185 0.0387 -0.0088 0.0000  -0.0010 32 LEU A C   
420 O O   . LEU A 32 ? 0.0454 0.0219 0.0399 -0.0093 -0.0012 -0.0005 32 LEU A O   
421 C CB  . LEU A 32 ? 0.0363 0.0200 0.0420 -0.0099 -0.0004 -0.0035 32 LEU A CB  
422 C CG  . LEU A 32 ? 0.0345 0.0236 0.0452 -0.0104 -0.0007 -0.0052 32 LEU A CG  
423 C CD1 . LEU A 32 ? 0.0460 0.0354 0.0593 -0.0110 -0.0009 -0.0060 32 LEU A CD1 
424 C CD2 . LEU A 32 ? 0.0483 0.0402 0.0586 -0.0109 -0.0022 -0.0056 32 LEU A CD2 
436 N N   . ALA A 33 ? 0.0434 0.0171 0.0396 -0.0082 0.0012  -0.0001 33 ALA A N   
437 C CA  . ALA A 33 ? 0.0470 0.0153 0.0379 -0.0078 0.0013  0.0014  33 ALA A CA  
438 C C   . ALA A 33 ? 0.0519 0.0201 0.0398 -0.0072 0.0012  0.0022  33 ALA A C   
439 O O   . ALA A 33 ? 0.0628 0.0286 0.0467 -0.0075 0.0002  0.0030  33 ALA A O   
440 C CB  . ALA A 33 ? 0.0608 0.0264 0.0517 -0.0070 0.0029  0.0022  33 ALA A CB  
446 N N   . ARG A 34 ? 0.0471 0.0175 0.0368 -0.0066 0.0021  0.0020  34 ARG A N   
447 C CA  . ARG A 34 ? 0.0615 0.0318 0.0484 -0.0060 0.0020  0.0026  34 ARG A CA  
448 C C   . ARG A 34 ? 0.0610 0.0339 0.0477 -0.0068 0.0005  0.0020  34 ARG A C   
449 O O   . ARG A 34 ? 0.0782 0.0492 0.0608 -0.0067 -0.0001 0.0028  34 ARG A O   
450 C CB  . ARG A 34 ? 0.0687 0.0416 0.0580 -0.0051 0.0034  0.0022  34 ARG A CB  
451 C CG  . ARG A 34 ? 0.0911 0.0610 0.0796 -0.0041 0.0051  0.0032  34 ARG A CG  
452 C CD  . ARG A 34 ? 0.1205 0.0928 0.1109 -0.0031 0.0064  0.0030  34 ARG A CD  
453 N NE  . ARG A 34 ? 0.1255 0.1029 0.1216 -0.0036 0.0066  0.0015  34 ARG A NE  
454 C CZ  . ARG A 34 ? 0.1370 0.1147 0.1361 -0.0036 0.0076  0.0011  34 ARG A CZ  
455 N NH1 . ARG A 34 ? 0.1481 0.1215 0.1454 -0.0034 0.0083  0.0020  34 ARG A NH1 
456 N NH2 . ARG A 34 ? 0.1031 0.0853 0.1071 -0.0042 0.0078  -0.0003 34 ARG A NH2 
470 N N   . GLU A 35 ? 0.0540 0.0314 0.0449 -0.0076 -0.0002 0.0006  35 GLU A N   
471 C CA  . GLU A 35 ? 0.0600 0.0402 0.0510 -0.0084 -0.0017 0.0000  35 GLU A CA  
472 C C   . GLU A 35 ? 0.0651 0.0421 0.0521 -0.0091 -0.0030 0.0008  35 GLU A C   
473 O O   . GLU A 35 ? 0.0820 0.0591 0.0665 -0.0093 -0.0040 0.0010  35 GLU A O   
474 C CB  . GLU A 35 ? 0.0753 0.0604 0.0714 -0.0091 -0.0022 -0.0017 35 GLU A CB  
475 C CG  . GLU A 35 ? 0.0920 0.0814 0.0924 -0.0087 -0.0013 -0.0027 35 GLU A CG  
476 C CD  . GLU A 35 ? 0.1101 0.1042 0.1155 -0.0095 -0.0019 -0.0043 35 GLU A CD  
477 O OE1 . GLU A 35 ? 0.1035 0.0987 0.1084 -0.0103 -0.0034 -0.0047 35 GLU A OE1 
478 O OE2 . GLU A 35 ? 0.1044 0.1011 0.1138 -0.0095 -0.0010 -0.0053 35 GLU A OE2 
485 N N   . THR A 36 ? 0.0446 0.0189 0.0311 -0.0094 -0.0030 0.0010  36 THR A N   
486 C CA  . THR A 36 ? 0.0546 0.0264 0.0378 -0.0102 -0.0043 0.0016  36 THR A CA  
487 C C   . THR A 36 ? 0.0885 0.0550 0.0664 -0.0097 -0.0040 0.0032  36 THR A C   
488 O O   . THR A 36 ? 0.0848 0.0512 0.0604 -0.0099 -0.0050 0.0035  36 THR A O   
489 C CB  . THR A 36 ? 0.0633 0.0351 0.0487 -0.0107 -0.0046 0.0011  36 THR A CB  
490 O OG1 . THR A 36 ? 0.0595 0.0290 0.0456 -0.0101 -0.0031 0.0014  36 THR A OG1 
491 C CG2 . THR A 36 ? 0.0707 0.0477 0.0610 -0.0113 -0.0051 -0.0005 36 THR A CG2 
499 N N   . GLY A 37 ? 0.0844 0.0491 0.0616 -0.0084 -0.0025 0.0038  37 GLY A N   
500 C CA  . GLY A 37 ? 0.0681 0.0316 0.0428 -0.0073 -0.0020 0.0046  37 GLY A CA  
501 C C   . GLY A 37 ? 0.0845 0.0480 0.0603 -0.0069 -0.0018 0.0045  37 GLY A C   
502 O O   . GLY A 37 ? 0.1060 0.0689 0.0798 -0.0064 -0.0019 0.0049  37 GLY A O   
506 N N   . LEU A 38 ? 0.0717 0.0360 0.0509 -0.0073 -0.0015 0.0040  38 LEU A N   
507 C CA  . LEU A 38 ? 0.0737 0.0383 0.0543 -0.0070 -0.0013 0.0040  38 LEU A CA  
508 C C   . LEU A 38 ? 0.0823 0.0464 0.0649 -0.0062 0.0001  0.0041  38 LEU A C   
509 O O   . LEU A 38 ? 0.0855 0.0496 0.0695 -0.0061 0.0009  0.0040  38 LEU A O   
510 C CB  . LEU A 38 ? 0.0733 0.0395 0.0566 -0.0080 -0.0020 0.0031  38 LEU A CB  
511 C CG  . LEU A 38 ? 0.0636 0.0306 0.0453 -0.0090 -0.0037 0.0030  38 LEU A CG  
512 C CD1 . LEU A 38 ? 0.0909 0.0604 0.0761 -0.0099 -0.0043 0.0019  38 LEU A CD1 
513 C CD2 . LEU A 38 ? 0.0940 0.0601 0.0731 -0.0085 -0.0040 0.0036  38 LEU A CD2 
525 N N   . PRO A 39 ? 0.0602 0.0239 0.0431 -0.0056 0.0005  0.0045  39 PRO A N   
526 C CA  . PRO A 39 ? 0.0572 0.0206 0.0423 -0.0050 0.0016  0.0046  39 PRO A CA  
527 C C   . PRO A 39 ? 0.0500 0.0145 0.0389 -0.0056 0.0018  0.0038  39 PRO A C   
528 O O   . PRO A 39 ? 0.0589 0.0245 0.0490 -0.0063 0.0011  0.0032  39 PRO A O   
529 C CB  . PRO A 39 ? 0.0822 0.0454 0.0668 -0.0045 0.0016  0.0051  39 PRO A CB  
530 C CG  . PRO A 39 ? 0.1058 0.0688 0.0875 -0.0048 0.0006  0.0052  39 PRO A CG  
531 C CD  . PRO A 39 ? 0.0693 0.0329 0.0503 -0.0057 -0.0001 0.0048  39 PRO A CD  
539 N N   . GLU A 40 ? 0.0789 0.0359 0.0538 -0.0014 0.0025  -0.0064 40 GLU A N   
540 C CA  . GLU A 40 ? 0.0787 0.0378 0.0581 0.0009  0.0023  -0.0063 40 GLU A CA  
541 C C   . GLU A 40 ? 0.0783 0.0355 0.0562 0.0012  0.0023  -0.0058 40 GLU A C   
542 O O   . GLU A 40 ? 0.0712 0.0293 0.0510 0.0028  0.0019  -0.0056 40 GLU A O   
543 C CB  . GLU A 40 ? 0.0765 0.0389 0.0610 0.0021  0.0023  -0.0064 40 GLU A CB  
544 C CG  . GLU A 40 ? 0.1206 0.0861 0.1102 0.0039  0.0020  -0.0063 40 GLU A CG  
545 C CD  . GLU A 40 ? 0.1447 0.1097 0.1346 0.0048  0.0020  -0.0056 40 GLU A CD  
546 O OE1 . GLU A 40 ? 0.1350 0.0977 0.1223 0.0040  0.0023  -0.0053 40 GLU A OE1 
547 O OE2 . GLU A 40 ? 0.1343 0.1013 0.1273 0.0060  0.0019  -0.0054 40 GLU A OE2 
554 N N   . SER A 41 ? 0.0920 0.0468 0.0667 -0.0003 0.0023  -0.0054 41 SER A N   
555 C CA  . SER A 41 ? 0.0915 0.0498 0.0675 0.0001  0.0019  -0.0041 41 SER A CA  
556 C C   . SER A 41 ? 0.0878 0.0506 0.0642 -0.0008 0.0011  -0.0034 41 SER A C   
557 O O   . SER A 41 ? 0.0748 0.0418 0.0540 0.0003  0.0006  -0.0024 41 SER A O   
558 C CB  . SER A 41 ? 0.1073 0.0654 0.0814 -0.0016 0.0020  -0.0035 41 SER A CB  
559 O OG  . SER A 41 ? 0.1186 0.0757 0.0884 -0.0046 0.0020  -0.0036 41 SER A OG  
565 N N   . ARG A 42 ? 0.0711 0.0334 0.0445 -0.0030 0.0010  -0.0039 42 ARG A N   
566 C CA  . ARG A 42 ? 0.0695 0.0360 0.0429 -0.0040 0.0004  -0.0032 42 ARG A CA  
567 C C   . ARG A 42 ? 0.0600 0.0278 0.0367 -0.0018 0.0002  -0.0036 42 ARG A C   
568 O O   . ARG A 42 ? 0.0660 0.0384 0.0446 -0.0014 -0.0004 -0.0028 42 ARG A O   
569 C CB  . ARG A 42 ? 0.0693 0.0344 0.0386 -0.0068 0.0005  -0.0039 42 ARG A CB  
570 C CG  . ARG A 42 ? 0.0799 0.0494 0.0490 -0.0081 -0.0001 -0.0033 42 ARG A CG  
571 C CD  . ARG A 42 ? 0.0972 0.0716 0.0670 -0.0090 -0.0008 -0.0018 42 ARG A CD  
572 N NE  . ARG A 42 ? 0.0986 0.0778 0.0684 -0.0102 -0.0014 -0.0012 42 ARG A NE  
573 C CZ  . ARG A 42 ? 0.1088 0.0919 0.0819 -0.0086 -0.0019 -0.0007 42 ARG A CZ  
574 N NH1 . ARG A 42 ? 0.0997 0.0824 0.0765 -0.0057 -0.0018 -0.0007 42 ARG A NH1 
575 N NH2 . ARG A 42 ? 0.1106 0.0980 0.0834 -0.0100 -0.0026 -0.0001 42 ARG A NH2 
589 N N   . ILE A 43 ? 0.0595 0.0232 0.0367 -0.0003 0.0008  -0.0048 43 ILE A N   
590 C CA  . ILE A 43 ? 0.0569 0.0216 0.0373 0.0021  0.0006  -0.0051 43 ILE A CA  
591 C C   . ILE A 43 ? 0.0544 0.0220 0.0388 0.0043  0.0004  -0.0042 43 ILE A C   
592 O O   . ILE A 43 ? 0.0620 0.0333 0.0490 0.0055  -0.0001 -0.0036 43 ILE A O   
593 C CB  . ILE A 43 ? 0.0753 0.0347 0.0553 0.0032  0.0013  -0.0066 43 ILE A CB  
594 C CG1 . ILE A 43 ? 0.0781 0.0367 0.0555 0.0011  0.0014  -0.0072 43 ILE A CG1 
595 C CG2 . ILE A 43 ? 0.0736 0.0368 0.0588 0.0054  0.0011  -0.0065 43 ILE A CG2 
596 C CD1 . ILE A 43 ? 0.0779 0.0364 0.0529 0.0001  0.0011  -0.0075 43 ILE A CD1 
608 N N   . GLN A 44 ? 0.0544 0.0205 0.0394 0.0050  0.0007  -0.0040 44 GLN A N   
609 C CA  . GLN A 44 ? 0.0746 0.0432 0.0631 0.0072  0.0006  -0.0030 44 GLN A CA  
610 C C   . GLN A 44 ? 0.0749 0.0490 0.0642 0.0065  -0.0002 -0.0017 44 GLN A C   
611 O O   . GLN A 44 ? 0.0824 0.0597 0.0749 0.0083  -0.0006 -0.0010 44 GLN A O   
612 C CB  . GLN A 44 ? 0.1190 0.0848 0.1074 0.0076  0.0011  -0.0031 44 GLN A CB  
613 C CG  . GLN A 44 ? 0.1815 0.1499 0.1734 0.0097  0.0010  -0.0021 44 GLN A CG  
614 C CD  . GLN A 44 ? 0.3015 0.2674 0.2939 0.0103  0.0015  -0.0024 44 GLN A CD  
615 O OE1 . GLN A 44 ? 0.3599 0.3234 0.3495 0.0089  0.0018  -0.0023 44 GLN A OE1 
616 N NE2 . GLN A 44 ? 0.3045 0.2749 0.3029 0.0109  0.0014  -0.0026 44 GLN A NE2 
625 N N   . ILE A 45 ? 0.0680 0.0431 0.0544 0.0040  -0.0004 -0.0011 45 ILE A N   
626 C CA  . ILE A 45 ? 0.0691 0.0496 0.0560 0.0032  -0.0012 0.0002  45 ILE A CA  
627 C C   . ILE A 45 ? 0.0524 0.0361 0.0406 0.0034  -0.0017 0.0003  45 ILE A C   
628 O O   . ILE A 45 ? 0.0666 0.0548 0.0573 0.0044  -0.0022 0.0012  45 ILE A O   
629 C CB  . ILE A 45 ? 0.1001 0.0810 0.0833 0.0002  -0.0013 0.0006  45 ILE A CB  
630 C CG1 . ILE A 45 ? 0.1309 0.1098 0.1136 0.0003  -0.0009 0.0009  45 ILE A CG1 
631 C CG2 . ILE A 45 ? 0.0957 0.0822 0.0793 -0.0010 -0.0021 0.0017  45 ILE A CG2 
632 C CD1 . ILE A 45 ? 0.1411 0.1184 0.1198 -0.0026 -0.0008 0.0008  45 ILE A CD1 
644 N N   . TRP A 46 ? 0.0532 0.0348 0.0396 0.0025  -0.0015 -0.0008 46 TRP A N   
645 C CA  . TRP A 46 ? 0.0522 0.0366 0.0394 0.0025  -0.0019 -0.0008 46 TRP A CA  
646 C C   . TRP A 46 ? 0.0504 0.0361 0.0419 0.0055  -0.0020 -0.0008 46 TRP A C   
647 O O   . TRP A 46 ? 0.0505 0.0407 0.0441 0.0062  -0.0026 0.0000  46 TRP A O   
648 C CB  . TRP A 46 ? 0.0538 0.0349 0.0382 0.0010  -0.0016 -0.0021 46 TRP A CB  
649 C CG  . TRP A 46 ? 0.0569 0.0406 0.0414 0.0005  -0.0020 -0.0022 46 TRP A CG  
650 C CD1 . TRP A 46 ? 0.0549 0.0412 0.0371 -0.0020 -0.0024 -0.0019 46 TRP A CD1 
651 C CD2 . TRP A 46 ? 0.0631 0.0474 0.0505 0.0026  -0.0021 -0.0026 46 TRP A CD2 
652 N NE1 . TRP A 46 ? 0.0547 0.0432 0.0381 -0.0016 -0.0027 -0.0020 46 TRP A NE1 
653 C CE2 . TRP A 46 ? 0.0566 0.0438 0.0429 0.0012  -0.0025 -0.0025 46 TRP A CE2 
654 C CE3 . TRP A 46 ? 0.0775 0.0600 0.0678 0.0054  -0.0018 -0.0030 46 TRP A CE3 
655 C CZ2 . TRP A 46 ? 0.0807 0.0691 0.0693 0.0026  -0.0026 -0.0028 46 TRP A CZ2 
656 C CZ3 . TRP A 46 ? 0.0856 0.0694 0.0780 0.0068  -0.0020 -0.0033 46 TRP A CZ3 
657 C CH2 . TRP A 46 ? 0.0820 0.0686 0.0735 0.0054  -0.0024 -0.0032 46 TRP A CH2 
668 N N   . PHE A 47 ? 0.0483 0.0303 0.0411 0.0075  -0.0015 -0.0015 47 PHE A N   
669 C CA  . PHE A 47 ? 0.0464 0.0292 0.0431 0.0105  -0.0015 -0.0015 47 PHE A CA  
670 C C   . PHE A 47 ? 0.0556 0.0422 0.0550 0.0117  -0.0019 -0.0001 47 PHE A C   
671 O O   . PHE A 47 ? 0.0685 0.0583 0.0707 0.0133  -0.0023 0.0004  47 PHE A O   
672 C CB  . PHE A 47 ? 0.0450 0.0230 0.0425 0.0120  -0.0008 -0.0026 47 PHE A CB  
673 C CG  . PHE A 47 ? 0.0451 0.0205 0.0417 0.0121  -0.0006 -0.0039 47 PHE A CG  
674 C CD1 . PHE A 47 ? 0.0790 0.0514 0.0719 0.0100  -0.0004 -0.0047 47 PHE A CD1 
675 C CD2 . PHE A 47 ? 0.0576 0.0343 0.0574 0.0138  -0.0005 -0.0041 47 PHE A CD2 
676 C CE1 . PHE A 47 ? 0.0662 0.0363 0.0583 0.0100  -0.0002 -0.0058 47 PHE A CE1 
677 C CE2 . PHE A 47 ? 0.0467 0.0232 0.0467 0.0127  0.0000  -0.0048 47 PHE A CE2 
678 C CZ  . PHE A 47 ? 0.0540 0.0271 0.0501 0.0112  -0.0001 -0.0057 47 PHE A CZ  
688 N N   . GLN A 48 ? 0.0472 0.0331 0.0457 0.0112  -0.0017 0.0004  48 GLN A N   
689 C CA  . GLN A 48 ? 0.0703 0.0595 0.0709 0.0124  -0.0020 0.0017  48 GLN A CA  
690 C C   . GLN A 48 ? 0.0640 0.0585 0.0649 0.0115  -0.0028 0.0028  48 GLN A C   
691 O O   . GLN A 48 ? 0.0566 0.0548 0.0604 0.0132  -0.0033 0.0037  48 GLN A O   
692 C CB  . GLN A 48 ? 0.1041 0.0913 0.1030 0.0114  -0.0017 0.0020  48 GLN A CB  
693 C CG  . GLN A 48 ? 0.1448 0.1273 0.1442 0.0128  -0.0009 0.0011  48 GLN A CG  
694 C CD  . GLN A 48 ? 0.2010 0.1812 0.1982 0.0116  -0.0005 0.0013  48 GLN A CD  
695 O OE1 . GLN A 48 ? 0.2087 0.1904 0.2035 0.0093  -0.0008 0.0019  48 GLN A OE1 
696 N NE2 . GLN A 48 ? 0.2333 0.2100 0.2315 0.0130  0.0001  0.0008  48 GLN A NE2 
705 N N   . ASN A 49 ? 0.0601 0.0556 0.0581 0.0088  -0.0031 0.0027  49 ASN A N   
706 C CA  . ASN A 49 ? 0.0642 0.0651 0.0623 0.0078  -0.0039 0.0037  49 ASN A CA  
707 C C   . ASN A 49 ? 0.0644 0.0677 0.0647 0.0090  -0.0042 0.0036  49 ASN A C   
708 O O   . ASN A 49 ? 0.0711 0.0792 0.0736 0.0098  -0.0048 0.0046  49 ASN A O   
709 C CB  . ASN A 49 ? 0.0881 0.0890 0.0823 0.0045  -0.0040 0.0036  49 ASN A CB  
710 C CG  . ASN A 49 ? 0.1334 0.1336 0.1257 0.0031  -0.0039 0.0041  49 ASN A CG  
711 O OD1 . ASN A 49 ? 0.1781 0.1781 0.1718 0.0047  -0.0038 0.0048  49 ASN A OD1 
712 N ND2 . ASN A 49 ? 0.1513 0.1505 0.1399 0.0003  -0.0038 0.0039  49 ASN A ND2 
719 N N   . ARG A 50 ? 0.0615 0.0617 0.0614 0.0092  -0.0038 0.0023  50 ARG A N   
720 C CA  . ARG A 50 ? 0.0505 0.0530 0.0525 0.0103  -0.0041 0.0023  50 ARG A CA  
721 C C   . ARG A 50 ? 0.0548 0.0586 0.0609 0.0134  -0.0042 0.0027  50 ARG A C   
722 O O   . ARG A 50 ? 0.0632 0.0713 0.0715 0.0144  -0.0046 0.0034  50 ARG A O   
723 C CB  . ARG A 50 ? 0.0633 0.0621 0.0639 0.0099  -0.0037 0.0008  50 ARG A CB  
724 C CG  . ARG A 50 ? 0.0882 0.0897 0.0908 0.0109  -0.0041 0.0008  50 ARG A CG  
725 C CD  . ARG A 50 ? 0.1369 0.1355 0.1376 0.0099  -0.0038 -0.0005 50 ARG A CD  
726 N NE  . ARG A 50 ? 0.2095 0.2117 0.2119 0.0103  -0.0042 -0.0004 50 ARG A NE  
727 C CZ  . ARG A 50 ? 0.2435 0.2493 0.2446 0.0085  -0.0046 0.0000  50 ARG A CZ  
728 N NH1 . ARG A 50 ? 0.2103 0.2167 0.2083 0.0057  -0.0048 0.0003  50 ARG A NH1 
729 N NH2 . ARG A 50 ? 0.3224 0.3312 0.3253 0.0092  -0.0050 0.0002  50 ARG A NH2 
743 N N   . ARG A 51 ? 0.0485 0.0488 0.0555 0.0151  -0.0036 0.0024  51 ARG A N   
744 C CA  . ARG A 51 ? 0.0438 0.0451 0.0544 0.0180  -0.0036 0.0029  51 ARG A CA  
745 C C   . ARG A 51 ? 0.0652 0.0710 0.0773 0.0185  -0.0041 0.0044  51 ARG A C   
746 O O   . ARG A 51 ? 0.0937 0.1021 0.1089 0.0207  -0.0044 0.0050  51 ARG A O   
747 C CB  . ARG A 51 ? 0.0540 0.0507 0.0654 0.0195  -0.0029 0.0021  51 ARG A CB  
748 C CG  . ARG A 51 ? 0.0726 0.0656 0.0837 0.0189  -0.0022 0.0007  51 ARG A CG  
749 C CD  . ARG A 51 ? 0.0808 0.0721 0.0940 0.0173  -0.0006 0.0008  51 ARG A CD  
750 N NE  . ARG A 51 ? 0.1006 0.0902 0.1130 0.0172  -0.0005 0.0006  51 ARG A NE  
751 C CZ  . ARG A 51 ? 0.1105 0.0966 0.1209 0.0163  0.0000  -0.0001 51 ARG A CZ  
752 N NH1 . ARG A 51 ? 0.1145 0.0988 0.1237 0.0152  0.0006  -0.0010 51 ARG A NH1 
753 N NH2 . ARG A 51 ? 0.1056 0.0903 0.1151 0.0162  -0.0001 -0.0001 51 ARG A NH2 
767 N N   . ALA A 52 ? 0.0379 0.0445 0.0478 0.0166  -0.0043 0.0050  52 ALA A N   
768 C CA  . ALA A 52 ? 0.0600 0.0710 0.0711 0.0170  -0.0049 0.0065  52 ALA A CA  
769 C C   . ALA A 52 ? 0.0777 0.0938 0.0896 0.0167  -0.0056 0.0071  52 ALA A C   
770 O O   . ALA A 52 ? 0.0684 0.0885 0.0826 0.0181  -0.0061 0.0082  52 ALA A O   
771 C CB  . ALA A 52 ? 0.1018 0.1123 0.1101 0.0151  -0.0049 0.0069  52 ALA A CB  
777 N N   . ARG A 53 ? 0.0738 0.0901 0.0840 0.0149  -0.0057 0.0064  53 ARG A N   
778 C CA  . ARG A 53 ? 0.0832 0.1045 0.0941 0.0145  -0.0064 0.0069  53 ARG A CA  
779 C C   . ARG A 53 ? 0.0829 0.1046 0.0968 0.0168  -0.0064 0.0065  53 ARG A C   
780 O O   . ARG A 53 ? 0.0971 0.1231 0.1127 0.0174  -0.0069 0.0071  53 ARG A O   
781 C CB  . ARG A 53 ? 0.0901 0.1114 0.0979 0.0114  -0.0065 0.0063  53 ARG A CB  
782 C CG  . ARG A 53 ? 0.1697 0.1914 0.1745 0.0090  -0.0065 0.0068  53 ARG A CG  
783 C CD  . ARG A 53 ? 0.2641 0.2859 0.2656 0.0059  -0.0067 0.0062  53 ARG A CD  
784 N NE  . ARG A 53 ? 0.3455 0.3720 0.3459 0.0042  -0.0073 0.0072  53 ARG A NE  
785 C CZ  . ARG A 53 ? 0.3954 0.4221 0.3925 0.0012  -0.0074 0.0071  53 ARG A CZ  
786 N NH1 . ARG A 53 ? 0.4057 0.4276 0.3998 -0.0005 -0.0068 0.0060  53 ARG A NH1 
787 N NH2 . ARG A 53 ? 0.4100 0.4412 0.4065 -0.0002 -0.0080 0.0081  53 ARG A NH2 
801 N N   . HIS A 54 ? 0.0765 0.0935 0.0910 0.0181  -0.0057 0.0055  54 HIS A N   
802 C CA  . HIS A 54 ? 0.0780 0.0949 0.0951 0.0203  -0.0056 0.0050  54 HIS A CA  
803 C C   . HIS A 54 ? 0.0586 0.0711 0.0773 0.0206  -0.0049 0.0044  54 HIS A C   
804 O O   . HIS A 54 ? 0.0717 0.0799 0.0902 0.0200  -0.0042 0.0033  54 HIS A O   
805 C CB  . HIS A 54 ? 0.1266 0.1413 0.1421 0.0190  -0.0054 0.0038  54 HIS A CB  
806 C CG  . HIS A 54 ? 0.1865 0.2040 0.1997 0.0163  -0.0059 0.0039  54 HIS A CG  
807 N ND1 . HIS A 54 ? 0.2121 0.2349 0.2265 0.0163  -0.0065 0.0047  54 HIS A ND1 
808 C CD2 . HIS A 54 ? 0.2076 0.2235 0.2171 0.0135  -0.0057 0.0035  54 HIS A CD2 
809 C CE1 . HIS A 54 ? 0.2197 0.2439 0.2314 0.0136  -0.0068 0.0046  54 HIS A CE1 
810 N NE2 . HIS A 54 ? 0.2173 0.2374 0.2261 0.0118  -0.0063 0.0039  54 HIS A NE2 
# 
loop_
_pdbx_poly_seq_scheme.asym_id 
_pdbx_poly_seq_scheme.entity_id 
_pdbx_poly_seq_scheme.seq_id 
_pdbx_poly_seq_scheme.mon_id 
_pdbx_poly_seq_scheme.ndb_seq_num 
_pdbx_poly_seq_scheme.pdb_seq_num 
_pdbx_poly_seq_scheme.auth_seq_num 
_pdbx_poly_seq_scheme.pdb_mon_id 
_pdbx_poly_seq_scheme.auth_mon_id 
_pdbx_poly_seq_scheme.pdb_strand_id 
_pdbx_poly_seq_scheme.pdb_ins_code 
_pdbx_poly_seq_scheme.hetero 
A 1 1  GLY 1  1  ?  ?   ?   A . n 
A 1 2  SER 2  2  ?  ?   ?   A . n 
A 1 3  HIS 3  3  ?  ?   ?   A . n 
A 1 4  MET 4  4  ?  ?   ?   A . n 
A 1 5  ALA 5  5  5  ALA ALA A . n 
A 1 6  VAL 6  6  6  VAL VAL A . n 
A 1 7  THR 7  7  7  THR THR A . n 
A 1 8  GLY 8  8  8  GLY GLY A . n 
A 1 9  SER 9  9  9  SER SER A . n 
A 1 10 GLN 10 10 10 GLN GLN A . n 
A 1 11 THR 11 11 11 THR THR A . n 
A 1 12 ALA 12 12 12 ALA ALA A . n 
A 1 13 LEU 13 13 13 LEU LEU A . n 
A 1 14 LEU 14 14 14 LEU LEU A . n 
A 1 15 LEU 15 15 15 LEU LEU A . n 
A 1 16 ARG 16 16 16 ARG ARG A . n 
A 1 17 ALA 17 17 17 ALA ALA A . n 
A 1 18 PHE 18 18 18 PHE PHE A . n 
A 1 19 GLU 19 19 19 GLU GLU A . n 
A 1 20 LYS 20 20 20 LYS LYS A . n 
A 1 21 ASP 21 21 21 ASP ASP A . n 
A 1 22 ARG 22 22 22 ARG ARG A . n 
A 1 23 PHE 23 23 23 PHE PHE A . n 
A 1 24 PRO 24 24 24 PRO PRO A . n 
A 1 25 GLY 25 25 25 GLY GLY A . n 
A 1 26 ILE 26 26 26 ILE ILE A . n 
A 1 27 ALA 27 27 27 ALA ALA A . n 
A 1 28 ALA 28 28 28 ALA ALA A . n 
A 1 29 ARG 29 29 29 ARG ARG A . n 
A 1 30 GLU 30 30 30 GLU GLU A . n 
A 1 31 GLU 31 31 31 GLU GLU A . n 
A 1 32 LEU 32 32 32 LEU LEU A . n 
A 1 33 ALA 33 33 33 ALA ALA A . n 
A 1 34 ARG 34 34 34 ARG ARG A . n 
A 1 35 GLU 35 35 35 GLU GLU A . n 
A 1 36 THR 36 36 36 THR THR A . n 
A 1 37 GLY 37 37 37 GLY GLY A . n 
A 1 38 LEU 38 38 38 LEU LEU A . n 
A 1 39 PRO 39 39 39 PRO PRO A . n 
A 1 40 GLU 40 40 40 GLU GLU A . n 
A 1 41 SER 41 41 41 SER SER A . n 
A 1 42 ARG 42 42 42 ARG ARG A . n 
A 1 43 ILE 43 43 43 ILE ILE A . n 
A 1 44 GLN 44 44 44 GLN GLN A . n 
A 1 45 ILE 45 45 45 ILE ILE A . n 
A 1 46 TRP 46 46 46 TRP TRP A . n 
A 1 47 PHE 47 47 47 PHE PHE A . n 
A 1 48 GLN 48 48 48 GLN GLN A . n 
A 1 49 ASN 49 49 49 ASN ASN A . n 
A 1 50 ARG 50 50 50 ARG ARG A . n 
A 1 51 ARG 51 51 51 ARG ARG A . n 
A 1 52 ALA 52 52 52 ALA ALA A . n 
A 1 53 ARG 53 53 53 ARG ARG A . n 
A 1 54 HIS 54 54 54 HIS HIS A . n 
A 1 55 PRO 55 55 ?  ?   ?   A . n 
# 
loop_
_pdbx_nonpoly_scheme.asym_id 
_pdbx_nonpoly_scheme.entity_id 
_pdbx_nonpoly_scheme.mon_id 
_pdbx_nonpoly_scheme.ndb_seq_num 
_pdbx_nonpoly_scheme.pdb_seq_num 
_pdbx_nonpoly_scheme.auth_seq_num 
_pdbx_nonpoly_scheme.pdb_mon_id 
_pdbx_nonpoly_scheme.auth_mon_id 
_pdbx_nonpoly_scheme.pdb_strand_id 
_pdbx_nonpoly_scheme.pdb_ins_code 
B 2 HOH 1   101 94  HOH HOH A . 
B 2 HOH 2   102 95  HOH HOH A . 
B 2 HOH 3   103 81  HOH HOH A . 
B 2 HOH 4   104 98  HOH HOH A . 
B 2 HOH 5   105 78  HOH HOH A . 
B 2 HOH 6   106 101 HOH HOH A . 
B 2 HOH 7   107 91  HOH HOH A . 
B 2 HOH 8   108 46  HOH HOH A . 
B 2 HOH 9   109 45  HOH HOH A . 
B 2 HOH 10  110 32  HOH HOH A . 
B 2 HOH 11  111 61  HOH HOH A . 
B 2 HOH 12  112 83  HOH HOH A . 
B 2 HOH 13  113 9   HOH HOH A . 
B 2 HOH 14  114 55  HOH HOH A . 
B 2 HOH 15  115 77  HOH HOH A . 
B 2 HOH 16  116 66  HOH HOH A . 
B 2 HOH 17  117 47  HOH HOH A . 
B 2 HOH 18  118 23  HOH HOH A . 
B 2 HOH 19  119 67  HOH HOH A . 
B 2 HOH 20  120 97  HOH HOH A . 
B 2 HOH 21  121 60  HOH HOH A . 
B 2 HOH 22  122 51  HOH HOH A . 
B 2 HOH 23  123 31  HOH HOH A . 
B 2 HOH 24  124 2   HOH HOH A . 
B 2 HOH 25  125 26  HOH HOH A . 
B 2 HOH 26  126 74  HOH HOH A . 
B 2 HOH 27  127 17  HOH HOH A . 
B 2 HOH 28  128 8   HOH HOH A . 
B 2 HOH 29  129 80  HOH HOH A . 
B 2 HOH 30  130 20  HOH HOH A . 
B 2 HOH 31  131 3   HOH HOH A . 
B 2 HOH 32  132 36  HOH HOH A . 
B 2 HOH 33  133 4   HOH HOH A . 
B 2 HOH 34  134 58  HOH HOH A . 
B 2 HOH 35  135 40  HOH HOH A . 
B 2 HOH 36  136 108 HOH HOH A . 
B 2 HOH 37  137 18  HOH HOH A . 
B 2 HOH 38  138 53  HOH HOH A . 
B 2 HOH 39  139 69  HOH HOH A . 
B 2 HOH 40  140 22  HOH HOH A . 
B 2 HOH 41  141 48  HOH HOH A . 
B 2 HOH 42  142 10  HOH HOH A . 
B 2 HOH 43  143 21  HOH HOH A . 
B 2 HOH 44  144 38  HOH HOH A . 
B 2 HOH 45  145 7   HOH HOH A . 
B 2 HOH 46  146 19  HOH HOH A . 
B 2 HOH 47  147 33  HOH HOH A . 
B 2 HOH 48  148 63  HOH HOH A . 
B 2 HOH 49  149 11  HOH HOH A . 
B 2 HOH 50  150 1   HOH HOH A . 
B 2 HOH 51  151 70  HOH HOH A . 
B 2 HOH 52  152 6   HOH HOH A . 
B 2 HOH 53  153 29  HOH HOH A . 
B 2 HOH 54  154 59  HOH HOH A . 
B 2 HOH 55  155 24  HOH HOH A . 
B 2 HOH 56  156 28  HOH HOH A . 
B 2 HOH 57  157 16  HOH HOH A . 
B 2 HOH 58  158 35  HOH HOH A . 
B 2 HOH 59  159 50  HOH HOH A . 
B 2 HOH 60  160 12  HOH HOH A . 
B 2 HOH 61  161 105 HOH HOH A . 
B 2 HOH 62  162 93  HOH HOH A . 
B 2 HOH 63  163 72  HOH HOH A . 
B 2 HOH 64  164 42  HOH HOH A . 
B 2 HOH 65  165 15  HOH HOH A . 
B 2 HOH 66  166 5   HOH HOH A . 
B 2 HOH 67  167 56  HOH HOH A . 
B 2 HOH 68  168 25  HOH HOH A . 
B 2 HOH 69  169 54  HOH HOH A . 
B 2 HOH 70  170 100 HOH HOH A . 
B 2 HOH 71  171 43  HOH HOH A . 
B 2 HOH 72  172 76  HOH HOH A . 
B 2 HOH 73  173 14  HOH HOH A . 
B 2 HOH 74  174 71  HOH HOH A . 
B 2 HOH 75  175 64  HOH HOH A . 
B 2 HOH 76  176 82  HOH HOH A . 
B 2 HOH 77  177 57  HOH HOH A . 
B 2 HOH 78  178 34  HOH HOH A . 
B 2 HOH 79  179 75  HOH HOH A . 
B 2 HOH 80  180 102 HOH HOH A . 
B 2 HOH 81  181 103 HOH HOH A . 
B 2 HOH 82  182 85  HOH HOH A . 
B 2 HOH 83  183 37  HOH HOH A . 
B 2 HOH 84  184 39  HOH HOH A . 
B 2 HOH 85  185 104 HOH HOH A . 
B 2 HOH 86  186 65  HOH HOH A . 
B 2 HOH 87  187 99  HOH HOH A . 
B 2 HOH 88  188 27  HOH HOH A . 
B 2 HOH 89  189 73  HOH HOH A . 
B 2 HOH 90  190 87  HOH HOH A . 
B 2 HOH 91  191 90  HOH HOH A . 
B 2 HOH 92  192 92  HOH HOH A . 
B 2 HOH 93  193 49  HOH HOH A . 
B 2 HOH 94  194 96  HOH HOH A . 
B 2 HOH 95  195 30  HOH HOH A . 
B 2 HOH 96  196 13  HOH HOH A . 
B 2 HOH 97  197 89  HOH HOH A . 
B 2 HOH 98  198 41  HOH HOH A . 
B 2 HOH 99  199 44  HOH HOH A . 
B 2 HOH 100 200 79  HOH HOH A . 
B 2 HOH 101 201 88  HOH HOH A . 
B 2 HOH 102 202 68  HOH HOH A . 
B 2 HOH 103 203 62  HOH HOH A . 
B 2 HOH 104 204 84  HOH HOH A . 
B 2 HOH 105 205 107 HOH HOH A . 
B 2 HOH 106 206 52  HOH HOH A . 
B 2 HOH 107 207 86  HOH HOH A . 
B 2 HOH 108 208 106 HOH HOH A . 
# 
_pdbx_struct_assembly.id                   1 
_pdbx_struct_assembly.details              author_defined_assembly 
_pdbx_struct_assembly.method_details       ? 
_pdbx_struct_assembly.oligomeric_details   monomeric 
_pdbx_struct_assembly.oligomeric_count     1 
# 
_pdbx_struct_assembly_gen.assembly_id       1 
_pdbx_struct_assembly_gen.oper_expression   1 
_pdbx_struct_assembly_gen.asym_id_list      A,B 
# 
loop_
_pdbx_struct_assembly_prop.biol_id 
_pdbx_struct_assembly_prop.type 
_pdbx_struct_assembly_prop.value 
_pdbx_struct_assembly_prop.details 
1 'ABSA (A^2)' 0    ? 
1 MORE         0    ? 
1 'SSA (A^2)'  3450 ? 
# 
_pdbx_struct_oper_list.id                   1 
_pdbx_struct_oper_list.type                 'identity operation' 
_pdbx_struct_oper_list.name                 1_555 
_pdbx_struct_oper_list.symmetry_operation   x,y,z 
_pdbx_struct_oper_list.matrix[1][1]         1.0000000000 
_pdbx_struct_oper_list.matrix[1][2]         0.0000000000 
_pdbx_struct_oper_list.matrix[1][3]         0.0000000000 
_pdbx_struct_oper_list.vector[1]            0.0000000000 
_pdbx_struct_oper_list.matrix[2][1]         0.0000000000 
_pdbx_struct_oper_list.matrix[2][2]         1.0000000000 
_pdbx_struct_oper_list.matrix[2][3]         0.0000000000 
_pdbx_struct_oper_list.vector[2]            0.0000000000 
_pdbx_struct_oper_list.matrix[3][1]         0.0000000000 
_pdbx_struct_oper_list.matrix[3][2]         0.0000000000 
_pdbx_struct_oper_list.matrix[3][3]         1.0000000000 
_pdbx_struct_oper_list.vector[3]            0.0000000000 
# 
loop_
_pdbx_audit_revision_history.ordinal 
_pdbx_audit_revision_history.data_content_type 
_pdbx_audit_revision_history.major_revision 
_pdbx_audit_revision_history.minor_revision 
_pdbx_audit_revision_history.revision_date 
1 'Structure model' 1 0 2018-04-04 
2 'Structure model' 1 1 2018-06-20 
3 'Structure model' 1 2 2023-11-22 
# 
_pdbx_audit_revision_details.ordinal             1 
_pdbx_audit_revision_details.revision_ordinal    1 
_pdbx_audit_revision_details.data_content_type   'Structure model' 
_pdbx_audit_revision_details.provider            repository 
_pdbx_audit_revision_details.type                'Initial release' 
_pdbx_audit_revision_details.description         ? 
_pdbx_audit_revision_details.details             ? 
# 
loop_
_pdbx_audit_revision_group.ordinal 
_pdbx_audit_revision_group.revision_ordinal 
_pdbx_audit_revision_group.data_content_type 
_pdbx_audit_revision_group.group 
1 2 'Structure model' 'Data collection'        
2 2 'Structure model' 'Database references'    
3 3 'Structure model' 'Data collection'        
4 3 'Structure model' 'Database references'    
5 3 'Structure model' 'Refinement description' 
# 
loop_
_pdbx_audit_revision_category.ordinal 
_pdbx_audit_revision_category.revision_ordinal 
_pdbx_audit_revision_category.data_content_type 
_pdbx_audit_revision_category.category 
1 2 'Structure model' citation                      
2 3 'Structure model' chem_comp_atom                
3 3 'Structure model' chem_comp_bond                
4 3 'Structure model' database_2                    
5 3 'Structure model' pdbx_initial_refinement_model 
# 
loop_
_pdbx_audit_revision_item.ordinal 
_pdbx_audit_revision_item.revision_ordinal 
_pdbx_audit_revision_item.data_content_type 
_pdbx_audit_revision_item.item 
1 2 'Structure model' '_citation.journal_volume'            
2 2 'Structure model' '_citation.page_first'                
3 2 'Structure model' '_citation.page_last'                 
4 3 'Structure model' '_database_2.pdbx_DOI'                
5 3 'Structure model' '_database_2.pdbx_database_accession' 
# 
loop_
_pdbx_refine_tls.pdbx_refine_id 
_pdbx_refine_tls.id 
_pdbx_refine_tls.details 
_pdbx_refine_tls.method 
_pdbx_refine_tls.origin_x 
_pdbx_refine_tls.origin_y 
_pdbx_refine_tls.origin_z 
_pdbx_refine_tls.T[1][1] 
_pdbx_refine_tls.T[2][2] 
_pdbx_refine_tls.T[3][3] 
_pdbx_refine_tls.T[1][2] 
_pdbx_refine_tls.T[1][3] 
_pdbx_refine_tls.T[2][3] 
_pdbx_refine_tls.L[1][1] 
_pdbx_refine_tls.L[2][2] 
_pdbx_refine_tls.L[3][3] 
_pdbx_refine_tls.L[1][2] 
_pdbx_refine_tls.L[1][3] 
_pdbx_refine_tls.L[2][3] 
_pdbx_refine_tls.S[1][1] 
_pdbx_refine_tls.S[1][2] 
_pdbx_refine_tls.S[1][3] 
_pdbx_refine_tls.S[2][1] 
_pdbx_refine_tls.S[2][2] 
_pdbx_refine_tls.S[2][3] 
_pdbx_refine_tls.S[3][1] 
_pdbx_refine_tls.S[3][2] 
_pdbx_refine_tls.S[3][3] 
'X-RAY DIFFRACTION' 1 ? refined -3.9016 -2.4662 4.3755  0.0153 0.0254 0.0422 -0.0170 -0.0216 -0.0080 0.0227 0.0107 0.0039 0.0148  -0.0025 -0.0023 0.0429  -0.0633 0.0225 0.0269  -0.0207 0.0303  0.0282 -0.0259 -0.0100 
'X-RAY DIFFRACTION' 2 ? refined 5.4202  -0.4452 0.0576  0.0368 0.0189 0.0466 -0.0094 0.0021  -0.0039 0.0192 0.0104 0.1009 -0.0076 -0.0098 -0.0174 0.0107  -0.0422 0.0476 -0.0592 -0.0082 -0.0322 0.0258 0.0114  -0.0127 
'X-RAY DIFFRACTION' 3 ? refined -3.0084 4.3313  -3.4155 0.0477 0.0347 0.0418 0.0074  -0.0021 0.0001  0.0052 0.0262 0.0842 -0.0007 -0.0182 0.0217  -0.0165 0.0342  0.0338 -0.0262 0.0332  0.0094  0.0529 -0.0907 0.0110  
# 
loop_
_pdbx_refine_tls_group.pdbx_refine_id 
_pdbx_refine_tls_group.id 
_pdbx_refine_tls_group.refine_tls_id 
_pdbx_refine_tls_group.beg_auth_asym_id 
_pdbx_refine_tls_group.beg_auth_seq_id 
_pdbx_refine_tls_group.beg_label_asym_id 
_pdbx_refine_tls_group.beg_label_seq_id 
_pdbx_refine_tls_group.end_auth_asym_id 
_pdbx_refine_tls_group.end_auth_seq_id 
_pdbx_refine_tls_group.end_label_asym_id 
_pdbx_refine_tls_group.end_label_seq_id 
_pdbx_refine_tls_group.selection 
_pdbx_refine_tls_group.selection_details 
'X-RAY DIFFRACTION' 1 1 ? ? ? ? ? ? ? ? ? 
;chain 'A' and (resid 5 through 20 )
;
'X-RAY DIFFRACTION' 2 2 ? ? ? ? ? ? ? ? ? 
;chain 'A' and (resid 21 through 39 )
;
'X-RAY DIFFRACTION' 3 3 ? ? ? ? ? ? ? ? ? 
;chain 'A' and (resid 40 through 54 )
;
# 
loop_
_software.citation_id 
_software.classification 
_software.compiler_name 
_software.compiler_version 
_software.contact_author 
_software.contact_author_email 
_software.date 
_software.description 
_software.dependencies 
_software.hardware 
_software.language 
_software.location 
_software.mods 
_software.name 
_software.os 
_software.os_version 
_software.type 
_software.version 
_software.pdbx_ordinal 
? refinement       ? ? ? ? ? ? ? ? ? ? ? PHENIX ? ? ? '(1.11.1_2575)' 1 
? 'data reduction' ? ? ? ? ? ? ? ? ? ? ? MOSFLM ? ? ? .               2 
? 'data scaling'   ? ? ? ? ? ? ? ? ? ? ? SCALA  ? ? ? .               3 
? phasing          ? ? ? ? ? ? ? ? ? ? ? PHASER ? ? ? .               4 
# 
loop_
_pdbx_validate_close_contact.id 
_pdbx_validate_close_contact.PDB_model_num 
_pdbx_validate_close_contact.auth_atom_id_1 
_pdbx_validate_close_contact.auth_asym_id_1 
_pdbx_validate_close_contact.auth_comp_id_1 
_pdbx_validate_close_contact.auth_seq_id_1 
_pdbx_validate_close_contact.PDB_ins_code_1 
_pdbx_validate_close_contact.label_alt_id_1 
_pdbx_validate_close_contact.auth_atom_id_2 
_pdbx_validate_close_contact.auth_asym_id_2 
_pdbx_validate_close_contact.auth_comp_id_2 
_pdbx_validate_close_contact.auth_seq_id_2 
_pdbx_validate_close_contact.PDB_ins_code_2 
_pdbx_validate_close_contact.label_alt_id_2 
_pdbx_validate_close_contact.dist 
1 1 NZ  A LYS 20  ? ? O A HOH 101 ? ? 1.93 
2 1 O   A HOH 179 ? ? O A HOH 206 ? ? 2.08 
3 1 O   A HOH 101 ? ? O A HOH 170 ? ? 2.09 
4 1 NH1 A ARG 34  ? ? O A HOH 102 ? ? 2.12 
5 1 O   A HOH 158 ? ? O A HOH 203 ? ? 2.14 
6 1 O   A HOH 177 ? ? O A HOH 194 ? ? 2.16 
7 1 N   A ALA 5   ? ? O A HOH 103 ? ? 2.19 
# 
loop_
_pdbx_validate_symm_contact.id 
_pdbx_validate_symm_contact.PDB_model_num 
_pdbx_validate_symm_contact.auth_atom_id_1 
_pdbx_validate_symm_contact.auth_asym_id_1 
_pdbx_validate_symm_contact.auth_comp_id_1 
_pdbx_validate_symm_contact.auth_seq_id_1 
_pdbx_validate_symm_contact.PDB_ins_code_1 
_pdbx_validate_symm_contact.label_alt_id_1 
_pdbx_validate_symm_contact.site_symmetry_1 
_pdbx_validate_symm_contact.auth_atom_id_2 
_pdbx_validate_symm_contact.auth_asym_id_2 
_pdbx_validate_symm_contact.auth_comp_id_2 
_pdbx_validate_symm_contact.auth_seq_id_2 
_pdbx_validate_symm_contact.PDB_ins_code_2 
_pdbx_validate_symm_contact.label_alt_id_2 
_pdbx_validate_symm_contact.site_symmetry_2 
_pdbx_validate_symm_contact.dist 
1 1 O A HOH 112 ? ? 1_555 O A HOH 182 ? ? 3_654 2.14 
2 1 O A HOH 201 ? ? 1_555 O A HOH 204 ? ? 1_455 2.18 
# 
loop_
_pdbx_unobs_or_zero_occ_residues.id 
_pdbx_unobs_or_zero_occ_residues.PDB_model_num 
_pdbx_unobs_or_zero_occ_residues.polymer_flag 
_pdbx_unobs_or_zero_occ_residues.occupancy_flag 
_pdbx_unobs_or_zero_occ_residues.auth_asym_id 
_pdbx_unobs_or_zero_occ_residues.auth_comp_id 
_pdbx_unobs_or_zero_occ_residues.auth_seq_id 
_pdbx_unobs_or_zero_occ_residues.PDB_ins_code 
_pdbx_unobs_or_zero_occ_residues.label_asym_id 
_pdbx_unobs_or_zero_occ_residues.label_comp_id 
_pdbx_unobs_or_zero_occ_residues.label_seq_id 
1 1 Y 1 A GLY 1  ? A GLY 1  
2 1 Y 1 A SER 2  ? A SER 2  
3 1 Y 1 A HIS 3  ? A HIS 3  
4 1 Y 1 A MET 4  ? A MET 4  
5 1 Y 1 A PRO 55 ? A PRO 55 
# 
loop_
_chem_comp_atom.comp_id 
_chem_comp_atom.atom_id 
_chem_comp_atom.type_symbol 
_chem_comp_atom.pdbx_aromatic_flag 
_chem_comp_atom.pdbx_stereo_config 
_chem_comp_atom.pdbx_ordinal 
ALA N    N N N 1   
ALA CA   C N S 2   
ALA C    C N N 3   
ALA O    O N N 4   
ALA CB   C N N 5   
ALA OXT  O N N 6   
ALA H    H N N 7   
ALA H2   H N N 8   
ALA HA   H N N 9   
ALA HB1  H N N 10  
ALA HB2  H N N 11  
ALA HB3  H N N 12  
ALA HXT  H N N 13  
ARG N    N N N 14  
ARG CA   C N S 15  
ARG C    C N N 16  
ARG O    O N N 17  
ARG CB   C N N 18  
ARG CG   C N N 19  
ARG CD   C N N 20  
ARG NE   N N N 21  
ARG CZ   C N N 22  
ARG NH1  N N N 23  
ARG NH2  N N N 24  
ARG OXT  O N N 25  
ARG H    H N N 26  
ARG H2   H N N 27  
ARG HA   H N N 28  
ARG HB2  H N N 29  
ARG HB3  H N N 30  
ARG HG2  H N N 31  
ARG HG3  H N N 32  
ARG HD2  H N N 33  
ARG HD3  H N N 34  
ARG HE   H N N 35  
ARG HH11 H N N 36  
ARG HH12 H N N 37  
ARG HH21 H N N 38  
ARG HH22 H N N 39  
ARG HXT  H N N 40  
ASN N    N N N 41  
ASN CA   C N S 42  
ASN C    C N N 43  
ASN O    O N N 44  
ASN CB   C N N 45  
ASN CG   C N N 46  
ASN OD1  O N N 47  
ASN ND2  N N N 48  
ASN OXT  O N N 49  
ASN H    H N N 50  
ASN H2   H N N 51  
ASN HA   H N N 52  
ASN HB2  H N N 53  
ASN HB3  H N N 54  
ASN HD21 H N N 55  
ASN HD22 H N N 56  
ASN HXT  H N N 57  
ASP N    N N N 58  
ASP CA   C N S 59  
ASP C    C N N 60  
ASP O    O N N 61  
ASP CB   C N N 62  
ASP CG   C N N 63  
ASP OD1  O N N 64  
ASP OD2  O N N 65  
ASP OXT  O N N 66  
ASP H    H N N 67  
ASP H2   H N N 68  
ASP HA   H N N 69  
ASP HB2  H N N 70  
ASP HB3  H N N 71  
ASP HD2  H N N 72  
ASP HXT  H N N 73  
GLN N    N N N 74  
GLN CA   C N S 75  
GLN C    C N N 76  
GLN O    O N N 77  
GLN CB   C N N 78  
GLN CG   C N N 79  
GLN CD   C N N 80  
GLN OE1  O N N 81  
GLN NE2  N N N 82  
GLN OXT  O N N 83  
GLN H    H N N 84  
GLN H2   H N N 85  
GLN HA   H N N 86  
GLN HB2  H N N 87  
GLN HB3  H N N 88  
GLN HG2  H N N 89  
GLN HG3  H N N 90  
GLN HE21 H N N 91  
GLN HE22 H N N 92  
GLN HXT  H N N 93  
GLU N    N N N 94  
GLU CA   C N S 95  
GLU C    C N N 96  
GLU O    O N N 97  
GLU CB   C N N 98  
GLU CG   C N N 99  
GLU CD   C N N 100 
GLU OE1  O N N 101 
GLU OE2  O N N 102 
GLU OXT  O N N 103 
GLU H    H N N 104 
GLU H2   H N N 105 
GLU HA   H N N 106 
GLU HB2  H N N 107 
GLU HB3  H N N 108 
GLU HG2  H N N 109 
GLU HG3  H N N 110 
GLU HE2  H N N 111 
GLU HXT  H N N 112 
GLY N    N N N 113 
GLY CA   C N N 114 
GLY C    C N N 115 
GLY O    O N N 116 
GLY OXT  O N N 117 
GLY H    H N N 118 
GLY H2   H N N 119 
GLY HA2  H N N 120 
GLY HA3  H N N 121 
GLY HXT  H N N 122 
HIS N    N N N 123 
HIS CA   C N S 124 
HIS C    C N N 125 
HIS O    O N N 126 
HIS CB   C N N 127 
HIS CG   C Y N 128 
HIS ND1  N Y N 129 
HIS CD2  C Y N 130 
HIS CE1  C Y N 131 
HIS NE2  N Y N 132 
HIS OXT  O N N 133 
HIS H    H N N 134 
HIS H2   H N N 135 
HIS HA   H N N 136 
HIS HB2  H N N 137 
HIS HB3  H N N 138 
HIS HD1  H N N 139 
HIS HD2  H N N 140 
HIS HE1  H N N 141 
HIS HE2  H N N 142 
HIS HXT  H N N 143 
HOH O    O N N 144 
HOH H1   H N N 145 
HOH H2   H N N 146 
ILE N    N N N 147 
ILE CA   C N S 148 
ILE C    C N N 149 
ILE O    O N N 150 
ILE CB   C N S 151 
ILE CG1  C N N 152 
ILE CG2  C N N 153 
ILE CD1  C N N 154 
ILE OXT  O N N 155 
ILE H    H N N 156 
ILE H2   H N N 157 
ILE HA   H N N 158 
ILE HB   H N N 159 
ILE HG12 H N N 160 
ILE HG13 H N N 161 
ILE HG21 H N N 162 
ILE HG22 H N N 163 
ILE HG23 H N N 164 
ILE HD11 H N N 165 
ILE HD12 H N N 166 
ILE HD13 H N N 167 
ILE HXT  H N N 168 
LEU N    N N N 169 
LEU CA   C N S 170 
LEU C    C N N 171 
LEU O    O N N 172 
LEU CB   C N N 173 
LEU CG   C N N 174 
LEU CD1  C N N 175 
LEU CD2  C N N 176 
LEU OXT  O N N 177 
LEU H    H N N 178 
LEU H2   H N N 179 
LEU HA   H N N 180 
LEU HB2  H N N 181 
LEU HB3  H N N 182 
LEU HG   H N N 183 
LEU HD11 H N N 184 
LEU HD12 H N N 185 
LEU HD13 H N N 186 
LEU HD21 H N N 187 
LEU HD22 H N N 188 
LEU HD23 H N N 189 
LEU HXT  H N N 190 
LYS N    N N N 191 
LYS CA   C N S 192 
LYS C    C N N 193 
LYS O    O N N 194 
LYS CB   C N N 195 
LYS CG   C N N 196 
LYS CD   C N N 197 
LYS CE   C N N 198 
LYS NZ   N N N 199 
LYS OXT  O N N 200 
LYS H    H N N 201 
LYS H2   H N N 202 
LYS HA   H N N 203 
LYS HB2  H N N 204 
LYS HB3  H N N 205 
LYS HG2  H N N 206 
LYS HG3  H N N 207 
LYS HD2  H N N 208 
LYS HD3  H N N 209 
LYS HE2  H N N 210 
LYS HE3  H N N 211 
LYS HZ1  H N N 212 
LYS HZ2  H N N 213 
LYS HZ3  H N N 214 
LYS HXT  H N N 215 
MET N    N N N 216 
MET CA   C N S 217 
MET C    C N N 218 
MET O    O N N 219 
MET CB   C N N 220 
MET CG   C N N 221 
MET SD   S N N 222 
MET CE   C N N 223 
MET OXT  O N N 224 
MET H    H N N 225 
MET H2   H N N 226 
MET HA   H N N 227 
MET HB2  H N N 228 
MET HB3  H N N 229 
MET HG2  H N N 230 
MET HG3  H N N 231 
MET HE1  H N N 232 
MET HE2  H N N 233 
MET HE3  H N N 234 
MET HXT  H N N 235 
PHE N    N N N 236 
PHE CA   C N S 237 
PHE C    C N N 238 
PHE O    O N N 239 
PHE CB   C N N 240 
PHE CG   C Y N 241 
PHE CD1  C Y N 242 
PHE CD2  C Y N 243 
PHE CE1  C Y N 244 
PHE CE2  C Y N 245 
PHE CZ   C Y N 246 
PHE OXT  O N N 247 
PHE H    H N N 248 
PHE H2   H N N 249 
PHE HA   H N N 250 
PHE HB2  H N N 251 
PHE HB3  H N N 252 
PHE HD1  H N N 253 
PHE HD2  H N N 254 
PHE HE1  H N N 255 
PHE HE2  H N N 256 
PHE HZ   H N N 257 
PHE HXT  H N N 258 
PRO N    N N N 259 
PRO CA   C N S 260 
PRO C    C N N 261 
PRO O    O N N 262 
PRO CB   C N N 263 
PRO CG   C N N 264 
PRO CD   C N N 265 
PRO OXT  O N N 266 
PRO H    H N N 267 
PRO HA   H N N 268 
PRO HB2  H N N 269 
PRO HB3  H N N 270 
PRO HG2  H N N 271 
PRO HG3  H N N 272 
PRO HD2  H N N 273 
PRO HD3  H N N 274 
PRO HXT  H N N 275 
SER N    N N N 276 
SER CA   C N S 277 
SER C    C N N 278 
SER O    O N N 279 
SER CB   C N N 280 
SER OG   O N N 281 
SER OXT  O N N 282 
SER H    H N N 283 
SER H2   H N N 284 
SER HA   H N N 285 
SER HB2  H N N 286 
SER HB3  H N N 287 
SER HG   H N N 288 
SER HXT  H N N 289 
THR N    N N N 290 
THR CA   C N S 291 
THR C    C N N 292 
THR O    O N N 293 
THR CB   C N R 294 
THR OG1  O N N 295 
THR CG2  C N N 296 
THR OXT  O N N 297 
THR H    H N N 298 
THR H2   H N N 299 
THR HA   H N N 300 
THR HB   H N N 301 
THR HG1  H N N 302 
THR HG21 H N N 303 
THR HG22 H N N 304 
THR HG23 H N N 305 
THR HXT  H N N 306 
TRP N    N N N 307 
TRP CA   C N S 308 
TRP C    C N N 309 
TRP O    O N N 310 
TRP CB   C N N 311 
TRP CG   C Y N 312 
TRP CD1  C Y N 313 
TRP CD2  C Y N 314 
TRP NE1  N Y N 315 
TRP CE2  C Y N 316 
TRP CE3  C Y N 317 
TRP CZ2  C Y N 318 
TRP CZ3  C Y N 319 
TRP CH2  C Y N 320 
TRP OXT  O N N 321 
TRP H    H N N 322 
TRP H2   H N N 323 
TRP HA   H N N 324 
TRP HB2  H N N 325 
TRP HB3  H N N 326 
TRP HD1  H N N 327 
TRP HE1  H N N 328 
TRP HE3  H N N 329 
TRP HZ2  H N N 330 
TRP HZ3  H N N 331 
TRP HH2  H N N 332 
TRP HXT  H N N 333 
VAL N    N N N 334 
VAL CA   C N S 335 
VAL C    C N N 336 
VAL O    O N N 337 
VAL CB   C N N 338 
VAL CG1  C N N 339 
VAL CG2  C N N 340 
VAL OXT  O N N 341 
VAL H    H N N 342 
VAL H2   H N N 343 
VAL HA   H N N 344 
VAL HB   H N N 345 
VAL HG11 H N N 346 
VAL HG12 H N N 347 
VAL HG13 H N N 348 
VAL HG21 H N N 349 
VAL HG22 H N N 350 
VAL HG23 H N N 351 
VAL HXT  H N N 352 
# 
loop_
_chem_comp_bond.comp_id 
_chem_comp_bond.atom_id_1 
_chem_comp_bond.atom_id_2 
_chem_comp_bond.value_order 
_chem_comp_bond.pdbx_aromatic_flag 
_chem_comp_bond.pdbx_stereo_config 
_chem_comp_bond.pdbx_ordinal 
ALA N   CA   sing N N 1   
ALA N   H    sing N N 2   
ALA N   H2   sing N N 3   
ALA CA  C    sing N N 4   
ALA CA  CB   sing N N 5   
ALA CA  HA   sing N N 6   
ALA C   O    doub N N 7   
ALA C   OXT  sing N N 8   
ALA CB  HB1  sing N N 9   
ALA CB  HB2  sing N N 10  
ALA CB  HB3  sing N N 11  
ALA OXT HXT  sing N N 12  
ARG N   CA   sing N N 13  
ARG N   H    sing N N 14  
ARG N   H2   sing N N 15  
ARG CA  C    sing N N 16  
ARG CA  CB   sing N N 17  
ARG CA  HA   sing N N 18  
ARG C   O    doub N N 19  
ARG C   OXT  sing N N 20  
ARG CB  CG   sing N N 21  
ARG CB  HB2  sing N N 22  
ARG CB  HB3  sing N N 23  
ARG CG  CD   sing N N 24  
ARG CG  HG2  sing N N 25  
ARG CG  HG3  sing N N 26  
ARG CD  NE   sing N N 27  
ARG CD  HD2  sing N N 28  
ARG CD  HD3  sing N N 29  
ARG NE  CZ   sing N N 30  
ARG NE  HE   sing N N 31  
ARG CZ  NH1  sing N N 32  
ARG CZ  NH2  doub N N 33  
ARG NH1 HH11 sing N N 34  
ARG NH1 HH12 sing N N 35  
ARG NH2 HH21 sing N N 36  
ARG NH2 HH22 sing N N 37  
ARG OXT HXT  sing N N 38  
ASN N   CA   sing N N 39  
ASN N   H    sing N N 40  
ASN N   H2   sing N N 41  
ASN CA  C    sing N N 42  
ASN CA  CB   sing N N 43  
ASN CA  HA   sing N N 44  
ASN C   O    doub N N 45  
ASN C   OXT  sing N N 46  
ASN CB  CG   sing N N 47  
ASN CB  HB2  sing N N 48  
ASN CB  HB3  sing N N 49  
ASN CG  OD1  doub N N 50  
ASN CG  ND2  sing N N 51  
ASN ND2 HD21 sing N N 52  
ASN ND2 HD22 sing N N 53  
ASN OXT HXT  sing N N 54  
ASP N   CA   sing N N 55  
ASP N   H    sing N N 56  
ASP N   H2   sing N N 57  
ASP CA  C    sing N N 58  
ASP CA  CB   sing N N 59  
ASP CA  HA   sing N N 60  
ASP C   O    doub N N 61  
ASP C   OXT  sing N N 62  
ASP CB  CG   sing N N 63  
ASP CB  HB2  sing N N 64  
ASP CB  HB3  sing N N 65  
ASP CG  OD1  doub N N 66  
ASP CG  OD2  sing N N 67  
ASP OD2 HD2  sing N N 68  
ASP OXT HXT  sing N N 69  
GLN N   CA   sing N N 70  
GLN N   H    sing N N 71  
GLN N   H2   sing N N 72  
GLN CA  C    sing N N 73  
GLN CA  CB   sing N N 74  
GLN CA  HA   sing N N 75  
GLN C   O    doub N N 76  
GLN C   OXT  sing N N 77  
GLN CB  CG   sing N N 78  
GLN CB  HB2  sing N N 79  
GLN CB  HB3  sing N N 80  
GLN CG  CD   sing N N 81  
GLN CG  HG2  sing N N 82  
GLN CG  HG3  sing N N 83  
GLN CD  OE1  doub N N 84  
GLN CD  NE2  sing N N 85  
GLN NE2 HE21 sing N N 86  
GLN NE2 HE22 sing N N 87  
GLN OXT HXT  sing N N 88  
GLU N   CA   sing N N 89  
GLU N   H    sing N N 90  
GLU N   H2   sing N N 91  
GLU CA  C    sing N N 92  
GLU CA  CB   sing N N 93  
GLU CA  HA   sing N N 94  
GLU C   O    doub N N 95  
GLU C   OXT  sing N N 96  
GLU CB  CG   sing N N 97  
GLU CB  HB2  sing N N 98  
GLU CB  HB3  sing N N 99  
GLU CG  CD   sing N N 100 
GLU CG  HG2  sing N N 101 
GLU CG  HG3  sing N N 102 
GLU CD  OE1  doub N N 103 
GLU CD  OE2  sing N N 104 
GLU OE2 HE2  sing N N 105 
GLU OXT HXT  sing N N 106 
GLY N   CA   sing N N 107 
GLY N   H    sing N N 108 
GLY N   H2   sing N N 109 
GLY CA  C    sing N N 110 
GLY CA  HA2  sing N N 111 
GLY CA  HA3  sing N N 112 
GLY C   O    doub N N 113 
GLY C   OXT  sing N N 114 
GLY OXT HXT  sing N N 115 
HIS N   CA   sing N N 116 
HIS N   H    sing N N 117 
HIS N   H2   sing N N 118 
HIS CA  C    sing N N 119 
HIS CA  CB   sing N N 120 
HIS CA  HA   sing N N 121 
HIS C   O    doub N N 122 
HIS C   OXT  sing N N 123 
HIS CB  CG   sing N N 124 
HIS CB  HB2  sing N N 125 
HIS CB  HB3  sing N N 126 
HIS CG  ND1  sing Y N 127 
HIS CG  CD2  doub Y N 128 
HIS ND1 CE1  doub Y N 129 
HIS ND1 HD1  sing N N 130 
HIS CD2 NE2  sing Y N 131 
HIS CD2 HD2  sing N N 132 
HIS CE1 NE2  sing Y N 133 
HIS CE1 HE1  sing N N 134 
HIS NE2 HE2  sing N N 135 
HIS OXT HXT  sing N N 136 
HOH O   H1   sing N N 137 
HOH O   H2   sing N N 138 
ILE N   CA   sing N N 139 
ILE N   H    sing N N 140 
ILE N   H2   sing N N 141 
ILE CA  C    sing N N 142 
ILE CA  CB   sing N N 143 
ILE CA  HA   sing N N 144 
ILE C   O    doub N N 145 
ILE C   OXT  sing N N 146 
ILE CB  CG1  sing N N 147 
ILE CB  CG2  sing N N 148 
ILE CB  HB   sing N N 149 
ILE CG1 CD1  sing N N 150 
ILE CG1 HG12 sing N N 151 
ILE CG1 HG13 sing N N 152 
ILE CG2 HG21 sing N N 153 
ILE CG2 HG22 sing N N 154 
ILE CG2 HG23 sing N N 155 
ILE CD1 HD11 sing N N 156 
ILE CD1 HD12 sing N N 157 
ILE CD1 HD13 sing N N 158 
ILE OXT HXT  sing N N 159 
LEU N   CA   sing N N 160 
LEU N   H    sing N N 161 
LEU N   H2   sing N N 162 
LEU CA  C    sing N N 163 
LEU CA  CB   sing N N 164 
LEU CA  HA   sing N N 165 
LEU C   O    doub N N 166 
LEU C   OXT  sing N N 167 
LEU CB  CG   sing N N 168 
LEU CB  HB2  sing N N 169 
LEU CB  HB3  sing N N 170 
LEU CG  CD1  sing N N 171 
LEU CG  CD2  sing N N 172 
LEU CG  HG   sing N N 173 
LEU CD1 HD11 sing N N 174 
LEU CD1 HD12 sing N N 175 
LEU CD1 HD13 sing N N 176 
LEU CD2 HD21 sing N N 177 
LEU CD2 HD22 sing N N 178 
LEU CD2 HD23 sing N N 179 
LEU OXT HXT  sing N N 180 
LYS N   CA   sing N N 181 
LYS N   H    sing N N 182 
LYS N   H2   sing N N 183 
LYS CA  C    sing N N 184 
LYS CA  CB   sing N N 185 
LYS CA  HA   sing N N 186 
LYS C   O    doub N N 187 
LYS C   OXT  sing N N 188 
LYS CB  CG   sing N N 189 
LYS CB  HB2  sing N N 190 
LYS CB  HB3  sing N N 191 
LYS CG  CD   sing N N 192 
LYS CG  HG2  sing N N 193 
LYS CG  HG3  sing N N 194 
LYS CD  CE   sing N N 195 
LYS CD  HD2  sing N N 196 
LYS CD  HD3  sing N N 197 
LYS CE  NZ   sing N N 198 
LYS CE  HE2  sing N N 199 
LYS CE  HE3  sing N N 200 
LYS NZ  HZ1  sing N N 201 
LYS NZ  HZ2  sing N N 202 
LYS NZ  HZ3  sing N N 203 
LYS OXT HXT  sing N N 204 
MET N   CA   sing N N 205 
MET N   H    sing N N 206 
MET N   H2   sing N N 207 
MET CA  C    sing N N 208 
MET CA  CB   sing N N 209 
MET CA  HA   sing N N 210 
MET C   O    doub N N 211 
MET C   OXT  sing N N 212 
MET CB  CG   sing N N 213 
MET CB  HB2  sing N N 214 
MET CB  HB3  sing N N 215 
MET CG  SD   sing N N 216 
MET CG  HG2  sing N N 217 
MET CG  HG3  sing N N 218 
MET SD  CE   sing N N 219 
MET CE  HE1  sing N N 220 
MET CE  HE2  sing N N 221 
MET CE  HE3  sing N N 222 
MET OXT HXT  sing N N 223 
PHE N   CA   sing N N 224 
PHE N   H    sing N N 225 
PHE N   H2   sing N N 226 
PHE CA  C    sing N N 227 
PHE CA  CB   sing N N 228 
PHE CA  HA   sing N N 229 
PHE C   O    doub N N 230 
PHE C   OXT  sing N N 231 
PHE CB  CG   sing N N 232 
PHE CB  HB2  sing N N 233 
PHE CB  HB3  sing N N 234 
PHE CG  CD1  doub Y N 235 
PHE CG  CD2  sing Y N 236 
PHE CD1 CE1  sing Y N 237 
PHE CD1 HD1  sing N N 238 
PHE CD2 CE2  doub Y N 239 
PHE CD2 HD2  sing N N 240 
PHE CE1 CZ   doub Y N 241 
PHE CE1 HE1  sing N N 242 
PHE CE2 CZ   sing Y N 243 
PHE CE2 HE2  sing N N 244 
PHE CZ  HZ   sing N N 245 
PHE OXT HXT  sing N N 246 
PRO N   CA   sing N N 247 
PRO N   CD   sing N N 248 
PRO N   H    sing N N 249 
PRO CA  C    sing N N 250 
PRO CA  CB   sing N N 251 
PRO CA  HA   sing N N 252 
PRO C   O    doub N N 253 
PRO C   OXT  sing N N 254 
PRO CB  CG   sing N N 255 
PRO CB  HB2  sing N N 256 
PRO CB  HB3  sing N N 257 
PRO CG  CD   sing N N 258 
PRO CG  HG2  sing N N 259 
PRO CG  HG3  sing N N 260 
PRO CD  HD2  sing N N 261 
PRO CD  HD3  sing N N 262 
PRO OXT HXT  sing N N 263 
SER N   CA   sing N N 264 
SER N   H    sing N N 265 
SER N   H2   sing N N 266 
SER CA  C    sing N N 267 
SER CA  CB   sing N N 268 
SER CA  HA   sing N N 269 
SER C   O    doub N N 270 
SER C   OXT  sing N N 271 
SER CB  OG   sing N N 272 
SER CB  HB2  sing N N 273 
SER CB  HB3  sing N N 274 
SER OG  HG   sing N N 275 
SER OXT HXT  sing N N 276 
THR N   CA   sing N N 277 
THR N   H    sing N N 278 
THR N   H2   sing N N 279 
THR CA  C    sing N N 280 
THR CA  CB   sing N N 281 
THR CA  HA   sing N N 282 
THR C   O    doub N N 283 
THR C   OXT  sing N N 284 
THR CB  OG1  sing N N 285 
THR CB  CG2  sing N N 286 
THR CB  HB   sing N N 287 
THR OG1 HG1  sing N N 288 
THR CG2 HG21 sing N N 289 
THR CG2 HG22 sing N N 290 
THR CG2 HG23 sing N N 291 
THR OXT HXT  sing N N 292 
TRP N   CA   sing N N 293 
TRP N   H    sing N N 294 
TRP N   H2   sing N N 295 
TRP CA  C    sing N N 296 
TRP CA  CB   sing N N 297 
TRP CA  HA   sing N N 298 
TRP C   O    doub N N 299 
TRP C   OXT  sing N N 300 
TRP CB  CG   sing N N 301 
TRP CB  HB2  sing N N 302 
TRP CB  HB3  sing N N 303 
TRP CG  CD1  doub Y N 304 
TRP CG  CD2  sing Y N 305 
TRP CD1 NE1  sing Y N 306 
TRP CD1 HD1  sing N N 307 
TRP CD2 CE2  doub Y N 308 
TRP CD2 CE3  sing Y N 309 
TRP NE1 CE2  sing Y N 310 
TRP NE1 HE1  sing N N 311 
TRP CE2 CZ2  sing Y N 312 
TRP CE3 CZ3  doub Y N 313 
TRP CE3 HE3  sing N N 314 
TRP CZ2 CH2  doub Y N 315 
TRP CZ2 HZ2  sing N N 316 
TRP CZ3 CH2  sing Y N 317 
TRP CZ3 HZ3  sing N N 318 
TRP CH2 HH2  sing N N 319 
TRP OXT HXT  sing N N 320 
VAL N   CA   sing N N 321 
VAL N   H    sing N N 322 
VAL N   H2   sing N N 323 
VAL CA  C    sing N N 324 
VAL CA  CB   sing N N 325 
VAL CA  HA   sing N N 326 
VAL C   O    doub N N 327 
VAL C   OXT  sing N N 328 
VAL CB  CG1  sing N N 329 
VAL CB  CG2  sing N N 330 
VAL CB  HB   sing N N 331 
VAL CG1 HG11 sing N N 332 
VAL CG1 HG12 sing N N 333 
VAL CG1 HG13 sing N N 334 
VAL CG2 HG21 sing N N 335 
VAL CG2 HG22 sing N N 336 
VAL CG2 HG23 sing N N 337 
VAL OXT HXT  sing N N 338 
# 
loop_
_pdbx_audit_support.funding_organization 
_pdbx_audit_support.country 
_pdbx_audit_support.grant_number 
_pdbx_audit_support.ordinal 
'National Natural Science Foundation of China' China 81770142 1 
'National Natural Science Foundation of China' China 81370620 2 
'National Natural Science Foundation of China' China 81570120 3 
# 
_pdbx_entity_nonpoly.entity_id   2 
_pdbx_entity_nonpoly.name        water 
_pdbx_entity_nonpoly.comp_id     HOH 
# 
_pdbx_initial_refinement_model.id               1 
_pdbx_initial_refinement_model.entity_id_list   ? 
_pdbx_initial_refinement_model.type             'experimental model' 
_pdbx_initial_refinement_model.source_name      PDB 
_pdbx_initial_refinement_model.accession_code   3A02 
_pdbx_initial_refinement_model.details          ? 
# 
_pdbx_struct_assembly_auth_evidence.id                     1 
_pdbx_struct_assembly_auth_evidence.assembly_id            1 
_pdbx_struct_assembly_auth_evidence.experimental_support   none 
_pdbx_struct_assembly_auth_evidence.details                ? 
# 
